data_2RHB
#
_entry.id   2RHB
#
_cell.length_a   305.757
_cell.length_b   305.757
_cell.length_c   88.740
_cell.angle_alpha   90.00
_cell.angle_beta   90.00
_cell.angle_gamma   120.00
#
_symmetry.space_group_name_H-M   'H 3'
#
loop_
_entity.id
_entity.type
_entity.pdbx_description
1 polymer 'Uridylate-specific endoribonuclease'
2 water water
#
_entity_poly.entity_id   1
_entity_poly.type   'polypeptide(L)'
_entity_poly.pdbx_seq_one_letter_code
;HHHHHHMSLENVAYNVVNKGHFDGHAGEAPVSIINNAVYTKVDGIDVEIFENKTTLPVNVAFELWAKRNIKPVPEIKILN
NLGVDIAANTVIWDYKREAPAHVSTIGVCTMTDIAKKPTESACSSLTVLFDGRVEGQVDLFRNARNGVLITEGSVKGLTP
SKGPAQASVNGVTLIGESVKTQFNYFKKVDGIIQQLPETYFTQSRDLEDFKPRSQMETDFLELAMDEFIQRYKLEGYAFE
AIVYGDFSHGQLGGLHLMIGLAKRSQDSPLKLEDFIPMDSTVKNYFITDAQTGSSKCVCSVIDLLLDDFVEIIKSQDLSV
ISKVVKVTIDYAEISFMLWCKDGHVETFYPKLQ
;
_entity_poly.pdbx_strand_id   A,B,C,D,E,F
#
# COMPACT_ATOMS: atom_id res chain seq x y z
N MET A 7 -11.35 -2.45 -24.42
CA MET A 7 -10.56 -3.63 -24.87
C MET A 7 -9.19 -3.69 -24.18
N SER A 8 -8.78 -2.60 -23.55
CA SER A 8 -7.50 -2.55 -22.81
C SER A 8 -7.24 -1.26 -22.03
N LEU A 9 -6.42 -1.38 -20.98
CA LEU A 9 -6.01 -0.27 -20.14
C LEU A 9 -5.51 0.91 -20.97
N GLU A 10 -4.49 0.66 -21.79
CA GLU A 10 -3.86 1.70 -22.60
C GLU A 10 -4.85 2.33 -23.59
N ASN A 11 -5.86 1.56 -23.99
CA ASN A 11 -6.92 2.07 -24.85
C ASN A 11 -7.88 2.99 -24.08
N VAL A 12 -8.36 2.51 -22.93
CA VAL A 12 -9.18 3.31 -22.01
C VAL A 12 -8.48 4.64 -21.71
N ALA A 13 -7.19 4.56 -21.37
CA ALA A 13 -6.39 5.75 -21.12
C ALA A 13 -6.41 6.73 -22.29
N TYR A 14 -6.14 6.23 -23.50
CA TYR A 14 -6.14 7.04 -24.71
C TYR A 14 -7.45 7.82 -24.84
N ASN A 15 -8.56 7.10 -24.76
CA ASN A 15 -9.90 7.69 -24.79
C ASN A 15 -10.07 8.78 -23.72
N VAL A 16 -9.64 8.48 -22.50
CA VAL A 16 -9.78 9.40 -21.37
C VAL A 16 -9.06 10.72 -21.65
N VAL A 17 -7.81 10.65 -22.08
CA VAL A 17 -7.01 11.86 -22.29
C VAL A 17 -7.38 12.62 -23.58
N ASN A 18 -7.83 11.89 -24.59
CA ASN A 18 -8.09 12.49 -25.91
C ASN A 18 -9.55 12.81 -26.20
N LYS A 19 -10.47 12.16 -25.49
CA LYS A 19 -11.89 12.41 -25.68
C LYS A 19 -12.66 12.63 -24.37
N GLY A 20 -11.92 12.73 -23.27
CA GLY A 20 -12.50 13.09 -21.97
C GLY A 20 -13.15 11.94 -21.22
N HIS A 21 -13.34 10.82 -21.92
CA HIS A 21 -13.96 9.62 -21.39
C HIS A 21 -13.86 8.53 -22.46
N PHE A 22 -14.41 7.35 -22.18
CA PHE A 22 -14.38 6.29 -23.18
C PHE A 22 -15.38 6.54 -24.32
N ASP A 23 -14.82 6.59 -25.53
CA ASP A 23 -15.55 7.00 -26.72
C ASP A 23 -15.69 5.85 -27.72
N GLY A 24 -15.00 4.75 -27.46
CA GLY A 24 -14.91 3.64 -28.40
C GLY A 24 -13.92 3.94 -29.51
N HIS A 25 -13.02 4.89 -29.25
CA HIS A 25 -11.97 5.25 -30.21
C HIS A 25 -10.79 4.30 -30.10
N ALA A 26 -10.17 4.02 -31.25
CA ALA A 26 -8.96 3.22 -31.30
C ALA A 26 -7.77 4.10 -30.93
N GLY A 27 -6.75 3.50 -30.31
CA GLY A 27 -5.57 4.22 -29.90
C GLY A 27 -5.09 3.82 -28.52
N GLU A 28 -3.86 4.21 -28.19
CA GLU A 28 -3.22 3.80 -26.93
C GLU A 28 -2.24 4.84 -26.39
N ALA A 29 -2.30 5.05 -25.09
CA ALA A 29 -1.39 5.95 -24.38
C ALA A 29 -0.67 5.18 -23.29
N PRO A 30 0.65 5.45 -23.10
CA PRO A 30 1.41 4.78 -22.05
C PRO A 30 0.84 5.11 -20.67
N VAL A 31 0.79 4.12 -19.78
CA VAL A 31 0.11 4.27 -18.49
C VAL A 31 0.94 3.72 -17.34
N SER A 32 0.93 4.46 -16.23
CA SER A 32 1.71 4.11 -15.06
C SER A 32 0.78 3.87 -13.87
N ILE A 33 0.79 2.66 -13.32
CA ILE A 33 -0.05 2.35 -12.16
C ILE A 33 0.74 2.31 -10.85
N ILE A 34 0.35 3.18 -9.93
CA ILE A 34 1.02 3.31 -8.63
C ILE A 34 0.10 4.05 -7.65
N ASN A 35 0.24 3.73 -6.36
CA ASN A 35 -0.52 4.38 -5.29
C ASN A 35 -2.03 4.38 -5.53
N ASN A 36 -2.55 3.26 -6.04
CA ASN A 36 -3.98 3.09 -6.35
C ASN A 36 -4.49 4.18 -7.30
N ALA A 37 -3.64 4.58 -8.24
CA ALA A 37 -3.97 5.63 -9.19
C ALA A 37 -3.48 5.28 -10.60
N VAL A 38 -3.99 6.02 -11.60
CA VAL A 38 -3.56 5.88 -12.98
C VAL A 38 -2.85 7.18 -13.39
N TYR A 39 -1.66 7.04 -13.97
CA TYR A 39 -0.91 8.18 -14.53
C TYR A 39 -0.60 7.92 -16.00
N THR A 40 -0.55 8.99 -16.78
CA THR A 40 -0.11 8.90 -18.17
C THR A 40 1.02 9.89 -18.39
N LYS A 41 1.92 9.57 -19.31
CA LYS A 41 3.05 10.44 -19.59
C LYS A 41 2.67 11.48 -20.64
N VAL A 42 2.77 12.75 -20.26
CA VAL A 42 2.69 13.85 -21.20
C VAL A 42 3.92 14.72 -20.97
N ASP A 43 4.55 15.19 -22.05
CA ASP A 43 5.83 15.91 -21.98
C ASP A 43 6.86 15.23 -21.07
N GLY A 44 6.94 13.90 -21.15
CA GLY A 44 7.91 13.13 -20.37
C GLY A 44 7.72 13.08 -18.86
N ILE A 45 6.64 13.65 -18.33
CA ILE A 45 6.31 13.54 -16.90
C ILE A 45 4.90 12.98 -16.66
N ASP A 46 4.72 12.36 -15.50
CA ASP A 46 3.46 11.69 -15.16
C ASP A 46 2.42 12.65 -14.58
N VAL A 47 1.27 12.69 -15.25
CA VAL A 47 0.13 13.45 -14.77
C VAL A 47 -0.99 12.48 -14.41
N GLU A 48 -1.45 12.54 -13.16
CA GLU A 48 -2.49 11.64 -12.67
C GLU A 48 -3.83 11.88 -13.38
N ILE A 49 -4.42 10.81 -13.89
CA ILE A 49 -5.72 10.91 -14.58
C ILE A 49 -6.86 10.15 -13.90
N PHE A 50 -6.55 9.41 -12.85
CA PHE A 50 -7.58 8.70 -12.09
C PHE A 50 -7.14 8.32 -10.69
N GLU A 51 -7.88 8.78 -9.69
CA GLU A 51 -7.66 8.35 -8.32
C GLU A 51 -8.71 7.30 -7.99
N ASN A 52 -8.27 6.11 -7.61
CA ASN A 52 -9.19 5.04 -7.26
C ASN A 52 -9.69 5.17 -5.83
N LYS A 53 -10.98 5.42 -5.69
CA LYS A 53 -11.62 5.52 -4.39
C LYS A 53 -12.64 4.39 -4.21
N THR A 54 -12.48 3.32 -5.00
CA THR A 54 -13.37 2.16 -4.96
C THR A 54 -12.69 0.96 -4.30
N THR A 55 -13.46 -0.11 -4.08
CA THR A 55 -12.91 -1.35 -3.54
C THR A 55 -12.47 -2.30 -4.66
N LEU A 56 -12.84 -1.98 -5.89
CA LEU A 56 -12.42 -2.76 -7.05
C LEU A 56 -10.96 -2.45 -7.39
N PRO A 57 -10.22 -3.45 -7.90
CA PRO A 57 -8.83 -3.20 -8.31
C PRO A 57 -8.69 -1.95 -9.16
N VAL A 58 -7.58 -1.25 -8.99
CA VAL A 58 -7.37 0.07 -9.60
C VAL A 58 -7.74 0.17 -11.09
N ASN A 59 -7.20 -0.74 -11.89
CA ASN A 59 -7.39 -0.71 -13.35
C ASN A 59 -8.83 -0.93 -13.78
N VAL A 60 -9.54 -1.78 -13.05
CA VAL A 60 -10.96 -2.06 -13.29
C VAL A 60 -11.83 -0.83 -13.04
N ALA A 61 -11.57 -0.15 -11.93
CA ALA A 61 -12.31 1.06 -11.56
C ALA A 61 -12.16 2.14 -12.63
N PHE A 62 -10.92 2.31 -13.12
CA PHE A 62 -10.60 3.19 -14.24
C PHE A 62 -11.48 2.89 -15.46
N GLU A 63 -11.53 1.62 -15.87
CA GLU A 63 -12.39 1.18 -16.97
C GLU A 63 -13.84 1.63 -16.77
N LEU A 64 -14.43 1.24 -15.64
CA LEU A 64 -15.84 1.49 -15.34
C LEU A 64 -16.16 2.97 -15.18
N TRP A 65 -15.20 3.71 -14.61
CA TRP A 65 -15.34 5.15 -14.49
C TRP A 65 -15.40 5.82 -15.87
N ALA A 66 -14.48 5.44 -16.75
CA ALA A 66 -14.42 6.00 -18.09
C ALA A 66 -15.69 5.72 -18.88
N LYS A 67 -16.24 4.52 -18.68
CA LYS A 67 -17.46 4.10 -19.36
C LYS A 67 -18.70 4.60 -18.64
N ARG A 68 -18.49 5.50 -17.68
CA ARG A 68 -19.58 6.17 -16.98
C ARG A 68 -20.51 6.89 -17.96
N ASN A 69 -21.81 6.60 -17.84
CA ASN A 69 -22.85 7.18 -18.68
C ASN A 69 -22.88 8.68 -18.53
N ILE A 70 -22.76 9.39 -19.64
CA ILE A 70 -22.67 10.85 -19.62
C ILE A 70 -23.96 11.58 -20.06
N LYS A 71 -25.04 10.82 -20.21
CA LYS A 71 -26.35 11.40 -20.49
C LYS A 71 -27.06 11.63 -19.16
N PRO A 72 -28.13 12.45 -19.15
CA PRO A 72 -28.94 12.50 -17.94
C PRO A 72 -29.37 11.09 -17.51
N VAL A 73 -29.01 10.72 -16.29
CA VAL A 73 -29.43 9.45 -15.70
C VAL A 73 -30.11 9.72 -14.37
N PRO A 74 -31.01 8.83 -13.93
CA PRO A 74 -31.68 9.05 -12.64
C PRO A 74 -30.70 9.11 -11.49
N GLU A 75 -31.06 9.86 -10.45
CA GLU A 75 -30.26 9.91 -9.24
C GLU A 75 -30.29 8.55 -8.57
N ILE A 76 -29.13 8.12 -8.07
CA ILE A 76 -28.94 6.76 -7.59
C ILE A 76 -29.93 6.32 -6.48
N LYS A 77 -30.40 7.29 -5.70
CA LYS A 77 -31.40 7.03 -4.66
C LYS A 77 -32.73 6.51 -5.24
N ILE A 78 -33.06 6.96 -6.45
CA ILE A 78 -34.31 6.55 -7.10
C ILE A 78 -34.20 5.10 -7.57
N LEU A 79 -33.06 4.77 -8.16
CA LEU A 79 -32.80 3.41 -8.61
C LEU A 79 -32.80 2.44 -7.43
N ASN A 80 -32.16 2.85 -6.33
CA ASN A 80 -32.14 2.07 -5.09
C ASN A 80 -33.53 1.78 -4.53
N ASN A 81 -34.32 2.83 -4.38
CA ASN A 81 -35.70 2.69 -3.89
C ASN A 81 -36.54 1.79 -4.77
N LEU A 82 -36.09 1.64 -6.02
CA LEU A 82 -36.82 0.94 -7.06
C LEU A 82 -36.34 -0.50 -7.23
N GLY A 83 -35.29 -0.86 -6.48
CA GLY A 83 -34.77 -2.22 -6.47
C GLY A 83 -33.85 -2.55 -7.64
N VAL A 84 -33.38 -1.51 -8.34
CA VAL A 84 -32.49 -1.66 -9.48
C VAL A 84 -31.17 -2.30 -9.07
N ASP A 85 -30.99 -3.57 -9.42
CA ASP A 85 -29.81 -4.35 -9.02
C ASP A 85 -28.63 -4.18 -9.98
N ILE A 86 -28.92 -3.84 -11.24
CA ILE A 86 -27.89 -3.74 -12.29
C ILE A 86 -28.38 -2.90 -13.47
N ALA A 87 -27.46 -2.50 -14.35
CA ALA A 87 -27.80 -1.67 -15.52
C ALA A 87 -27.40 -2.33 -16.85
N ALA A 88 -28.26 -2.14 -17.86
CA ALA A 88 -28.07 -2.77 -19.17
C ALA A 88 -27.10 -2.00 -20.08
N ASN A 89 -25.93 -2.59 -20.31
CA ASN A 89 -24.92 -2.10 -21.24
C ASN A 89 -24.41 -0.68 -21.01
N THR A 90 -24.33 -0.29 -19.75
CA THR A 90 -23.78 1.01 -19.33
C THR A 90 -23.39 0.96 -17.86
N VAL A 91 -22.65 1.97 -17.41
CA VAL A 91 -22.28 2.11 -16.00
C VAL A 91 -22.90 3.39 -15.46
N ILE A 92 -23.70 3.25 -14.40
CA ILE A 92 -24.22 4.40 -13.67
C ILE A 92 -23.24 4.70 -12.54
N TRP A 93 -22.51 5.80 -12.69
CA TRP A 93 -21.46 6.16 -11.75
C TRP A 93 -21.99 6.99 -10.58
N ASP A 94 -21.56 6.61 -9.38
CA ASP A 94 -21.97 7.28 -8.14
C ASP A 94 -20.97 8.37 -7.79
N TYR A 95 -21.33 9.62 -8.08
CA TYR A 95 -20.44 10.77 -7.91
C TYR A 95 -20.18 11.17 -6.46
N LYS A 96 -21.07 10.76 -5.56
CA LYS A 96 -20.92 11.05 -4.13
C LYS A 96 -19.96 10.08 -3.41
N ARG A 97 -19.87 8.84 -3.93
CA ARG A 97 -18.94 7.85 -3.41
C ARG A 97 -17.70 7.72 -4.29
N GLU A 98 -17.85 8.17 -5.54
CA GLU A 98 -16.83 8.03 -6.60
C GLU A 98 -16.61 6.55 -6.92
N ALA A 99 -17.71 5.83 -7.14
CA ALA A 99 -17.70 4.39 -7.43
C ALA A 99 -18.93 4.02 -8.26
N PRO A 100 -18.95 2.81 -8.88
CA PRO A 100 -20.14 2.41 -9.62
C PRO A 100 -21.32 2.19 -8.69
N ALA A 101 -22.54 2.48 -9.16
CA ALA A 101 -23.75 2.32 -8.36
C ALA A 101 -24.03 0.86 -8.07
N HIS A 102 -23.50 -0.02 -8.93
CA HIS A 102 -23.81 -1.44 -8.87
C HIS A 102 -22.55 -2.30 -8.94
N VAL A 103 -22.64 -3.50 -8.36
CA VAL A 103 -21.48 -4.39 -8.19
C VAL A 103 -20.98 -4.94 -9.53
N SER A 104 -21.92 -5.34 -10.39
CA SER A 104 -21.59 -5.94 -11.67
C SER A 104 -22.17 -5.16 -12.85
N THR A 105 -21.70 -5.50 -14.04
CA THR A 105 -22.10 -4.82 -15.26
C THR A 105 -22.66 -5.82 -16.27
N ILE A 106 -23.24 -5.30 -17.35
CA ILE A 106 -23.68 -6.14 -18.47
C ILE A 106 -23.09 -5.62 -19.78
N GLY A 107 -22.14 -6.37 -20.33
CA GLY A 107 -21.50 -6.01 -21.59
C GLY A 107 -20.79 -4.68 -21.57
N VAL A 108 -20.11 -4.40 -20.45
CA VAL A 108 -19.37 -3.15 -20.30
C VAL A 108 -17.88 -3.45 -20.19
N CYS A 109 -17.53 -4.37 -19.29
CA CYS A 109 -16.13 -4.70 -19.02
C CYS A 109 -16.03 -6.15 -18.60
N THR A 110 -15.05 -6.87 -19.17
CA THR A 110 -14.90 -8.31 -18.95
C THR A 110 -14.73 -8.68 -17.48
N MET A 111 -14.00 -7.84 -16.74
CA MET A 111 -13.70 -8.11 -15.33
C MET A 111 -14.90 -8.03 -14.38
N THR A 112 -16.02 -7.46 -14.83
CA THR A 112 -17.19 -7.28 -13.96
C THR A 112 -18.50 -7.75 -14.57
N ASP A 113 -18.49 -7.99 -15.88
CA ASP A 113 -19.67 -8.53 -16.57
C ASP A 113 -20.13 -9.84 -15.96
N ILE A 114 -21.42 -9.95 -15.69
CA ILE A 114 -22.02 -11.26 -15.39
C ILE A 114 -22.62 -11.82 -16.67
N ALA A 115 -22.82 -10.93 -17.65
CA ALA A 115 -23.37 -11.28 -18.95
C ALA A 115 -22.90 -10.28 -19.99
N LYS A 116 -23.20 -10.57 -21.25
CA LYS A 116 -22.93 -9.64 -22.34
C LYS A 116 -24.22 -8.94 -22.77
N LYS A 117 -25.33 -9.66 -22.66
CA LYS A 117 -26.66 -9.12 -22.95
C LYS A 117 -27.66 -9.41 -21.82
N PRO A 118 -28.55 -8.44 -21.52
CA PRO A 118 -29.57 -8.59 -20.47
C PRO A 118 -30.58 -9.72 -20.71
N THR A 119 -30.52 -10.34 -21.88
CA THR A 119 -31.38 -11.48 -22.23
C THR A 119 -30.87 -12.80 -21.64
N GLU A 120 -29.56 -12.86 -21.37
CA GLU A 120 -28.92 -14.05 -20.79
C GLU A 120 -29.53 -14.46 -19.45
N SER A 121 -29.32 -15.72 -19.08
CA SER A 121 -29.98 -16.32 -17.92
C SER A 121 -29.55 -15.71 -16.58
N ALA A 122 -28.25 -15.55 -16.38
CA ALA A 122 -27.71 -15.00 -15.12
C ALA A 122 -28.28 -13.62 -14.75
N CYS A 123 -29.05 -13.03 -15.68
CA CYS A 123 -29.70 -11.74 -15.47
C CYS A 123 -31.16 -11.89 -15.03
N SER A 124 -31.76 -13.03 -15.35
CA SER A 124 -33.21 -13.26 -15.20
C SER A 124 -33.80 -12.89 -13.83
N SER A 125 -33.02 -13.06 -12.77
CA SER A 125 -33.51 -12.81 -11.41
C SER A 125 -33.17 -11.41 -10.89
N LEU A 126 -32.46 -10.62 -11.69
CA LEU A 126 -32.06 -9.26 -11.31
C LEU A 126 -32.94 -8.20 -11.95
N THR A 127 -33.14 -7.10 -11.24
CA THR A 127 -33.85 -5.94 -11.78
C THR A 127 -32.86 -5.06 -12.56
N VAL A 128 -32.98 -5.13 -13.88
CA VAL A 128 -32.07 -4.43 -14.78
C VAL A 128 -32.65 -3.08 -15.17
N LEU A 129 -31.82 -2.04 -15.15
CA LEU A 129 -32.26 -0.73 -15.65
C LEU A 129 -32.17 -0.71 -17.17
N PHE A 130 -33.29 -0.38 -17.80
CA PHE A 130 -33.35 -0.22 -19.24
C PHE A 130 -33.61 1.23 -19.60
N ASP A 131 -32.83 1.73 -20.56
CA ASP A 131 -32.92 3.10 -21.03
C ASP A 131 -33.58 3.10 -22.40
N GLY A 132 -34.79 3.66 -22.45
CA GLY A 132 -35.57 3.74 -23.69
C GLY A 132 -34.98 4.71 -24.70
N ARG A 133 -33.87 5.34 -24.33
CA ARG A 133 -33.16 6.24 -25.23
C ARG A 133 -32.22 5.49 -26.17
N VAL A 134 -32.03 4.19 -25.94
CA VAL A 134 -31.20 3.40 -26.84
C VAL A 134 -32.03 2.34 -27.59
N GLU A 135 -31.56 2.05 -28.81
CA GLU A 135 -32.18 1.08 -29.72
C GLU A 135 -32.52 -0.23 -29.02
N GLY A 136 -33.80 -0.63 -29.11
CA GLY A 136 -34.24 -1.95 -28.70
C GLY A 136 -34.30 -2.28 -27.21
N GLN A 137 -33.84 -1.35 -26.37
CA GLN A 137 -33.88 -1.58 -24.92
C GLN A 137 -35.29 -1.51 -24.34
N VAL A 138 -36.15 -0.70 -24.96
CA VAL A 138 -37.57 -0.68 -24.64
C VAL A 138 -38.14 -2.08 -24.87
N ASP A 139 -37.73 -2.70 -25.97
CA ASP A 139 -38.24 -4.01 -26.35
C ASP A 139 -37.67 -5.11 -25.44
N LEU A 140 -36.36 -5.04 -25.17
CA LEU A 140 -35.70 -5.95 -24.23
C LEU A 140 -36.41 -5.95 -22.89
N PHE A 141 -36.82 -4.77 -22.44
CA PHE A 141 -37.56 -4.62 -21.19
C PHE A 141 -38.86 -5.42 -21.20
N ARG A 142 -39.57 -5.38 -22.34
CA ARG A 142 -40.81 -6.13 -22.54
C ARG A 142 -40.58 -7.65 -22.49
N ASN A 143 -39.34 -8.07 -22.72
CA ASN A 143 -38.97 -9.48 -22.74
C ASN A 143 -38.20 -9.93 -21.49
N ALA A 144 -37.83 -8.98 -20.65
CA ALA A 144 -37.15 -9.28 -19.38
C ALA A 144 -38.17 -9.65 -18.32
N ARG A 145 -37.76 -10.48 -17.36
CA ARG A 145 -38.64 -10.85 -16.23
C ARG A 145 -38.68 -9.77 -15.17
N ASN A 146 -37.52 -9.18 -14.88
CA ASN A 146 -37.41 -8.11 -13.88
C ASN A 146 -36.60 -6.93 -14.41
N GLY A 147 -37.17 -5.73 -14.32
CA GLY A 147 -36.50 -4.55 -14.81
C GLY A 147 -37.18 -3.23 -14.55
N VAL A 148 -36.42 -2.16 -14.72
CA VAL A 148 -36.96 -0.81 -14.68
C VAL A 148 -36.63 -0.11 -15.99
N LEU A 149 -37.67 0.35 -16.67
CA LEU A 149 -37.51 1.09 -17.91
C LEU A 149 -37.65 2.58 -17.67
N ILE A 150 -36.73 3.36 -18.25
CA ILE A 150 -36.86 4.81 -18.27
C ILE A 150 -36.95 5.30 -19.71
N THR A 151 -37.91 6.18 -19.97
CA THR A 151 -38.13 6.72 -21.32
C THR A 151 -38.45 8.21 -21.24
N GLU A 152 -38.33 8.90 -22.37
CA GLU A 152 -38.64 10.33 -22.45
C GLU A 152 -40.10 10.58 -22.80
N GLY A 153 -40.65 9.73 -23.68
CA GLY A 153 -42.02 9.90 -24.18
C GLY A 153 -42.94 8.75 -23.81
N SER A 154 -43.94 8.52 -24.65
CA SER A 154 -44.94 7.47 -24.41
C SER A 154 -44.42 6.09 -24.77
N VAL A 155 -44.91 5.08 -24.06
CA VAL A 155 -44.69 3.68 -24.43
C VAL A 155 -46.05 3.01 -24.62
N LYS A 156 -46.26 2.51 -25.84
CA LYS A 156 -47.55 1.96 -26.28
C LYS A 156 -48.04 0.80 -25.39
N GLY A 157 -49.29 0.91 -24.93
CA GLY A 157 -49.92 -0.13 -24.12
C GLY A 157 -49.42 -0.21 -22.68
N LEU A 158 -48.66 0.78 -22.25
CA LEU A 158 -48.09 0.82 -20.90
C LEU A 158 -48.30 2.18 -20.23
N THR A 159 -48.85 2.15 -19.03
CA THR A 159 -49.12 3.37 -18.26
C THR A 159 -47.82 3.86 -17.60
N PRO A 160 -47.49 5.15 -17.80
CA PRO A 160 -46.24 5.66 -17.26
C PRO A 160 -46.39 6.19 -15.85
N SER A 161 -45.30 6.15 -15.08
CA SER A 161 -45.21 6.88 -13.83
C SER A 161 -44.30 8.07 -14.05
N LYS A 162 -44.84 9.28 -13.86
CA LYS A 162 -44.04 10.48 -14.02
C LYS A 162 -43.02 10.59 -12.89
N GLY A 163 -41.74 10.49 -13.27
CA GLY A 163 -40.64 10.53 -12.31
C GLY A 163 -40.26 11.95 -11.94
N PRO A 164 -39.16 12.10 -11.14
CA PRO A 164 -38.74 13.43 -10.70
C PRO A 164 -38.24 14.30 -11.84
N ALA A 165 -38.33 15.61 -11.65
CA ALA A 165 -37.86 16.59 -12.63
C ALA A 165 -36.35 16.47 -12.86
N GLN A 166 -35.60 16.25 -11.78
CA GLN A 166 -34.15 16.19 -11.82
C GLN A 166 -33.62 14.88 -12.40
N ALA A 167 -32.45 14.96 -13.01
CA ALA A 167 -31.63 13.80 -13.27
C ALA A 167 -30.19 14.24 -13.04
N SER A 168 -29.26 13.31 -13.15
CA SER A 168 -27.85 13.61 -13.01
C SER A 168 -27.18 13.62 -14.38
N VAL A 169 -26.51 14.74 -14.68
CA VAL A 169 -25.66 14.85 -15.85
C VAL A 169 -24.25 15.06 -15.31
N ASN A 170 -23.39 14.07 -15.52
CA ASN A 170 -21.99 14.16 -15.11
C ASN A 170 -21.77 14.57 -13.67
N GLY A 171 -22.60 14.03 -12.78
CA GLY A 171 -22.48 14.31 -11.34
C GLY A 171 -23.04 15.65 -10.93
N VAL A 172 -23.72 16.31 -11.87
CA VAL A 172 -24.42 17.54 -11.60
C VAL A 172 -25.91 17.21 -11.66
N THR A 173 -26.63 17.47 -10.58
CA THR A 173 -28.05 17.17 -10.56
C THR A 173 -28.85 18.44 -10.85
N LEU A 174 -29.63 18.40 -11.92
CA LEU A 174 -30.31 19.57 -12.46
C LEU A 174 -31.64 19.21 -13.12
N ILE A 175 -32.48 20.22 -13.31
CA ILE A 175 -33.67 20.09 -14.14
C ILE A 175 -33.25 20.53 -15.53
N GLY A 176 -33.32 19.60 -16.48
CA GLY A 176 -32.85 19.85 -17.83
C GLY A 176 -33.71 20.85 -18.56
N GLU A 177 -33.06 21.89 -19.11
CA GLU A 177 -33.71 22.85 -19.99
C GLU A 177 -33.42 22.51 -21.44
N SER A 178 -32.15 22.26 -21.76
CA SER A 178 -31.73 21.97 -23.12
C SER A 178 -31.62 20.47 -23.39
N VAL A 179 -31.91 19.68 -22.36
CA VAL A 179 -31.87 18.23 -22.43
C VAL A 179 -32.91 17.70 -21.45
N LYS A 180 -33.53 16.57 -21.78
CA LYS A 180 -34.63 16.04 -20.95
C LYS A 180 -34.14 15.24 -19.74
N THR A 181 -34.62 15.63 -18.56
CA THR A 181 -34.22 14.99 -17.30
C THR A 181 -35.37 14.28 -16.58
N GLN A 182 -36.61 14.63 -16.93
CA GLN A 182 -37.79 14.00 -16.36
C GLN A 182 -38.17 12.77 -17.17
N PHE A 183 -37.90 11.59 -16.60
CA PHE A 183 -38.16 10.32 -17.27
C PHE A 183 -39.52 9.75 -16.91
N ASN A 184 -39.97 8.80 -17.73
CA ASN A 184 -41.09 7.94 -17.38
C ASN A 184 -40.57 6.63 -16.80
N TYR A 185 -41.29 6.07 -15.83
CA TYR A 185 -40.84 4.86 -15.16
C TYR A 185 -41.80 3.69 -15.34
N PHE A 186 -41.22 2.52 -15.59
CA PHE A 186 -41.98 1.28 -15.69
C PHE A 186 -41.20 0.20 -14.94
N LYS A 187 -41.91 -0.58 -14.13
CA LYS A 187 -41.27 -1.68 -13.40
C LYS A 187 -41.94 -3.02 -13.70
N LYS A 188 -41.11 -4.06 -13.81
CA LYS A 188 -41.58 -5.43 -13.93
C LYS A 188 -41.03 -6.29 -12.81
N VAL A 189 -41.91 -7.05 -12.18
CA VAL A 189 -41.52 -8.07 -11.20
C VAL A 189 -42.09 -9.41 -11.66
N ASP A 190 -41.23 -10.44 -11.61
CA ASP A 190 -41.58 -11.80 -12.03
C ASP A 190 -42.48 -11.88 -13.28
N GLY A 191 -42.16 -11.07 -14.29
CA GLY A 191 -42.88 -11.09 -15.57
C GLY A 191 -44.14 -10.25 -15.63
N ILE A 192 -44.62 -9.79 -14.47
CA ILE A 192 -45.81 -8.96 -14.41
C ILE A 192 -45.43 -7.48 -14.32
N ILE A 193 -46.08 -6.66 -15.14
CA ILE A 193 -46.00 -5.22 -15.00
C ILE A 193 -46.55 -4.84 -13.63
N GLN A 194 -45.68 -4.33 -12.76
CA GLN A 194 -46.11 -3.77 -11.50
C GLN A 194 -46.52 -2.31 -11.75
N GLN A 195 -47.43 -1.80 -10.93
CA GLN A 195 -47.98 -0.44 -11.11
C GLN A 195 -47.48 0.47 -9.99
N LEU A 196 -46.61 1.43 -10.36
CA LEU A 196 -45.86 2.25 -9.39
C LEU A 196 -46.73 3.23 -8.59
N PRO A 197 -46.36 3.50 -7.32
CA PRO A 197 -47.21 4.29 -6.43
C PRO A 197 -47.22 5.80 -6.71
N GLU A 198 -48.23 6.48 -6.21
CA GLU A 198 -48.24 7.94 -6.13
C GLU A 198 -47.08 8.33 -5.23
N THR A 199 -46.25 9.28 -5.66
CA THR A 199 -45.05 9.63 -4.89
C THR A 199 -44.82 11.13 -4.79
N TYR A 200 -44.14 11.52 -3.71
CA TYR A 200 -43.48 12.81 -3.64
C TYR A 200 -42.03 12.58 -4.06
N PHE A 201 -41.38 13.63 -4.51
CA PHE A 201 -39.97 13.54 -4.83
C PHE A 201 -39.15 14.49 -3.99
N THR A 202 -38.04 14.00 -3.47
CA THR A 202 -37.13 14.84 -2.69
C THR A 202 -36.43 15.80 -3.64
N GLN A 203 -36.22 17.02 -3.18
CA GLN A 203 -35.69 18.08 -4.04
C GLN A 203 -34.18 18.00 -4.31
N SER A 204 -33.49 17.12 -3.58
CA SER A 204 -32.04 16.93 -3.68
C SER A 204 -31.24 18.23 -3.75
N ARG A 205 -31.34 19.03 -2.71
CA ARG A 205 -30.59 20.26 -2.59
C ARG A 205 -29.47 20.13 -1.56
N ASP A 206 -28.36 20.78 -1.84
CA ASP A 206 -27.27 20.92 -0.87
C ASP A 206 -27.60 22.06 0.07
N LEU A 207 -27.05 22.00 1.27
CA LEU A 207 -27.19 23.06 2.26
C LEU A 207 -26.40 24.31 1.85
N GLU A 208 -25.25 24.10 1.22
CA GLU A 208 -24.31 25.17 0.86
C GLU A 208 -24.75 26.05 -0.31
N ASP A 209 -25.78 25.62 -1.03
CA ASP A 209 -26.30 26.37 -2.17
C ASP A 209 -27.83 26.39 -2.19
N PHE A 210 -28.43 26.10 -1.04
CA PHE A 210 -29.89 25.93 -0.93
C PHE A 210 -30.65 27.16 -1.42
N LYS A 211 -31.65 26.92 -2.27
CA LYS A 211 -32.51 27.97 -2.77
C LYS A 211 -33.98 27.54 -2.72
N PRO A 212 -34.88 28.46 -2.30
CA PRO A 212 -36.31 28.11 -2.22
C PRO A 212 -36.92 27.94 -3.61
N ARG A 213 -37.95 27.10 -3.71
CA ARG A 213 -38.56 26.75 -4.98
C ARG A 213 -40.09 26.92 -4.98
N SER A 214 -40.59 27.67 -4.00
CA SER A 214 -42.00 28.09 -3.97
C SER A 214 -42.11 29.38 -3.15
N GLN A 215 -43.31 29.96 -3.12
CA GLN A 215 -43.54 31.14 -2.28
C GLN A 215 -43.43 30.76 -0.80
N MET A 216 -43.92 29.58 -0.46
CA MET A 216 -43.92 29.11 0.93
C MET A 216 -42.50 28.93 1.46
N GLU A 217 -41.63 28.35 0.64
CA GLU A 217 -40.24 28.15 1.01
C GLU A 217 -39.51 29.48 1.18
N THR A 218 -39.78 30.41 0.27
CA THR A 218 -39.21 31.76 0.33
C THR A 218 -39.72 32.47 1.60
N ASP A 219 -41.01 32.34 1.86
CA ASP A 219 -41.60 32.88 3.09
C ASP A 219 -40.97 32.26 4.32
N PHE A 220 -40.61 30.98 4.24
CA PHE A 220 -40.00 30.27 5.37
C PHE A 220 -38.62 30.80 5.74
N LEU A 221 -37.80 31.08 4.73
CA LEU A 221 -36.41 31.51 4.97
C LEU A 221 -36.32 32.95 5.47
N GLU A 222 -37.23 33.81 4.98
CA GLU A 222 -37.21 35.25 5.29
C GLU A 222 -37.86 35.63 6.62
N LEU A 223 -39.01 35.04 6.90
CA LEU A 223 -39.85 35.46 8.03
C LEU A 223 -39.47 34.78 9.34
N ALA A 224 -39.74 35.48 10.44
CA ALA A 224 -39.63 34.93 11.79
C ALA A 224 -40.57 33.75 11.94
N MET A 225 -40.21 32.82 12.82
CA MET A 225 -40.98 31.59 13.04
C MET A 225 -42.49 31.85 13.16
N ASP A 226 -42.87 32.74 14.08
CA ASP A 226 -44.27 33.02 14.38
C ASP A 226 -45.05 33.62 13.21
N GLU A 227 -44.42 34.55 12.48
CA GLU A 227 -45.02 35.12 11.28
C GLU A 227 -45.38 34.03 10.28
N PHE A 228 -44.43 33.14 10.01
CA PHE A 228 -44.64 32.05 9.05
C PHE A 228 -45.75 31.10 9.51
N ILE A 229 -45.64 30.61 10.74
CA ILE A 229 -46.63 29.68 11.30
C ILE A 229 -48.05 30.27 11.19
N GLN A 230 -48.16 31.55 11.53
CA GLN A 230 -49.44 32.25 11.46
C GLN A 230 -49.90 32.51 10.01
N ARG A 231 -48.99 33.01 9.17
CA ARG A 231 -49.29 33.28 7.75
C ARG A 231 -49.85 32.06 7.02
N TYR A 232 -49.44 30.87 7.47
CA TYR A 232 -49.88 29.63 6.84
C TYR A 232 -50.78 28.82 7.77
N LYS A 233 -51.34 29.49 8.76
CA LYS A 233 -52.14 28.88 9.83
C LYS A 233 -51.75 27.43 10.12
N LEU A 234 -50.58 27.29 10.73
CA LEU A 234 -49.96 26.01 10.99
C LEU A 234 -49.84 25.70 12.48
N GLU A 235 -50.42 26.57 13.31
CA GLU A 235 -50.38 26.38 14.77
C GLU A 235 -50.99 25.04 15.15
N GLY A 236 -50.31 24.31 16.02
CA GLY A 236 -50.76 22.98 16.42
C GLY A 236 -50.10 21.87 15.63
N TYR A 237 -49.52 22.20 14.48
CA TYR A 237 -48.85 21.21 13.64
C TYR A 237 -47.36 21.02 14.01
N ALA A 238 -46.98 21.58 15.16
CA ALA A 238 -45.68 21.36 15.80
C ALA A 238 -44.43 21.71 14.97
N PHE A 239 -44.56 22.71 14.09
CA PHE A 239 -43.45 23.14 13.24
C PHE A 239 -42.21 23.59 14.03
N GLU A 240 -42.44 24.22 15.18
CA GLU A 240 -41.37 24.64 16.09
C GLU A 240 -40.57 23.45 16.64
N ALA A 241 -41.16 22.27 16.63
CA ALA A 241 -40.52 21.06 17.17
C ALA A 241 -40.05 20.08 16.09
N ILE A 242 -40.57 20.22 14.87
CA ILE A 242 -40.25 19.29 13.78
C ILE A 242 -39.31 19.92 12.74
N VAL A 243 -39.70 21.08 12.23
CA VAL A 243 -39.03 21.67 11.07
C VAL A 243 -37.93 22.67 11.44
N TYR A 244 -38.23 23.55 12.40
CA TYR A 244 -37.39 24.71 12.68
C TYR A 244 -36.02 24.43 13.30
N GLY A 245 -35.95 23.48 14.22
CA GLY A 245 -34.68 23.20 14.88
C GLY A 245 -34.50 24.00 16.15
N ASP A 246 -34.51 23.30 17.28
CA ASP A 246 -34.36 23.89 18.59
C ASP A 246 -32.90 23.71 19.04
N PHE A 247 -32.26 24.84 19.37
CA PHE A 247 -30.85 24.85 19.75
C PHE A 247 -30.64 25.23 21.20
N SER A 248 -31.73 25.36 21.94
CA SER A 248 -31.68 25.88 23.31
C SER A 248 -31.14 24.88 24.34
N HIS A 249 -31.11 23.59 23.98
CA HIS A 249 -30.64 22.55 24.89
C HIS A 249 -29.32 21.92 24.41
N GLY A 250 -28.72 21.10 25.26
CA GLY A 250 -27.53 20.34 24.93
C GLY A 250 -27.71 19.52 23.67
N GLN A 251 -28.76 18.70 23.64
CA GLN A 251 -29.13 17.98 22.43
C GLN A 251 -30.09 18.85 21.64
N LEU A 252 -29.93 18.87 20.31
CA LEU A 252 -30.78 19.70 19.46
C LEU A 252 -32.00 18.96 18.93
N GLY A 253 -33.09 19.70 18.75
CA GLY A 253 -34.35 19.15 18.27
C GLY A 253 -34.73 19.68 16.91
N GLY A 254 -35.80 19.14 16.34
CA GLY A 254 -36.31 19.57 15.05
C GLY A 254 -35.36 19.23 13.93
N LEU A 255 -35.22 20.17 12.98
CA LEU A 255 -34.33 20.04 11.82
C LEU A 255 -34.55 18.76 11.02
N HIS A 256 -35.82 18.37 10.89
CA HIS A 256 -36.18 17.13 10.21
C HIS A 256 -36.21 17.31 8.69
N LEU A 257 -36.44 18.53 8.23
CA LEU A 257 -36.38 18.86 6.80
C LEU A 257 -35.10 19.64 6.45
N MET A 258 -34.68 19.54 5.21
CA MET A 258 -33.48 20.25 4.72
C MET A 258 -33.60 21.76 4.84
N ILE A 259 -34.78 22.30 4.53
CA ILE A 259 -35.00 23.74 4.56
C ILE A 259 -34.85 24.33 5.97
N GLY A 260 -35.23 23.57 6.99
CA GLY A 260 -35.06 23.99 8.37
C GLY A 260 -33.60 24.23 8.72
N LEU A 261 -32.72 23.38 8.17
CA LEU A 261 -31.28 23.52 8.31
C LEU A 261 -30.80 24.76 7.58
N ALA A 262 -31.23 24.91 6.33
CA ALA A 262 -30.89 26.04 5.49
C ALA A 262 -31.17 27.38 6.17
N LYS A 263 -32.24 27.41 6.97
CA LYS A 263 -32.60 28.62 7.69
C LYS A 263 -31.55 29.00 8.74
N ARG A 264 -31.01 28.01 9.44
CA ARG A 264 -29.92 28.26 10.38
C ARG A 264 -28.65 28.73 9.69
N SER A 265 -28.26 28.01 8.63
CA SER A 265 -27.05 28.28 7.86
C SER A 265 -26.96 29.71 7.36
N GLN A 266 -28.12 30.30 7.03
CA GLN A 266 -28.20 31.70 6.64
C GLN A 266 -27.45 32.60 7.61
N ASP A 267 -27.62 32.35 8.90
CA ASP A 267 -27.03 33.18 9.93
C ASP A 267 -25.73 32.59 10.45
N SER A 268 -25.79 31.35 10.95
CA SER A 268 -24.61 30.69 11.49
C SER A 268 -24.48 29.24 10.99
N PRO A 269 -23.24 28.73 10.93
CA PRO A 269 -22.99 27.44 10.28
C PRO A 269 -23.35 26.20 11.12
N LEU A 270 -23.58 25.09 10.44
CA LEU A 270 -23.77 23.79 11.06
C LEU A 270 -22.72 22.82 10.52
N LYS A 271 -22.06 22.07 11.38
CA LYS A 271 -21.23 20.96 10.92
C LYS A 271 -22.10 19.72 10.74
N LEU A 272 -22.02 19.10 9.58
CA LEU A 272 -22.79 17.91 9.27
C LEU A 272 -21.89 16.73 8.98
N GLU A 273 -21.76 15.83 9.96
CA GLU A 273 -21.02 14.59 9.75
C GLU A 273 -21.90 13.58 9.02
N ASP A 274 -21.55 13.34 7.76
CA ASP A 274 -22.27 12.40 6.93
C ASP A 274 -21.67 11.02 7.19
N PHE A 275 -21.99 10.45 8.35
CA PHE A 275 -21.32 9.26 8.86
C PHE A 275 -21.51 8.00 8.00
N ILE A 276 -22.64 7.91 7.30
CA ILE A 276 -22.83 6.88 6.27
C ILE A 276 -23.01 7.54 4.89
N PRO A 277 -21.90 7.95 4.26
CA PRO A 277 -21.97 8.78 3.05
C PRO A 277 -22.35 8.04 1.75
N MET A 278 -23.63 7.70 1.63
CA MET A 278 -24.21 7.38 0.32
C MET A 278 -25.55 8.08 0.21
N ASP A 279 -25.94 8.41 -1.03
CA ASP A 279 -27.18 9.13 -1.29
C ASP A 279 -28.42 8.30 -0.90
N SER A 280 -29.36 8.94 -0.22
CA SER A 280 -30.65 8.31 0.08
C SER A 280 -31.76 9.32 0.32
N THR A 281 -33.00 8.90 0.09
CA THR A 281 -34.19 9.71 0.34
C THR A 281 -34.13 10.34 1.73
N VAL A 282 -33.94 9.50 2.75
CA VAL A 282 -33.71 9.94 4.11
C VAL A 282 -32.21 9.90 4.39
N LYS A 283 -31.67 11.01 4.86
CA LYS A 283 -30.26 11.07 5.29
C LYS A 283 -30.17 11.35 6.78
N ASN A 284 -29.15 10.76 7.42
CA ASN A 284 -28.86 11.02 8.83
C ASN A 284 -27.53 11.71 8.96
N TYR A 285 -27.51 12.85 9.67
CA TYR A 285 -26.30 13.60 9.87
C TYR A 285 -26.01 13.79 11.35
N PHE A 286 -24.75 13.65 11.73
CA PHE A 286 -24.32 14.00 13.08
C PHE A 286 -23.99 15.48 13.10
N ILE A 287 -24.98 16.28 13.49
CA ILE A 287 -24.93 17.74 13.37
C ILE A 287 -24.47 18.43 14.66
N THR A 288 -23.61 19.43 14.49
CA THR A 288 -23.22 20.34 15.57
C THR A 288 -23.56 21.77 15.16
N ASP A 289 -24.22 22.50 16.05
CA ASP A 289 -24.56 23.89 15.79
C ASP A 289 -23.50 24.83 16.34
N ALA A 290 -22.77 25.48 15.43
CA ALA A 290 -21.60 26.28 15.77
C ALA A 290 -21.86 27.43 16.75
N GLN A 291 -22.99 28.11 16.56
CA GLN A 291 -23.32 29.31 17.34
C GLN A 291 -23.61 29.00 18.80
N THR A 292 -23.94 27.75 19.06
CA THR A 292 -24.68 27.41 20.26
C THR A 292 -24.05 26.27 21.06
N GLY A 293 -23.48 25.29 20.33
CA GLY A 293 -22.92 24.10 20.94
C GLY A 293 -23.88 22.92 20.98
N SER A 294 -25.15 23.18 20.71
CA SER A 294 -26.17 22.14 20.63
C SER A 294 -25.82 21.17 19.51
N SER A 295 -26.01 19.88 19.76
CA SER A 295 -25.67 18.85 18.79
C SER A 295 -26.49 17.59 18.99
N LYS A 296 -26.55 16.76 17.95
CA LYS A 296 -27.24 15.49 18.02
C LYS A 296 -26.61 14.50 17.05
N CYS A 297 -26.34 13.30 17.56
CA CYS A 297 -25.97 12.17 16.70
C CYS A 297 -27.24 11.69 16.04
N VAL A 298 -27.17 11.37 14.75
CA VAL A 298 -28.34 10.94 13.99
C VAL A 298 -29.47 11.98 13.96
N CYS A 299 -29.37 12.94 13.05
CA CYS A 299 -30.51 13.76 12.70
C CYS A 299 -30.97 13.29 11.34
N SER A 300 -32.18 12.72 11.29
CA SER A 300 -32.74 12.35 10.01
C SER A 300 -33.21 13.62 9.29
N VAL A 301 -32.72 13.79 8.07
CA VAL A 301 -32.99 14.96 7.27
C VAL A 301 -33.48 14.53 5.90
N ILE A 302 -34.70 14.93 5.56
CA ILE A 302 -35.25 14.69 4.24
C ILE A 302 -35.55 16.02 3.55
N ASP A 303 -35.14 16.16 2.29
CA ASP A 303 -35.39 17.41 1.56
C ASP A 303 -36.71 17.36 0.79
N LEU A 304 -37.77 17.74 1.49
CA LEU A 304 -39.10 17.82 0.89
C LEU A 304 -39.46 19.27 0.66
N LEU A 305 -40.13 19.52 -0.46
CA LEU A 305 -40.74 20.83 -0.71
C LEU A 305 -41.59 21.13 0.52
N LEU A 306 -41.43 22.32 1.09
CA LEU A 306 -42.17 22.66 2.31
C LEU A 306 -43.67 22.44 2.10
N ASP A 307 -44.17 22.84 0.92
CA ASP A 307 -45.56 22.66 0.53
C ASP A 307 -45.97 21.19 0.62
N ASP A 308 -45.10 20.30 0.15
CA ASP A 308 -45.35 18.87 0.21
C ASP A 308 -45.44 18.36 1.65
N PHE A 309 -44.53 18.82 2.50
CA PHE A 309 -44.59 18.47 3.92
C PHE A 309 -45.86 19.00 4.57
N VAL A 310 -46.20 20.26 4.28
CA VAL A 310 -47.40 20.89 4.79
C VAL A 310 -48.63 20.06 4.41
N GLU A 311 -48.71 19.67 3.14
CA GLU A 311 -49.76 18.80 2.66
C GLU A 311 -49.76 17.48 3.44
N ILE A 312 -48.58 16.85 3.54
CA ILE A 312 -48.42 15.61 4.31
C ILE A 312 -49.04 15.75 5.68
N ILE A 313 -48.48 16.65 6.49
CA ILE A 313 -48.85 16.74 7.90
C ILE A 313 -50.29 17.20 8.11
N LYS A 314 -50.77 18.13 7.27
CA LYS A 314 -52.14 18.64 7.40
C LYS A 314 -53.20 17.58 7.08
N SER A 315 -52.89 16.67 6.17
CA SER A 315 -53.81 15.60 5.80
C SER A 315 -53.78 14.42 6.79
N GLN A 316 -53.43 14.70 8.04
CA GLN A 316 -53.33 13.66 9.07
C GLN A 316 -54.40 13.77 10.14
N ASP A 317 -54.81 12.62 10.68
CA ASP A 317 -55.76 12.55 11.79
C ASP A 317 -55.05 12.63 13.14
N LEU A 318 -55.37 13.68 13.88
CA LEU A 318 -54.69 13.99 15.14
C LEU A 318 -55.47 13.50 16.36
N SER A 319 -56.40 12.58 16.13
CA SER A 319 -57.22 12.00 17.19
C SER A 319 -56.41 11.04 18.08
N VAL A 320 -55.68 10.12 17.43
CA VAL A 320 -54.88 9.10 18.11
C VAL A 320 -53.67 9.73 18.80
N ILE A 321 -53.26 9.15 19.92
CA ILE A 321 -52.06 9.57 20.64
C ILE A 321 -50.80 9.44 19.76
N SER A 322 -50.70 8.33 19.02
CA SER A 322 -49.61 8.13 18.06
C SER A 322 -49.89 6.97 17.11
N LYS A 323 -49.51 7.14 15.85
CA LYS A 323 -49.62 6.06 14.87
C LYS A 323 -48.46 6.02 13.87
N VAL A 324 -48.46 4.97 13.05
CA VAL A 324 -47.49 4.84 11.97
C VAL A 324 -48.10 5.47 10.73
N VAL A 325 -47.35 6.38 10.10
CA VAL A 325 -47.81 7.03 8.86
C VAL A 325 -46.85 6.70 7.73
N LYS A 326 -47.40 6.10 6.67
CA LYS A 326 -46.62 5.73 5.50
C LYS A 326 -46.75 6.82 4.43
N VAL A 327 -45.64 7.45 4.10
CA VAL A 327 -45.58 8.40 3.00
C VAL A 327 -44.68 7.84 1.91
N THR A 328 -45.20 7.77 0.68
CA THR A 328 -44.39 7.32 -0.44
C THR A 328 -43.54 8.48 -0.93
N ILE A 329 -42.23 8.38 -0.70
CA ILE A 329 -41.27 9.40 -1.10
C ILE A 329 -40.18 8.76 -1.98
N ASP A 330 -39.85 9.42 -3.09
CA ASP A 330 -38.82 8.96 -4.01
C ASP A 330 -38.94 7.47 -4.35
N TYR A 331 -40.17 7.04 -4.63
CA TYR A 331 -40.48 5.64 -4.97
C TYR A 331 -40.17 4.65 -3.85
N ALA A 332 -39.93 5.17 -2.64
CA ALA A 332 -39.77 4.35 -1.45
C ALA A 332 -40.92 4.63 -0.52
N GLU A 333 -41.26 3.64 0.31
CA GLU A 333 -42.32 3.79 1.30
C GLU A 333 -41.70 4.08 2.65
N ILE A 334 -41.84 5.31 3.13
CA ILE A 334 -41.19 5.72 4.37
C ILE A 334 -42.16 5.77 5.54
N SER A 335 -41.76 5.17 6.65
CA SER A 335 -42.59 5.13 7.86
C SER A 335 -42.29 6.27 8.82
N PHE A 336 -43.34 6.98 9.21
CA PHE A 336 -43.22 8.05 10.20
C PHE A 336 -43.99 7.71 11.48
N MET A 337 -43.52 8.27 12.60
CA MET A 337 -44.22 8.19 13.88
C MET A 337 -44.91 9.53 14.15
N LEU A 338 -46.22 9.51 14.33
CA LEU A 338 -46.98 10.74 14.56
C LEU A 338 -47.53 10.77 15.98
N TRP A 339 -46.99 11.65 16.81
CA TRP A 339 -47.46 11.80 18.19
C TRP A 339 -48.39 12.99 18.37
N CYS A 340 -49.47 12.79 19.14
CA CYS A 340 -50.46 13.84 19.37
C CYS A 340 -50.94 13.93 20.83
N LYS A 341 -51.42 15.11 21.19
CA LYS A 341 -52.07 15.34 22.48
C LYS A 341 -53.14 16.40 22.24
N ASP A 342 -54.38 16.09 22.66
CA ASP A 342 -55.51 17.01 22.56
C ASP A 342 -55.73 17.55 21.14
N GLY A 343 -55.53 16.69 20.14
CA GLY A 343 -55.78 17.06 18.75
C GLY A 343 -54.79 18.03 18.12
N HIS A 344 -53.58 18.09 18.67
CA HIS A 344 -52.47 18.77 18.01
C HIS A 344 -51.24 17.88 17.90
N VAL A 345 -50.47 18.04 16.83
CA VAL A 345 -49.23 17.30 16.61
C VAL A 345 -48.22 17.66 17.70
N GLU A 346 -47.60 16.62 18.27
CA GLU A 346 -46.50 16.79 19.21
C GLU A 346 -45.17 16.66 18.48
N THR A 347 -44.94 15.48 17.91
CA THR A 347 -43.72 15.18 17.16
C THR A 347 -44.00 14.29 15.94
N PHE A 348 -43.10 14.33 14.97
CA PHE A 348 -43.27 13.63 13.70
C PHE A 348 -41.90 13.36 13.07
N TYR A 349 -41.53 12.09 13.02
CA TYR A 349 -40.19 11.69 12.60
C TYR A 349 -40.19 10.31 11.95
N PRO A 350 -39.26 10.06 11.00
CA PRO A 350 -39.10 8.71 10.42
C PRO A 350 -38.70 7.64 11.44
N LYS A 351 -39.11 6.40 11.18
CA LYS A 351 -38.81 5.27 12.06
C LYS A 351 -37.58 4.49 11.58
N HIS B 6 -18.05 -8.96 23.26
CA HIS B 6 -18.25 -7.53 23.61
C HIS B 6 -17.63 -6.59 22.57
N MET B 7 -16.30 -6.49 22.54
CA MET B 7 -15.61 -5.44 21.77
C MET B 7 -14.95 -5.90 20.47
N SER B 8 -15.45 -5.38 19.35
CA SER B 8 -14.97 -5.78 18.02
C SER B 8 -15.12 -4.71 16.95
N LEU B 9 -14.30 -4.83 15.91
CA LEU B 9 -14.36 -3.98 14.71
C LEU B 9 -15.77 -3.92 14.11
N GLU B 10 -16.43 -5.07 14.02
CA GLU B 10 -17.80 -5.13 13.50
C GLU B 10 -18.79 -4.41 14.40
N ASN B 11 -18.55 -4.48 15.71
CA ASN B 11 -19.39 -3.78 16.69
C ASN B 11 -19.20 -2.27 16.62
N VAL B 12 -17.94 -1.83 16.52
CA VAL B 12 -17.61 -0.42 16.37
C VAL B 12 -18.32 0.14 15.13
N ALA B 13 -18.16 -0.57 14.01
CA ALA B 13 -18.80 -0.21 12.75
C ALA B 13 -20.32 -0.13 12.88
N TYR B 14 -20.90 -1.07 13.62
CA TYR B 14 -22.34 -1.08 13.87
C TYR B 14 -22.75 0.26 14.50
N ASN B 15 -22.06 0.64 15.57
CA ASN B 15 -22.31 1.91 16.25
C ASN B 15 -22.16 3.10 15.31
N VAL B 16 -21.08 3.10 14.54
CA VAL B 16 -20.79 4.20 13.61
C VAL B 16 -21.91 4.46 12.58
N VAL B 17 -22.53 3.39 12.08
CA VAL B 17 -23.55 3.54 11.04
C VAL B 17 -24.96 3.80 11.56
N ASN B 18 -25.30 3.22 12.71
CA ASN B 18 -26.62 3.38 13.27
C ASN B 18 -26.72 4.50 14.30
N LYS B 19 -25.57 4.91 14.84
CA LYS B 19 -25.55 5.89 15.94
C LYS B 19 -24.55 7.06 15.76
N GLY B 20 -23.77 7.04 14.68
CA GLY B 20 -22.90 8.15 14.31
C GLY B 20 -21.56 8.22 15.04
N HIS B 21 -21.39 7.35 16.03
CA HIS B 21 -20.17 7.25 16.85
C HIS B 21 -20.33 6.04 17.77
N PHE B 22 -19.28 5.67 18.50
CA PHE B 22 -19.39 4.54 19.41
C PHE B 22 -20.21 4.90 20.64
N ASP B 23 -21.25 4.12 20.86
CA ASP B 23 -22.23 4.37 21.92
C ASP B 23 -22.23 3.23 22.93
N GLY B 24 -21.85 2.04 22.48
CA GLY B 24 -21.83 0.85 23.33
C GLY B 24 -23.02 -0.04 23.12
N HIS B 25 -23.70 0.14 21.99
CA HIS B 25 -24.84 -0.69 21.63
C HIS B 25 -24.38 -2.02 21.08
N ALA B 26 -25.09 -3.08 21.44
CA ALA B 26 -24.84 -4.41 20.91
C ALA B 26 -25.18 -4.45 19.43
N GLY B 27 -24.38 -5.18 18.66
CA GLY B 27 -24.63 -5.33 17.23
C GLY B 27 -23.38 -5.48 16.38
N GLU B 28 -23.59 -5.85 15.13
CA GLU B 28 -22.51 -6.04 14.17
C GLU B 28 -22.89 -5.49 12.81
N ALA B 29 -21.92 -4.87 12.14
CA ALA B 29 -22.06 -4.43 10.77
C ALA B 29 -20.87 -4.96 9.96
N PRO B 30 -21.15 -5.48 8.75
CA PRO B 30 -20.11 -6.08 7.89
C PRO B 30 -19.12 -5.04 7.36
N VAL B 31 -17.83 -5.37 7.40
CA VAL B 31 -16.77 -4.40 7.16
C VAL B 31 -15.73 -4.90 6.15
N SER B 32 -15.29 -4.00 5.27
CA SER B 32 -14.14 -4.25 4.40
C SER B 32 -13.01 -3.32 4.78
N ILE B 33 -11.85 -3.90 5.10
CA ILE B 33 -10.62 -3.12 5.25
C ILE B 33 -9.79 -3.22 3.98
N ILE B 34 -9.45 -2.07 3.42
CA ILE B 34 -8.68 -1.95 2.19
C ILE B 34 -8.28 -0.48 2.04
N ASN B 35 -7.09 -0.26 1.51
CA ASN B 35 -6.60 1.10 1.20
C ASN B 35 -6.52 1.99 2.44
N ASN B 36 -6.23 1.36 3.58
CA ASN B 36 -6.10 2.08 4.86
C ASN B 36 -7.40 2.83 5.18
N ALA B 37 -8.52 2.14 4.94
CA ALA B 37 -9.84 2.71 5.10
C ALA B 37 -10.83 1.62 5.50
N VAL B 38 -12.02 2.05 5.93
CA VAL B 38 -13.06 1.12 6.36
C VAL B 38 -14.31 1.32 5.53
N TYR B 39 -14.85 0.23 5.00
CA TYR B 39 -16.07 0.27 4.21
C TYR B 39 -17.09 -0.65 4.83
N THR B 40 -18.36 -0.32 4.64
CA THR B 40 -19.43 -1.20 5.06
C THR B 40 -20.37 -1.49 3.90
N LYS B 41 -20.94 -2.69 3.90
CA LYS B 41 -21.86 -3.11 2.86
C LYS B 41 -23.24 -2.55 3.15
N VAL B 42 -23.80 -1.83 2.17
CA VAL B 42 -25.19 -1.39 2.20
C VAL B 42 -25.79 -1.68 0.83
N ASP B 43 -26.84 -2.50 0.80
CA ASP B 43 -27.48 -2.94 -0.45
C ASP B 43 -26.47 -3.55 -1.43
N GLY B 44 -25.56 -4.36 -0.89
CA GLY B 44 -24.58 -5.08 -1.71
C GLY B 44 -23.39 -4.27 -2.20
N ILE B 45 -23.38 -2.97 -1.90
CA ILE B 45 -22.26 -2.10 -2.30
C ILE B 45 -21.54 -1.48 -1.10
N ASP B 46 -20.26 -1.16 -1.30
CA ASP B 46 -19.44 -0.62 -0.23
C ASP B 46 -19.52 0.91 -0.17
N VAL B 47 -19.68 1.41 1.05
CA VAL B 47 -19.62 2.85 1.30
C VAL B 47 -18.61 3.11 2.41
N GLU B 48 -17.59 3.90 2.07
CA GLU B 48 -16.48 4.22 2.98
C GLU B 48 -16.99 5.01 4.17
N ILE B 49 -16.57 4.59 5.37
CA ILE B 49 -17.02 5.22 6.61
C ILE B 49 -15.89 5.78 7.48
N PHE B 50 -14.65 5.57 7.05
CA PHE B 50 -13.47 6.05 7.77
C PHE B 50 -12.24 6.02 6.89
N GLU B 51 -11.39 7.03 7.02
CA GLU B 51 -10.13 7.05 6.31
C GLU B 51 -9.00 7.34 7.29
N ASN B 52 -8.11 6.36 7.44
CA ASN B 52 -7.00 6.45 8.37
C ASN B 52 -5.94 7.46 7.93
N LYS B 53 -5.82 8.54 8.70
CA LYS B 53 -4.79 9.54 8.46
C LYS B 53 -3.72 9.47 9.55
N THR B 54 -3.80 8.43 10.39
CA THR B 54 -2.90 8.27 11.54
C THR B 54 -1.75 7.31 11.22
N THR B 55 -0.77 7.25 12.12
CA THR B 55 0.32 6.27 12.01
C THR B 55 -0.01 4.96 12.73
N LEU B 56 -1.26 4.83 13.19
CA LEU B 56 -1.75 3.60 13.81
C LEU B 56 -2.36 2.69 12.74
N PRO B 57 -2.35 1.36 12.97
CA PRO B 57 -3.13 0.42 12.16
C PRO B 57 -4.58 0.84 11.95
N VAL B 58 -5.05 0.75 10.70
CA VAL B 58 -6.38 1.20 10.28
C VAL B 58 -7.53 0.88 11.25
N ASN B 59 -7.61 -0.37 11.69
CA ASN B 59 -8.66 -0.81 12.59
C ASN B 59 -8.56 -0.22 14.00
N VAL B 60 -7.34 0.11 14.41
CA VAL B 60 -7.10 0.72 15.71
C VAL B 60 -7.53 2.19 15.70
N ALA B 61 -7.04 2.93 14.70
CA ALA B 61 -7.39 4.35 14.55
C ALA B 61 -8.90 4.50 14.44
N PHE B 62 -9.52 3.58 13.72
CA PHE B 62 -10.96 3.50 13.56
C PHE B 62 -11.68 3.35 14.91
N GLU B 63 -11.24 2.42 15.74
CA GLU B 63 -11.81 2.22 17.08
C GLU B 63 -11.70 3.50 17.91
N LEU B 64 -10.55 4.17 17.85
CA LEU B 64 -10.33 5.39 18.62
C LEU B 64 -11.18 6.56 18.12
N TRP B 65 -11.18 6.78 16.80
CA TRP B 65 -12.02 7.81 16.20
C TRP B 65 -13.48 7.65 16.60
N ALA B 66 -14.00 6.42 16.46
CA ALA B 66 -15.36 6.12 16.82
C ALA B 66 -15.64 6.43 18.29
N LYS B 67 -14.61 6.29 19.12
CA LYS B 67 -14.70 6.53 20.54
C LYS B 67 -14.34 7.97 20.94
N ARG B 68 -14.36 8.88 19.97
CA ARG B 68 -14.24 10.33 20.20
C ARG B 68 -14.94 10.74 21.47
N ASN B 69 -14.38 11.72 22.18
CA ASN B 69 -15.17 12.44 23.16
C ASN B 69 -16.01 13.47 22.43
N ILE B 70 -17.33 13.29 22.46
CA ILE B 70 -18.25 14.16 21.70
C ILE B 70 -18.85 15.31 22.51
N LYS B 71 -18.56 15.35 23.81
CA LYS B 71 -18.91 16.49 24.64
C LYS B 71 -17.88 17.60 24.42
N PRO B 72 -18.20 18.84 24.83
CA PRO B 72 -17.18 19.90 24.85
C PRO B 72 -15.89 19.43 25.49
N VAL B 73 -14.78 19.62 24.79
CA VAL B 73 -13.46 19.27 25.31
C VAL B 73 -12.47 20.41 25.07
N PRO B 74 -11.44 20.54 25.93
CA PRO B 74 -10.40 21.54 25.73
C PRO B 74 -9.72 21.39 24.38
N GLU B 75 -9.39 22.54 23.78
CA GLU B 75 -8.55 22.56 22.58
C GLU B 75 -7.20 21.99 22.93
N ILE B 76 -6.65 21.21 22.00
CA ILE B 76 -5.43 20.43 22.24
C ILE B 76 -4.21 21.26 22.65
N LYS B 77 -4.15 22.51 22.19
CA LYS B 77 -3.07 23.41 22.57
C LYS B 77 -3.04 23.67 24.08
N ILE B 78 -4.21 23.81 24.70
CA ILE B 78 -4.30 23.96 26.15
C ILE B 78 -3.76 22.71 26.82
N LEU B 79 -4.23 21.55 26.36
CA LEU B 79 -3.79 20.26 26.89
C LEU B 79 -2.29 20.08 26.72
N ASN B 80 -1.78 20.41 25.54
CA ASN B 80 -0.34 20.35 25.26
C ASN B 80 0.48 21.24 26.19
N ASN B 81 0.05 22.50 26.33
CA ASN B 81 0.72 23.48 27.17
C ASN B 81 0.72 23.13 28.65
N LEU B 82 -0.24 22.31 29.06
CA LEU B 82 -0.36 21.86 30.45
C LEU B 82 0.42 20.58 30.74
N GLY B 83 0.97 19.97 29.69
CA GLY B 83 1.75 18.74 29.83
C GLY B 83 0.95 17.45 29.75
N VAL B 84 -0.32 17.55 29.32
CA VAL B 84 -1.19 16.38 29.25
C VAL B 84 -0.61 15.31 28.32
N ASP B 85 -0.38 14.12 28.86
CA ASP B 85 0.24 13.02 28.11
C ASP B 85 -0.79 12.01 27.62
N ILE B 86 -1.91 11.91 28.34
CA ILE B 86 -2.89 10.87 28.14
C ILE B 86 -4.21 11.30 28.76
N ALA B 87 -5.32 10.70 28.32
CA ALA B 87 -6.62 10.99 28.91
C ALA B 87 -7.17 9.79 29.65
N ALA B 88 -7.87 10.05 30.76
CA ALA B 88 -8.52 9.00 31.52
C ALA B 88 -9.84 8.60 30.86
N ASN B 89 -9.86 7.41 30.28
CA ASN B 89 -11.09 6.74 29.82
C ASN B 89 -11.92 7.50 28.80
N THR B 90 -11.24 8.09 27.81
CA THR B 90 -11.87 8.75 26.68
C THR B 90 -10.83 8.91 25.58
N VAL B 91 -11.22 9.50 24.45
CA VAL B 91 -10.27 9.87 23.40
C VAL B 91 -10.49 11.32 22.98
N ILE B 92 -9.43 12.13 23.10
CA ILE B 92 -9.49 13.51 22.64
C ILE B 92 -8.97 13.51 21.21
N TRP B 93 -9.89 13.67 20.27
CA TRP B 93 -9.58 13.57 18.86
C TRP B 93 -9.12 14.92 18.29
N ASP B 94 -7.91 14.93 17.72
CA ASP B 94 -7.39 16.10 17.02
C ASP B 94 -8.01 16.12 15.63
N TYR B 95 -9.01 16.97 15.45
CA TYR B 95 -9.79 16.99 14.20
C TYR B 95 -9.04 17.53 12.99
N LYS B 96 -8.03 18.38 13.23
CA LYS B 96 -7.30 18.97 12.11
C LYS B 96 -6.11 18.12 11.65
N ARG B 97 -5.67 17.19 12.50
CA ARG B 97 -4.71 16.17 12.09
C ARG B 97 -5.42 14.86 11.74
N GLU B 98 -6.73 14.83 11.97
CA GLU B 98 -7.54 13.62 11.82
C GLU B 98 -6.83 12.44 12.50
N ALA B 99 -6.48 12.65 13.77
CA ALA B 99 -5.70 11.70 14.56
C ALA B 99 -6.00 11.86 16.06
N PRO B 100 -5.63 10.85 16.89
CA PRO B 100 -5.78 11.04 18.33
C PRO B 100 -4.77 12.05 18.85
N ALA B 101 -5.14 12.78 19.89
CA ALA B 101 -4.27 13.79 20.47
C ALA B 101 -3.14 13.16 21.26
N HIS B 102 -3.35 11.92 21.72
CA HIS B 102 -2.38 11.29 22.60
C HIS B 102 -1.93 9.91 22.14
N VAL B 103 -0.68 9.60 22.48
CA VAL B 103 0.00 8.37 22.07
C VAL B 103 -0.78 7.13 22.49
N SER B 104 -0.97 6.97 23.80
CA SER B 104 -1.60 5.80 24.37
C SER B 104 -2.98 6.09 24.93
N THR B 105 -3.53 5.12 25.65
CA THR B 105 -4.92 5.15 26.07
C THR B 105 -5.14 4.54 27.46
N ILE B 106 -6.26 4.90 28.11
CA ILE B 106 -6.64 4.30 29.39
C ILE B 106 -8.09 3.81 29.34
N GLY B 107 -8.25 2.50 29.30
CA GLY B 107 -9.58 1.86 29.32
C GLY B 107 -10.46 2.13 28.10
N VAL B 108 -9.82 2.32 26.95
CA VAL B 108 -10.54 2.68 25.73
C VAL B 108 -10.43 1.55 24.70
N CYS B 109 -9.19 1.19 24.35
CA CYS B 109 -8.94 0.21 23.31
C CYS B 109 -7.79 -0.70 23.72
N THR B 110 -8.10 -1.98 23.88
CA THR B 110 -7.14 -2.98 24.36
C THR B 110 -5.81 -2.99 23.60
N MET B 111 -5.82 -2.48 22.37
CA MET B 111 -4.60 -2.38 21.56
C MET B 111 -3.68 -1.21 21.92
N THR B 112 -4.25 -0.15 22.49
CA THR B 112 -3.47 1.07 22.79
C THR B 112 -3.42 1.41 24.27
N ASP B 113 -4.40 0.92 25.03
CA ASP B 113 -4.43 1.03 26.49
C ASP B 113 -3.08 0.72 27.12
N ILE B 114 -2.66 1.53 28.08
CA ILE B 114 -1.52 1.19 28.94
C ILE B 114 -2.02 0.84 30.34
N ALA B 115 -3.33 0.99 30.53
CA ALA B 115 -4.02 0.66 31.77
C ALA B 115 -5.51 0.54 31.47
N LYS B 116 -6.27 -0.06 32.37
CA LYS B 116 -7.72 -0.08 32.25
C LYS B 116 -8.34 0.99 33.13
N LYS B 117 -7.57 1.40 34.15
CA LYS B 117 -7.95 2.45 35.08
C LYS B 117 -6.79 3.43 35.26
N PRO B 118 -7.10 4.75 35.40
CA PRO B 118 -6.10 5.83 35.32
C PRO B 118 -5.10 5.83 36.47
N THR B 119 -5.44 5.17 37.56
CA THR B 119 -4.59 5.18 38.75
C THR B 119 -3.70 3.94 38.85
N GLU B 120 -3.61 3.18 37.76
CA GLU B 120 -2.69 2.04 37.68
C GLU B 120 -1.24 2.53 37.68
N SER B 121 -0.31 1.62 37.96
CA SER B 121 1.12 1.94 38.07
C SER B 121 1.70 2.59 36.82
N ALA B 122 1.21 2.20 35.65
CA ALA B 122 1.77 2.67 34.37
C ALA B 122 1.38 4.11 34.03
N CYS B 123 0.40 4.66 34.75
CA CYS B 123 -0.01 6.05 34.59
C CYS B 123 0.65 6.96 35.62
N SER B 124 1.33 6.34 36.59
CA SER B 124 1.97 7.04 37.70
C SER B 124 2.81 8.24 37.26
N SER B 125 3.65 8.02 36.25
CA SER B 125 4.58 9.03 35.78
C SER B 125 4.01 9.97 34.71
N LEU B 126 2.76 9.73 34.32
CA LEU B 126 2.12 10.48 33.24
C LEU B 126 1.14 11.52 33.74
N THR B 127 1.15 12.70 33.13
CA THR B 127 0.15 13.72 33.39
C THR B 127 -1.15 13.34 32.66
N VAL B 128 -2.12 12.89 33.45
CA VAL B 128 -3.38 12.32 32.96
C VAL B 128 -4.49 13.35 33.00
N LEU B 129 -5.23 13.49 31.90
CA LEU B 129 -6.40 14.37 31.88
C LEU B 129 -7.59 13.69 32.55
N PHE B 130 -8.09 14.31 33.62
CA PHE B 130 -9.30 13.87 34.29
C PHE B 130 -10.45 14.84 34.00
N ASP B 131 -11.64 14.29 33.78
CA ASP B 131 -12.84 15.06 33.47
C ASP B 131 -13.81 15.00 34.65
N GLY B 132 -14.01 16.13 35.30
CA GLY B 132 -14.90 16.24 36.46
C GLY B 132 -16.35 15.92 36.15
N ARG B 133 -16.72 16.06 34.89
CA ARG B 133 -18.09 15.79 34.44
C ARG B 133 -18.46 14.32 34.50
N VAL B 134 -17.47 13.44 34.50
CA VAL B 134 -17.75 12.01 34.64
C VAL B 134 -17.57 11.51 36.08
N GLU B 135 -18.45 10.61 36.50
CA GLU B 135 -18.54 10.13 37.88
C GLU B 135 -17.21 9.70 38.48
N GLY B 136 -16.80 10.40 39.53
CA GLY B 136 -15.69 9.97 40.37
C GLY B 136 -14.30 10.26 39.84
N GLN B 137 -14.18 11.14 38.84
CA GLN B 137 -12.84 11.46 38.33
C GLN B 137 -12.13 12.53 39.15
N VAL B 138 -12.92 13.36 39.85
CA VAL B 138 -12.36 14.31 40.80
C VAL B 138 -11.54 13.57 41.87
N ASP B 139 -12.16 12.58 42.50
CA ASP B 139 -11.51 11.81 43.56
C ASP B 139 -10.36 10.94 43.05
N LEU B 140 -10.41 10.60 41.76
CA LEU B 140 -9.29 9.92 41.12
C LEU B 140 -8.11 10.88 40.99
N PHE B 141 -8.39 12.10 40.53
CA PHE B 141 -7.40 13.16 40.43
C PHE B 141 -6.81 13.52 41.79
N ARG B 142 -7.66 13.49 42.83
CA ARG B 142 -7.27 13.86 44.19
C ARG B 142 -6.06 13.08 44.72
N ASN B 143 -5.92 11.82 44.29
CA ASN B 143 -4.82 10.98 44.74
C ASN B 143 -3.96 10.42 43.60
N ALA B 144 -3.86 11.19 42.52
CA ALA B 144 -3.04 10.83 41.36
C ALA B 144 -1.76 11.65 41.36
N ARG B 145 -0.63 11.00 41.06
CA ARG B 145 0.68 11.67 41.09
C ARG B 145 0.75 12.84 40.11
N ASN B 146 0.44 12.57 38.84
CA ASN B 146 0.40 13.62 37.81
C ASN B 146 -0.93 13.62 37.07
N GLY B 147 -1.45 14.81 36.83
CA GLY B 147 -2.72 14.94 36.13
C GLY B 147 -3.22 16.35 36.00
N VAL B 148 -4.27 16.50 35.21
CA VAL B 148 -4.99 17.75 35.06
C VAL B 148 -6.48 17.43 35.21
N LEU B 149 -7.17 18.25 35.99
CA LEU B 149 -8.61 18.09 36.13
C LEU B 149 -9.35 19.27 35.53
N ILE B 150 -10.35 18.96 34.71
CA ILE B 150 -11.25 19.96 34.15
C ILE B 150 -12.64 19.76 34.76
N THR B 151 -13.22 20.84 35.27
CA THR B 151 -14.57 20.77 35.85
C THR B 151 -15.44 21.95 35.40
N GLU B 152 -16.75 21.77 35.57
CA GLU B 152 -17.75 22.80 35.28
C GLU B 152 -18.07 23.62 36.52
N GLY B 153 -17.97 22.99 37.69
CA GLY B 153 -18.31 23.64 38.96
C GLY B 153 -17.12 23.68 39.89
N SER B 154 -17.34 24.24 41.08
CA SER B 154 -16.30 24.35 42.11
C SER B 154 -15.85 22.96 42.55
N VAL B 155 -14.60 22.85 42.99
CA VAL B 155 -14.10 21.61 43.56
C VAL B 155 -13.69 21.83 45.01
N LYS B 156 -14.27 21.06 45.93
CA LYS B 156 -14.03 21.26 47.35
C LYS B 156 -12.54 21.18 47.69
N GLY B 157 -12.05 22.18 48.40
CA GLY B 157 -10.67 22.21 48.89
C GLY B 157 -9.62 22.73 47.93
N LEU B 158 -10.02 23.03 46.68
CA LEU B 158 -9.06 23.40 45.63
C LEU B 158 -9.37 24.72 44.92
N THR B 159 -8.33 25.53 44.71
CA THR B 159 -8.47 26.79 44.01
C THR B 159 -8.50 26.57 42.49
N PRO B 160 -9.52 27.12 41.81
CA PRO B 160 -9.63 26.94 40.37
C PRO B 160 -8.85 27.98 39.57
N SER B 161 -8.41 27.59 38.38
CA SER B 161 -7.94 28.52 37.37
C SER B 161 -8.98 28.53 36.26
N LYS B 162 -9.60 29.69 36.05
CA LYS B 162 -10.61 29.85 35.02
C LYS B 162 -9.95 29.70 33.66
N GLY B 163 -10.35 28.65 32.94
CA GLY B 163 -9.79 28.34 31.63
C GLY B 163 -10.32 29.27 30.56
N PRO B 164 -10.14 28.90 29.28
CA PRO B 164 -10.60 29.75 28.19
C PRO B 164 -12.11 29.60 27.96
N ALA B 165 -12.72 30.62 27.38
CA ALA B 165 -14.15 30.60 27.07
C ALA B 165 -14.51 29.50 26.06
N GLN B 166 -13.65 29.29 25.05
CA GLN B 166 -13.91 28.31 24.00
C GLN B 166 -13.54 26.91 24.43
N ALA B 167 -14.29 25.94 23.90
CA ALA B 167 -13.85 24.55 23.88
C ALA B 167 -14.12 23.96 22.51
N SER B 168 -13.70 22.72 22.31
CA SER B 168 -13.95 22.01 21.06
C SER B 168 -15.14 21.07 21.24
N VAL B 169 -16.14 21.25 20.37
CA VAL B 169 -17.32 20.41 20.36
C VAL B 169 -17.40 19.77 18.98
N ASN B 170 -16.99 18.52 18.88
CA ASN B 170 -16.97 17.79 17.61
C ASN B 170 -16.13 18.46 16.54
N GLY B 171 -14.97 18.96 16.94
CA GLY B 171 -14.07 19.63 16.00
C GLY B 171 -14.43 21.07 15.73
N VAL B 172 -15.65 21.46 16.12
CA VAL B 172 -16.06 22.85 16.03
C VAL B 172 -15.63 23.55 17.31
N THR B 173 -14.75 24.54 17.18
CA THR B 173 -14.30 25.29 18.36
C THR B 173 -15.15 26.56 18.54
N LEU B 174 -15.82 26.64 19.69
CA LEU B 174 -16.93 27.60 19.91
C LEU B 174 -17.11 28.01 21.38
N ILE B 175 -17.81 29.12 21.58
CA ILE B 175 -18.25 29.53 22.91
C ILE B 175 -19.66 29.01 23.13
N GLY B 176 -19.82 28.13 24.11
CA GLY B 176 -21.08 27.46 24.37
C GLY B 176 -22.19 28.38 24.81
N GLU B 177 -23.43 27.98 24.56
CA GLU B 177 -24.62 28.75 24.93
C GLU B 177 -25.67 27.82 25.52
N SER B 178 -25.86 26.68 24.86
CA SER B 178 -26.76 25.63 25.32
C SER B 178 -25.93 24.52 25.94
N VAL B 179 -24.63 24.79 26.09
CA VAL B 179 -23.68 23.83 26.61
C VAL B 179 -22.47 24.59 27.18
N LYS B 180 -21.87 24.04 28.23
CA LYS B 180 -20.76 24.72 28.91
C LYS B 180 -19.41 24.40 28.25
N THR B 181 -18.69 25.45 27.84
CA THR B 181 -17.39 25.30 27.17
C THR B 181 -16.21 25.75 28.03
N GLN B 182 -16.48 26.57 29.05
CA GLN B 182 -15.42 27.10 29.90
C GLN B 182 -15.25 26.26 31.17
N PHE B 183 -14.06 25.69 31.32
CA PHE B 183 -13.77 24.78 32.44
C PHE B 183 -12.91 25.44 33.52
N ASN B 184 -12.96 24.88 34.72
CA ASN B 184 -11.98 25.17 35.77
C ASN B 184 -10.84 24.18 35.64
N TYR B 185 -9.61 24.66 35.72
CA TYR B 185 -8.44 23.79 35.59
C TYR B 185 -7.71 23.61 36.92
N PHE B 186 -7.29 22.38 37.17
CA PHE B 186 -6.51 22.03 38.34
C PHE B 186 -5.36 21.16 37.88
N LYS B 187 -4.18 21.37 38.44
CA LYS B 187 -3.00 20.61 38.06
C LYS B 187 -2.30 20.00 39.27
N LYS B 188 -1.77 18.80 39.08
CA LYS B 188 -1.09 18.05 40.12
C LYS B 188 0.22 17.53 39.54
N VAL B 189 1.34 17.84 40.19
CA VAL B 189 2.64 17.37 39.72
C VAL B 189 3.39 16.66 40.85
N ASP B 190 3.92 15.48 40.55
CA ASP B 190 4.66 14.65 41.50
C ASP B 190 3.97 14.54 42.88
N GLY B 191 2.65 14.43 42.86
CA GLY B 191 1.86 14.26 44.09
C GLY B 191 1.31 15.53 44.73
N ILE B 192 1.84 16.68 44.32
CA ILE B 192 1.46 17.95 44.94
C ILE B 192 0.58 18.81 44.03
N ILE B 193 -0.36 19.54 44.63
CA ILE B 193 -1.20 20.48 43.90
C ILE B 193 -0.36 21.68 43.44
N GLN B 194 -0.51 22.02 42.17
CA GLN B 194 0.18 23.15 41.56
C GLN B 194 -0.78 24.29 41.33
N GLN B 195 -0.29 25.52 41.48
CA GLN B 195 -1.07 26.69 41.10
C GLN B 195 -0.71 27.06 39.67
N LEU B 196 -1.73 27.06 38.81
CA LEU B 196 -1.54 27.41 37.41
C LEU B 196 -1.24 28.89 37.28
N PRO B 197 -0.47 29.29 36.24
CA PRO B 197 -0.10 30.70 36.15
C PRO B 197 -1.28 31.56 35.70
N GLU B 198 -1.21 32.84 36.00
CA GLU B 198 -2.10 33.81 35.40
C GLU B 198 -1.75 33.84 33.91
N THR B 199 -2.75 33.62 33.05
CA THR B 199 -2.50 33.61 31.59
C THR B 199 -3.46 34.46 30.78
N TYR B 200 -3.00 34.86 29.61
CA TYR B 200 -3.89 35.31 28.56
C TYR B 200 -4.33 34.07 27.79
N PHE B 201 -5.43 34.18 27.08
CA PHE B 201 -5.91 33.09 26.25
C PHE B 201 -6.00 33.50 24.79
N THR B 202 -5.51 32.61 23.93
CA THR B 202 -5.62 32.78 22.49
C THR B 202 -7.09 32.73 22.06
N GLN B 203 -7.40 33.42 20.97
CA GLN B 203 -8.79 33.59 20.55
C GLN B 203 -9.31 32.49 19.62
N SER B 204 -8.40 31.75 19.00
CA SER B 204 -8.72 30.54 18.21
C SER B 204 -9.65 30.78 17.02
N ARG B 205 -9.32 31.81 16.23
CA ARG B 205 -10.07 32.12 15.01
C ARG B 205 -9.27 31.77 13.77
N ASP B 206 -9.99 31.34 12.73
CA ASP B 206 -9.39 31.11 11.41
C ASP B 206 -9.33 32.43 10.65
N LEU B 207 -8.65 32.42 9.50
CA LEU B 207 -8.52 33.60 8.65
C LEU B 207 -9.75 33.77 7.75
N GLU B 208 -10.42 32.66 7.45
CA GLU B 208 -11.61 32.67 6.61
C GLU B 208 -12.81 33.29 7.32
N ASP B 209 -13.14 32.76 8.51
CA ASP B 209 -14.33 33.18 9.25
C ASP B 209 -14.05 34.22 10.36
N PHE B 210 -12.98 34.99 10.23
CA PHE B 210 -12.56 35.93 11.29
C PHE B 210 -13.59 37.01 11.57
N LYS B 211 -14.07 37.04 12.81
CA LYS B 211 -14.98 38.08 13.29
C LYS B 211 -14.30 38.86 14.42
N PRO B 212 -14.54 40.18 14.49
CA PRO B 212 -13.98 41.01 15.57
C PRO B 212 -14.73 40.74 16.88
N ARG B 213 -14.06 40.94 18.00
CA ARG B 213 -14.59 40.50 19.28
C ARG B 213 -14.60 41.60 20.36
N SER B 214 -14.30 42.83 19.94
CA SER B 214 -14.34 44.01 20.82
C SER B 214 -14.44 45.27 19.97
N GLN B 215 -14.79 46.39 20.61
CA GLN B 215 -14.87 47.68 19.92
C GLN B 215 -13.54 48.05 19.26
N MET B 216 -12.45 47.80 19.99
CA MET B 216 -11.09 48.07 19.51
C MET B 216 -10.74 47.24 18.27
N GLU B 217 -11.22 46.00 18.24
CA GLU B 217 -10.99 45.11 17.10
C GLU B 217 -11.80 45.57 15.88
N THR B 218 -13.08 45.87 16.10
CA THR B 218 -13.94 46.45 15.06
C THR B 218 -13.28 47.69 14.47
N ASP B 219 -12.76 48.55 15.35
CA ASP B 219 -12.05 49.76 14.93
C ASP B 219 -10.77 49.46 14.18
N PHE B 220 -10.11 48.34 14.50
CA PHE B 220 -8.87 47.95 13.84
C PHE B 220 -9.09 47.60 12.37
N LEU B 221 -10.20 46.94 12.09
CA LEU B 221 -10.50 46.52 10.72
C LEU B 221 -11.04 47.65 9.85
N GLU B 222 -11.89 48.50 10.43
CA GLU B 222 -12.58 49.55 9.67
C GLU B 222 -11.74 50.80 9.35
N LEU B 223 -10.95 51.27 10.31
CA LEU B 223 -10.20 52.53 10.17
C LEU B 223 -8.79 52.36 9.60
N ALA B 224 -8.26 53.45 9.04
CA ALA B 224 -6.90 53.47 8.50
C ALA B 224 -5.84 53.32 9.59
N MET B 225 -4.64 52.90 9.18
CA MET B 225 -3.53 52.63 10.10
C MET B 225 -3.33 53.75 11.13
N ASP B 226 -2.99 54.94 10.66
CA ASP B 226 -2.65 56.05 11.56
C ASP B 226 -3.83 56.68 12.29
N GLU B 227 -5.04 56.58 11.72
CA GLU B 227 -6.24 57.06 12.42
C GLU B 227 -6.67 56.13 13.55
N PHE B 228 -6.25 54.86 13.47
CA PHE B 228 -6.45 53.93 14.58
C PHE B 228 -5.39 54.15 15.66
N ILE B 229 -4.13 54.17 15.24
CA ILE B 229 -3.00 54.40 16.15
C ILE B 229 -3.26 55.64 17.00
N GLN B 230 -3.89 56.65 16.39
CA GLN B 230 -4.27 57.88 17.09
C GLN B 230 -5.41 57.68 18.09
N ARG B 231 -6.51 57.08 17.66
CA ARG B 231 -7.70 56.93 18.52
C ARG B 231 -7.38 56.28 19.86
N TYR B 232 -6.62 55.19 19.82
CA TYR B 232 -6.30 54.42 21.02
C TYR B 232 -4.92 54.78 21.58
N LYS B 233 -4.44 55.97 21.22
CA LYS B 233 -3.23 56.56 21.79
C LYS B 233 -2.08 55.56 21.81
N LEU B 234 -1.76 55.03 20.64
CA LEU B 234 -0.83 53.93 20.50
C LEU B 234 0.51 54.29 19.87
N GLU B 235 0.72 55.58 19.59
CA GLU B 235 1.99 56.05 19.03
C GLU B 235 3.16 55.72 19.96
N GLY B 236 4.25 55.24 19.36
CA GLY B 236 5.42 54.82 20.12
C GLY B 236 5.43 53.34 20.46
N TYR B 237 4.37 52.64 20.10
CA TYR B 237 4.29 51.19 20.32
C TYR B 237 4.43 50.40 19.01
N ALA B 238 4.71 51.12 17.93
CA ALA B 238 5.07 50.55 16.64
C ALA B 238 4.13 49.43 16.17
N PHE B 239 2.87 49.76 16.00
CA PHE B 239 1.90 48.83 15.46
C PHE B 239 2.17 48.49 13.99
N GLU B 240 2.78 49.43 13.28
CA GLU B 240 3.14 49.25 11.87
C GLU B 240 4.21 48.17 11.65
N ALA B 241 5.16 48.06 12.59
CA ALA B 241 6.24 47.08 12.49
C ALA B 241 5.94 45.76 13.19
N ILE B 242 4.91 45.75 14.05
CA ILE B 242 4.57 44.57 14.84
C ILE B 242 3.26 43.92 14.39
N VAL B 243 2.18 44.68 14.44
CA VAL B 243 0.86 44.15 14.18
C VAL B 243 0.50 44.17 12.69
N TYR B 244 0.62 45.33 12.07
CA TYR B 244 0.04 45.62 10.76
C TYR B 244 0.49 44.75 9.58
N GLY B 245 1.80 44.57 9.43
CA GLY B 245 2.34 43.83 8.30
C GLY B 245 2.92 44.72 7.22
N ASP B 246 4.15 44.41 6.82
CA ASP B 246 4.84 45.18 5.80
C ASP B 246 4.95 44.41 4.47
N PHE B 247 4.25 44.92 3.47
CA PHE B 247 4.12 44.25 2.17
C PHE B 247 4.86 44.98 1.06
N SER B 248 5.62 46.01 1.43
CA SER B 248 6.32 46.85 0.45
C SER B 248 7.65 46.27 -0.04
N HIS B 249 8.22 45.34 0.73
CA HIS B 249 9.50 44.71 0.39
C HIS B 249 9.32 43.29 -0.15
N GLY B 250 10.38 42.74 -0.75
CA GLY B 250 10.40 41.35 -1.21
C GLY B 250 10.18 40.39 -0.05
N GLN B 251 10.85 40.68 1.06
CA GLN B 251 10.65 39.98 2.33
C GLN B 251 9.48 40.61 3.09
N LEU B 252 8.72 39.76 3.78
CA LEU B 252 7.53 40.16 4.53
C LEU B 252 7.88 40.67 5.93
N GLY B 253 7.18 41.71 6.38
CA GLY B 253 7.38 42.27 7.71
C GLY B 253 6.06 42.40 8.45
N GLY B 254 6.13 42.91 9.68
CA GLY B 254 4.96 43.06 10.56
C GLY B 254 4.22 41.74 10.72
N LEU B 255 2.89 41.80 10.68
CA LEU B 255 2.02 40.61 10.59
C LEU B 255 2.26 39.51 11.63
N HIS B 256 2.48 39.92 12.88
CA HIS B 256 2.70 38.94 13.94
C HIS B 256 1.41 38.43 14.58
N LEU B 257 0.39 39.27 14.61
CA LEU B 257 -0.91 38.88 15.16
C LEU B 257 -1.89 38.44 14.08
N MET B 258 -2.84 37.58 14.47
CA MET B 258 -3.83 37.03 13.55
C MET B 258 -4.80 38.08 13.01
N ILE B 259 -5.16 39.05 13.85
CA ILE B 259 -6.08 40.12 13.44
C ILE B 259 -5.45 41.01 12.35
N GLY B 260 -4.15 41.27 12.47
CA GLY B 260 -3.39 42.02 11.49
C GLY B 260 -3.42 41.35 10.12
N LEU B 261 -3.47 40.01 10.13
CA LEU B 261 -3.62 39.23 8.91
C LEU B 261 -5.00 39.42 8.28
N ALA B 262 -6.04 39.31 9.11
CA ALA B 262 -7.43 39.48 8.65
C ALA B 262 -7.67 40.86 8.01
N LYS B 263 -6.84 41.83 8.37
CA LYS B 263 -6.92 43.18 7.80
C LYS B 263 -6.60 43.17 6.31
N ARG B 264 -5.43 42.63 5.95
CA ARG B 264 -5.06 42.47 4.53
C ARG B 264 -6.04 41.59 3.78
N SER B 265 -6.55 40.56 4.46
CA SER B 265 -7.51 39.61 3.90
C SER B 265 -8.73 40.29 3.29
N GLN B 266 -9.01 41.52 3.72
CA GLN B 266 -10.12 42.30 3.16
C GLN B 266 -9.78 42.84 1.78
N ASP B 267 -8.50 43.15 1.56
CA ASP B 267 -8.01 43.65 0.27
C ASP B 267 -7.45 42.54 -0.61
N SER B 268 -6.55 41.76 -0.04
CA SER B 268 -5.73 40.80 -0.79
C SER B 268 -5.71 39.44 -0.11
N PRO B 269 -5.80 38.36 -0.92
CA PRO B 269 -5.72 37.01 -0.36
C PRO B 269 -4.31 36.66 0.09
N LEU B 270 -4.21 35.83 1.13
CA LEU B 270 -2.92 35.37 1.64
C LEU B 270 -2.85 33.85 1.64
N LYS B 271 -1.76 33.31 1.12
CA LYS B 271 -1.48 31.89 1.28
C LYS B 271 -0.66 31.66 2.55
N LEU B 272 -1.15 30.76 3.39
CA LEU B 272 -0.45 30.37 4.60
C LEU B 272 -0.11 28.89 4.53
N GLU B 273 1.17 28.60 4.25
CA GLU B 273 1.64 27.22 4.32
C GLU B 273 1.84 26.83 5.78
N ASP B 274 1.02 25.89 6.23
CA ASP B 274 1.10 25.36 7.59
C ASP B 274 2.13 24.23 7.60
N PHE B 275 3.41 24.58 7.58
CA PHE B 275 4.46 23.58 7.39
C PHE B 275 4.55 22.52 8.49
N ILE B 276 4.13 22.87 9.70
CA ILE B 276 4.01 21.91 10.79
C ILE B 276 2.55 21.89 11.29
N PRO B 277 1.67 21.14 10.59
CA PRO B 277 0.23 21.23 10.79
C PRO B 277 -0.30 20.59 12.08
N MET B 278 0.15 21.15 13.21
CA MET B 278 -0.29 20.77 14.55
C MET B 278 -0.74 22.07 15.25
N ASP B 279 -1.83 22.01 16.00
CA ASP B 279 -2.34 23.23 16.66
C ASP B 279 -1.51 23.63 17.88
N SER B 280 -1.06 24.87 17.87
CA SER B 280 -0.25 25.42 18.95
C SER B 280 -0.56 26.89 19.18
N THR B 281 -0.20 27.39 20.36
CA THR B 281 -0.46 28.78 20.73
C THR B 281 0.22 29.75 19.76
N VAL B 282 1.49 29.49 19.45
CA VAL B 282 2.20 30.24 18.43
C VAL B 282 2.28 29.37 17.18
N LYS B 283 1.58 29.78 16.14
CA LYS B 283 1.67 29.11 14.84
C LYS B 283 2.69 29.82 13.95
N ASN B 284 3.56 29.05 13.30
CA ASN B 284 4.43 29.62 12.28
C ASN B 284 3.94 29.23 10.90
N TYR B 285 3.70 30.23 10.05
CA TYR B 285 3.30 29.99 8.66
C TYR B 285 4.33 30.50 7.68
N PHE B 286 4.40 29.82 6.54
CA PHE B 286 5.19 30.29 5.40
C PHE B 286 4.23 31.09 4.53
N ILE B 287 4.20 32.41 4.73
CA ILE B 287 3.17 33.28 4.15
C ILE B 287 3.58 33.93 2.83
N THR B 288 2.64 33.97 1.89
CA THR B 288 2.80 34.65 0.62
C THR B 288 1.62 35.59 0.41
N ASP B 289 1.93 36.84 0.07
CA ASP B 289 0.90 37.84 -0.26
C ASP B 289 0.64 37.88 -1.76
N ALA B 290 -0.62 37.72 -2.14
CA ALA B 290 -1.02 37.68 -3.55
C ALA B 290 -0.82 39.04 -4.24
N GLN B 291 -1.19 40.12 -3.56
CA GLN B 291 -1.13 41.46 -4.16
C GLN B 291 0.28 41.89 -4.54
N THR B 292 1.24 41.65 -3.66
CA THR B 292 2.58 42.21 -3.83
C THR B 292 3.64 41.23 -4.32
N GLY B 293 3.57 40.00 -3.82
CA GLY B 293 4.60 39.00 -4.09
C GLY B 293 5.48 38.82 -2.87
N SER B 294 5.27 39.69 -1.89
CA SER B 294 5.97 39.65 -0.61
C SER B 294 5.73 38.33 0.11
N SER B 295 6.82 37.66 0.48
CA SER B 295 6.71 36.37 1.17
C SER B 295 7.73 36.22 2.29
N LYS B 296 7.35 35.44 3.30
CA LYS B 296 8.20 35.15 4.45
C LYS B 296 7.92 33.73 4.93
N CYS B 297 8.93 32.88 4.86
CA CYS B 297 8.86 31.59 5.54
C CYS B 297 9.16 31.83 7.01
N VAL B 298 8.59 30.98 7.88
CA VAL B 298 8.55 31.22 9.33
C VAL B 298 8.17 32.66 9.69
N CYS B 299 6.88 32.95 9.52
CA CYS B 299 6.24 34.14 10.04
C CYS B 299 5.34 33.69 11.18
N SER B 300 5.78 33.94 12.41
CA SER B 300 5.04 33.56 13.61
C SER B 300 3.79 34.42 13.77
N VAL B 301 2.68 33.75 14.11
CA VAL B 301 1.36 34.37 14.15
C VAL B 301 0.59 33.86 15.36
N ILE B 302 -0.06 34.78 16.08
CA ILE B 302 -0.77 34.44 17.32
C ILE B 302 -2.04 35.28 17.45
N ASP B 303 -3.15 34.60 17.75
CA ASP B 303 -4.47 35.26 17.83
C ASP B 303 -4.83 35.72 19.25
N LEU B 304 -4.31 36.87 19.65
CA LEU B 304 -4.71 37.51 20.89
C LEU B 304 -5.72 38.59 20.57
N LEU B 305 -6.69 38.79 21.46
CA LEU B 305 -7.53 39.99 21.41
C LEU B 305 -6.60 41.19 21.27
N LEU B 306 -6.92 42.11 20.38
CA LEU B 306 -6.13 43.33 20.29
C LEU B 306 -5.97 43.99 21.66
N ASP B 307 -7.07 44.03 22.42
CA ASP B 307 -7.10 44.62 23.76
C ASP B 307 -6.04 43.99 24.64
N ASP B 308 -6.02 42.66 24.67
CA ASP B 308 -4.98 41.92 25.38
C ASP B 308 -3.60 42.32 24.91
N PHE B 309 -3.40 42.45 23.60
CA PHE B 309 -2.09 42.83 23.07
C PHE B 309 -1.70 44.24 23.47
N VAL B 310 -2.63 45.18 23.29
CA VAL B 310 -2.42 46.57 23.72
C VAL B 310 -2.01 46.59 25.19
N GLU B 311 -2.76 45.87 26.02
CA GLU B 311 -2.44 45.72 27.43
C GLU B 311 -1.05 45.09 27.69
N ILE B 312 -0.66 44.13 26.86
CA ILE B 312 0.68 43.55 26.96
C ILE B 312 1.72 44.64 26.75
N ILE B 313 1.68 45.26 25.58
CA ILE B 313 2.69 46.23 25.15
C ILE B 313 2.66 47.55 25.95
N LYS B 314 1.48 47.96 26.40
CA LYS B 314 1.34 49.21 27.17
C LYS B 314 1.89 49.09 28.60
N SER B 315 2.02 47.86 29.09
CA SER B 315 2.57 47.65 30.43
C SER B 315 4.06 47.31 30.37
N GLN B 316 4.76 47.91 29.40
CA GLN B 316 6.16 47.56 29.15
C GLN B 316 7.08 48.75 29.31
N ASP B 317 8.18 48.54 30.04
CA ASP B 317 9.16 49.58 30.32
C ASP B 317 10.05 49.86 29.11
N LEU B 318 9.90 51.07 28.56
CA LEU B 318 10.57 51.46 27.34
C LEU B 318 11.90 52.18 27.61
N SER B 319 12.52 51.86 28.75
CA SER B 319 13.71 52.59 29.21
C SER B 319 15.04 51.87 28.92
N VAL B 320 14.97 50.71 28.28
CA VAL B 320 16.20 49.96 27.95
C VAL B 320 16.25 49.49 26.50
N ILE B 321 17.44 49.15 26.04
CA ILE B 321 17.69 48.74 24.65
C ILE B 321 16.93 47.45 24.31
N SER B 322 17.18 46.38 25.07
CA SER B 322 16.54 45.09 24.81
C SER B 322 16.28 44.25 26.07
N LYS B 323 14.99 43.98 26.30
CA LYS B 323 14.53 43.15 27.41
C LYS B 323 14.09 41.80 26.85
N VAL B 324 14.20 40.75 27.65
CA VAL B 324 13.51 39.51 27.34
C VAL B 324 12.18 39.55 28.07
N VAL B 325 11.08 39.53 27.32
CA VAL B 325 9.76 39.63 27.92
C VAL B 325 9.01 38.30 27.87
N LYS B 326 8.54 37.85 29.02
CA LYS B 326 7.79 36.60 29.13
C LYS B 326 6.32 36.90 29.36
N VAL B 327 5.48 36.44 28.44
CA VAL B 327 4.02 36.53 28.62
C VAL B 327 3.42 35.13 28.69
N THR B 328 2.55 34.91 29.67
CA THR B 328 1.90 33.62 29.82
C THR B 328 0.59 33.61 29.04
N ILE B 329 0.55 32.77 28.00
CA ILE B 329 -0.58 32.64 27.10
C ILE B 329 -0.92 31.17 26.94
N ASP B 330 -2.22 30.85 27.00
CA ASP B 330 -2.71 29.48 26.85
C ASP B 330 -1.96 28.51 27.76
N TYR B 331 -1.67 28.99 28.96
CA TYR B 331 -0.95 28.23 30.01
C TYR B 331 0.53 27.98 29.74
N ALA B 332 1.07 28.58 28.68
CA ALA B 332 2.48 28.45 28.31
C ALA B 332 3.23 29.76 28.49
N GLU B 333 4.51 29.67 28.82
CA GLU B 333 5.38 30.84 28.96
C GLU B 333 6.03 31.17 27.62
N ILE B 334 5.54 32.21 26.96
CA ILE B 334 6.06 32.61 25.65
C ILE B 334 7.11 33.72 25.80
N SER B 335 8.25 33.54 25.14
CA SER B 335 9.35 34.51 25.21
C SER B 335 9.34 35.48 24.02
N PHE B 336 9.41 36.77 24.33
CA PHE B 336 9.51 37.81 23.31
C PHE B 336 10.77 38.63 23.50
N MET B 337 11.34 39.09 22.38
CA MET B 337 12.39 40.09 22.41
C MET B 337 11.76 41.47 22.25
N LEU B 338 12.16 42.39 23.10
CA LEU B 338 11.62 43.75 23.07
C LEU B 338 12.75 44.76 22.92
N TRP B 339 12.74 45.48 21.81
CA TRP B 339 13.75 46.50 21.53
C TRP B 339 13.11 47.89 21.58
N CYS B 340 13.67 48.74 22.42
CA CYS B 340 13.18 50.12 22.59
C CYS B 340 14.31 51.12 22.36
N LYS B 341 13.96 52.32 21.90
CA LYS B 341 14.97 53.33 21.56
C LYS B 341 15.13 54.39 22.65
N ASP B 342 14.16 55.28 22.74
CA ASP B 342 14.17 56.39 23.69
C ASP B 342 12.93 56.30 24.57
N GLY B 343 11.79 56.21 23.90
CA GLY B 343 10.48 56.07 24.53
C GLY B 343 9.59 55.48 23.46
N HIS B 344 10.21 55.20 22.31
CA HIS B 344 9.58 54.49 21.21
C HIS B 344 9.92 53.01 21.32
N VAL B 345 8.93 52.16 21.08
CA VAL B 345 9.15 50.73 20.88
C VAL B 345 9.67 50.54 19.46
N GLU B 346 10.84 49.93 19.32
CA GLU B 346 11.36 49.64 17.98
C GLU B 346 10.77 48.36 17.39
N THR B 347 10.87 47.26 18.14
CA THR B 347 10.28 45.99 17.70
C THR B 347 9.93 45.02 18.84
N PHE B 348 9.00 44.11 18.54
CA PHE B 348 8.53 43.10 19.50
C PHE B 348 8.27 41.79 18.74
N TYR B 349 8.85 40.70 19.22
CA TYR B 349 8.76 39.41 18.51
C TYR B 349 9.19 38.20 19.34
N PRO B 350 8.58 37.02 19.08
CA PRO B 350 8.96 35.71 19.62
C PRO B 350 10.39 35.26 19.30
N LYS B 351 10.88 34.29 20.08
CA LYS B 351 12.26 33.82 20.03
C LYS B 351 12.45 32.66 19.06
N MET C 7 21.79 15.89 3.02
CA MET C 7 22.20 14.44 2.95
C MET C 7 21.58 13.56 4.04
N SER C 8 20.45 13.99 4.59
CA SER C 8 19.65 13.11 5.43
C SER C 8 18.16 13.44 5.35
N LEU C 9 17.34 12.40 5.23
CA LEU C 9 15.90 12.51 5.38
C LEU C 9 15.63 13.38 6.60
N GLU C 10 16.39 13.14 7.67
CA GLU C 10 16.27 13.86 8.93
C GLU C 10 16.76 15.31 8.86
N ASN C 11 17.76 15.57 8.02
CA ASN C 11 18.26 16.94 7.81
C ASN C 11 17.27 17.77 6.99
N VAL C 12 16.70 17.14 5.96
CA VAL C 12 15.64 17.74 5.17
C VAL C 12 14.46 18.04 6.08
N ALA C 13 14.08 17.05 6.89
CA ALA C 13 12.98 17.18 7.85
C ALA C 13 13.17 18.35 8.81
N TYR C 14 14.36 18.47 9.38
CA TYR C 14 14.68 19.54 10.31
C TYR C 14 14.46 20.91 9.68
N ASN C 15 14.94 21.06 8.45
CA ASN C 15 14.76 22.28 7.67
C ASN C 15 13.29 22.62 7.45
N VAL C 16 12.49 21.60 7.16
CA VAL C 16 11.06 21.78 6.86
C VAL C 16 10.28 22.24 8.10
N VAL C 17 10.51 21.59 9.23
CA VAL C 17 9.78 21.91 10.45
C VAL C 17 10.23 23.24 11.08
N ASN C 18 11.53 23.53 10.99
CA ASN C 18 12.09 24.72 11.63
C ASN C 18 12.11 25.96 10.74
N LYS C 19 12.44 25.79 9.46
CA LYS C 19 12.63 26.93 8.57
C LYS C 19 11.59 27.03 7.44
N GLY C 20 10.72 26.03 7.34
CA GLY C 20 9.61 26.06 6.37
C GLY C 20 9.85 25.30 5.08
N HIS C 21 11.12 25.03 4.79
CA HIS C 21 11.56 24.36 3.55
C HIS C 21 13.04 24.08 3.73
N PHE C 22 13.70 23.55 2.71
CA PHE C 22 15.15 23.34 2.82
C PHE C 22 15.91 24.65 2.67
N ASP C 23 16.86 24.85 3.57
CA ASP C 23 17.49 26.14 3.77
C ASP C 23 19.01 26.02 3.83
N GLY C 24 19.48 24.86 4.28
CA GLY C 24 20.91 24.59 4.40
C GLY C 24 21.40 24.51 5.83
N HIS C 25 20.52 24.81 6.77
CA HIS C 25 20.84 24.75 8.20
C HIS C 25 21.09 23.31 8.64
N ALA C 26 22.14 23.11 9.44
CA ALA C 26 22.44 21.81 10.01
C ALA C 26 21.44 21.49 11.12
N GLY C 27 21.22 20.19 11.35
CA GLY C 27 20.24 19.74 12.34
C GLY C 27 19.47 18.54 11.83
N GLU C 28 18.76 17.88 12.74
CA GLU C 28 18.07 16.64 12.42
C GLU C 28 16.80 16.42 13.24
N ALA C 29 15.67 16.27 12.54
CA ALA C 29 14.38 16.01 13.17
C ALA C 29 13.97 14.55 12.95
N PRO C 30 13.34 13.92 13.95
CA PRO C 30 12.99 12.50 13.83
C PRO C 30 11.85 12.27 12.84
N VAL C 31 11.91 11.17 12.09
CA VAL C 31 10.94 10.92 11.02
C VAL C 31 10.38 9.49 11.00
N SER C 32 9.10 9.38 10.68
CA SER C 32 8.45 8.10 10.36
C SER C 32 7.96 8.14 8.93
N ILE C 33 8.29 7.11 8.16
CA ILE C 33 7.76 6.98 6.81
C ILE C 33 6.68 5.90 6.77
N ILE C 34 5.46 6.32 6.45
CA ILE C 34 4.34 5.41 6.34
C ILE C 34 3.26 6.01 5.44
N ASN C 35 2.59 5.14 4.68
CA ASN C 35 1.46 5.55 3.82
C ASN C 35 1.84 6.58 2.76
N ASN C 36 3.04 6.44 2.22
CA ASN C 36 3.54 7.33 1.16
C ASN C 36 3.53 8.78 1.66
N ALA C 37 3.85 8.94 2.93
CA ALA C 37 3.88 10.24 3.59
C ALA C 37 5.02 10.29 4.59
N VAL C 38 5.49 11.49 4.89
CA VAL C 38 6.53 11.70 5.89
C VAL C 38 5.89 12.29 7.14
N TYR C 39 6.12 11.64 8.28
CA TYR C 39 5.65 12.13 9.56
C TYR C 39 6.84 12.50 10.45
N THR C 40 6.61 13.47 11.34
CA THR C 40 7.61 13.85 12.33
C THR C 40 6.99 13.89 13.72
N LYS C 41 7.83 13.69 14.73
CA LYS C 41 7.37 13.62 16.10
C LYS C 41 7.48 15.00 16.77
N VAL C 42 6.35 15.49 17.27
CA VAL C 42 6.31 16.70 18.09
C VAL C 42 5.62 16.36 19.41
N ASP C 43 6.39 16.42 20.50
CA ASP C 43 5.92 16.03 21.83
C ASP C 43 5.33 14.62 21.85
N GLY C 44 6.01 13.69 21.19
CA GLY C 44 5.64 12.28 21.24
C GLY C 44 4.53 11.83 20.31
N ILE C 45 3.93 12.75 19.57
CA ILE C 45 2.89 12.40 18.60
C ILE C 45 3.29 12.74 17.16
N ASP C 46 2.81 11.94 16.21
CA ASP C 46 3.18 12.08 14.81
C ASP C 46 2.31 13.12 14.09
N VAL C 47 2.97 14.06 13.42
CA VAL C 47 2.29 15.06 12.61
C VAL C 47 2.84 15.03 11.18
N GLU C 48 1.93 14.84 10.21
CA GLU C 48 2.32 14.71 8.81
C GLU C 48 2.86 16.02 8.24
N ILE C 49 4.06 15.96 7.67
CA ILE C 49 4.69 17.14 7.09
C ILE C 49 4.81 17.07 5.57
N PHE C 50 4.54 15.88 5.01
CA PHE C 50 4.55 15.68 3.56
C PHE C 50 3.65 14.54 3.12
N GLU C 51 2.82 14.82 2.13
CA GLU C 51 2.00 13.80 1.48
C GLU C 51 2.53 13.62 0.07
N ASN C 52 3.04 12.43 -0.24
CA ASN C 52 3.58 12.18 -1.57
C ASN C 52 2.50 11.85 -2.58
N LYS C 53 2.33 12.76 -3.54
CA LYS C 53 1.37 12.57 -4.63
C LYS C 53 2.08 12.34 -5.97
N THR C 54 3.41 12.29 -5.93
CA THR C 54 4.24 12.03 -7.11
C THR C 54 4.40 10.53 -7.36
N THR C 55 5.12 10.18 -8.43
CA THR C 55 5.42 8.78 -8.74
C THR C 55 6.79 8.36 -8.23
N LEU C 56 7.54 9.32 -7.70
CA LEU C 56 8.86 9.05 -7.10
C LEU C 56 8.70 8.44 -5.71
N PRO C 57 9.71 7.67 -5.24
CA PRO C 57 9.75 7.23 -3.84
C PRO C 57 9.45 8.38 -2.87
N VAL C 58 8.67 8.06 -1.83
CA VAL C 58 8.26 9.03 -0.80
C VAL C 58 9.39 9.90 -0.23
N ASN C 59 10.55 9.29 0.02
CA ASN C 59 11.68 10.00 0.61
C ASN C 59 12.35 10.94 -0.39
N VAL C 60 12.40 10.51 -1.64
CA VAL C 60 12.97 11.29 -2.73
C VAL C 60 12.10 12.53 -2.99
N ALA C 61 10.81 12.31 -3.23
CA ALA C 61 9.86 13.40 -3.48
C ALA C 61 9.90 14.45 -2.38
N PHE C 62 10.05 13.99 -1.14
CA PHE C 62 10.16 14.86 0.03
C PHE C 62 11.37 15.78 -0.08
N GLU C 63 12.54 15.21 -0.35
CA GLU C 63 13.77 15.99 -0.54
C GLU C 63 13.56 17.06 -1.61
N LEU C 64 12.98 16.67 -2.74
CA LEU C 64 12.76 17.58 -3.86
C LEU C 64 11.72 18.65 -3.56
N TRP C 65 10.62 18.27 -2.91
CA TRP C 65 9.62 19.24 -2.49
C TRP C 65 10.23 20.28 -1.56
N ALA C 66 10.99 19.81 -0.58
CA ALA C 66 11.65 20.70 0.37
C ALA C 66 12.64 21.61 -0.33
N LYS C 67 13.26 21.12 -1.40
CA LYS C 67 14.20 21.92 -2.19
C LYS C 67 13.52 22.70 -3.33
N ARG C 68 12.21 22.91 -3.18
CA ARG C 68 11.44 23.89 -3.96
C ARG C 68 12.20 25.18 -4.22
N ASN C 69 11.94 25.80 -5.37
CA ASN C 69 12.36 27.17 -5.60
C ASN C 69 11.28 28.10 -5.04
N ILE C 70 11.65 28.96 -4.10
CA ILE C 70 10.69 29.84 -3.44
C ILE C 70 10.64 31.26 -4.01
N LYS C 71 11.63 31.61 -4.84
CA LYS C 71 11.63 32.87 -5.58
C LYS C 71 10.47 32.89 -6.60
N PRO C 72 10.16 34.06 -7.18
CA PRO C 72 9.24 34.07 -8.31
C PRO C 72 9.83 33.30 -9.49
N VAL C 73 9.10 32.28 -9.95
CA VAL C 73 9.56 31.48 -11.08
C VAL C 73 8.50 31.44 -12.18
N PRO C 74 8.92 31.21 -13.45
CA PRO C 74 7.95 31.13 -14.54
C PRO C 74 6.91 30.03 -14.34
N GLU C 75 5.69 30.28 -14.81
CA GLU C 75 4.67 29.25 -14.86
C GLU C 75 5.14 28.14 -15.79
N ILE C 76 4.93 26.90 -15.37
CA ILE C 76 5.50 25.74 -16.07
C ILE C 76 5.10 25.66 -17.55
N LYS C 77 3.89 26.12 -17.88
CA LYS C 77 3.43 26.15 -19.26
C LYS C 77 4.43 26.90 -20.17
N ILE C 78 4.99 27.99 -19.66
CA ILE C 78 6.02 28.75 -20.37
C ILE C 78 7.26 27.88 -20.59
N LEU C 79 7.68 27.18 -19.54
CA LEU C 79 8.87 26.33 -19.61
C LEU C 79 8.66 25.17 -20.56
N ASN C 80 7.45 24.61 -20.57
CA ASN C 80 7.10 23.52 -21.47
C ASN C 80 7.13 23.98 -22.92
N ASN C 81 6.40 25.05 -23.21
CA ASN C 81 6.40 25.68 -24.52
C ASN C 81 7.80 25.99 -25.05
N LEU C 82 8.72 26.23 -24.13
CA LEU C 82 10.12 26.51 -24.45
C LEU C 82 11.00 25.27 -24.63
N GLY C 83 10.49 24.11 -24.22
CA GLY C 83 11.22 22.85 -24.39
C GLY C 83 12.22 22.55 -23.29
N VAL C 84 12.11 23.27 -22.16
CA VAL C 84 12.96 23.08 -20.99
C VAL C 84 12.83 21.66 -20.43
N ASP C 85 13.94 20.93 -20.43
CA ASP C 85 13.95 19.53 -19.94
C ASP C 85 14.33 19.43 -18.47
N ILE C 86 15.08 20.41 -17.97
CA ILE C 86 15.66 20.35 -16.62
C ILE C 86 16.04 21.75 -16.11
N ALA C 87 16.15 21.91 -14.79
CA ALA C 87 16.57 23.19 -14.19
C ALA C 87 17.91 23.09 -13.46
N ALA C 88 18.71 24.15 -13.56
CA ALA C 88 20.05 24.21 -12.98
C ALA C 88 20.04 24.55 -11.49
N ASN C 89 20.48 23.60 -10.68
CA ASN C 89 20.66 23.80 -9.23
C ASN C 89 19.42 24.28 -8.46
N THR C 90 18.26 23.76 -8.83
CA THR C 90 16.98 24.05 -8.16
C THR C 90 15.87 23.12 -8.64
N VAL C 91 14.77 23.10 -7.90
CA VAL C 91 13.57 22.34 -8.28
C VAL C 91 12.43 23.31 -8.58
N ILE C 92 11.83 23.17 -9.75
CA ILE C 92 10.62 23.91 -10.09
C ILE C 92 9.43 23.05 -9.71
N TRP C 93 8.81 23.35 -8.58
CA TRP C 93 7.69 22.58 -8.09
C TRP C 93 6.40 22.93 -8.85
N ASP C 94 5.65 21.88 -9.18
CA ASP C 94 4.36 22.02 -9.86
C ASP C 94 3.26 21.80 -8.83
N TYR C 95 2.67 22.89 -8.36
CA TYR C 95 1.68 22.83 -7.28
C TYR C 95 0.33 22.33 -7.78
N LYS C 96 0.09 22.46 -9.07
CA LYS C 96 -1.11 21.92 -9.71
C LYS C 96 -1.16 20.40 -9.57
N ARG C 97 -0.02 19.74 -9.84
CA ARG C 97 0.09 18.29 -9.70
C ARG C 97 0.77 17.86 -8.39
N GLU C 98 1.19 18.84 -7.59
CA GLU C 98 2.09 18.61 -6.43
C GLU C 98 3.16 17.56 -6.73
N ALA C 99 4.00 17.89 -7.70
CA ALA C 99 5.08 17.02 -8.20
C ALA C 99 6.16 17.90 -8.83
N PRO C 100 7.40 17.38 -8.99
CA PRO C 100 8.41 18.18 -9.70
C PRO C 100 8.02 18.36 -11.17
N ALA C 101 8.32 19.52 -11.72
CA ALA C 101 7.98 19.82 -13.11
C ALA C 101 8.83 18.99 -14.07
N HIS C 102 10.06 18.70 -13.65
CA HIS C 102 11.02 17.97 -14.48
C HIS C 102 11.42 16.64 -13.86
N VAL C 103 11.77 15.69 -14.72
CA VAL C 103 12.11 14.31 -14.33
C VAL C 103 13.33 14.24 -13.42
N SER C 104 14.41 14.89 -13.82
CA SER C 104 15.65 14.83 -13.04
C SER C 104 16.18 16.21 -12.62
N THR C 105 17.38 16.21 -12.07
CA THR C 105 17.86 17.32 -11.27
C THR C 105 19.37 17.55 -11.46
N ILE C 106 19.85 18.76 -11.11
CA ILE C 106 21.28 19.08 -11.19
C ILE C 106 21.76 19.73 -9.89
N GLY C 107 22.61 19.02 -9.14
CA GLY C 107 23.17 19.53 -7.89
C GLY C 107 22.14 19.79 -6.80
N VAL C 108 21.02 19.06 -6.88
CA VAL C 108 19.90 19.26 -5.96
C VAL C 108 19.77 18.11 -4.98
N CYS C 109 19.64 16.90 -5.53
CA CYS C 109 19.39 15.70 -4.73
C CYS C 109 20.19 14.54 -5.30
N THR C 110 20.92 13.86 -4.44
CA THR C 110 21.81 12.78 -4.88
C THR C 110 21.07 11.62 -5.57
N MET C 111 19.81 11.41 -5.21
CA MET C 111 19.01 10.31 -5.73
C MET C 111 18.45 10.51 -7.14
N THR C 112 18.46 11.75 -7.64
CA THR C 112 17.92 12.06 -8.97
C THR C 112 18.85 12.90 -9.84
N ASP C 113 19.95 13.39 -9.25
CA ASP C 113 20.97 14.15 -9.99
C ASP C 113 21.44 13.38 -11.22
N ILE C 114 21.43 14.04 -12.37
CA ILE C 114 22.13 13.50 -13.54
C ILE C 114 23.52 14.13 -13.66
N ALA C 115 23.80 15.08 -12.77
CA ALA C 115 25.06 15.82 -12.72
C ALA C 115 25.06 16.75 -11.49
N LYS C 116 26.24 17.27 -11.14
CA LYS C 116 26.35 18.28 -10.08
C LYS C 116 26.35 19.69 -10.64
N LYS C 117 26.92 19.86 -11.83
CA LYS C 117 26.93 21.15 -12.51
C LYS C 117 26.33 21.04 -13.92
N PRO C 118 25.59 22.08 -14.35
CA PRO C 118 24.87 22.09 -15.62
C PRO C 118 25.77 22.11 -16.86
N THR C 119 27.08 22.14 -16.62
CA THR C 119 28.07 22.20 -17.70
C THR C 119 28.48 20.81 -18.22
N GLU C 120 28.64 19.86 -17.30
CA GLU C 120 29.18 18.54 -17.62
C GLU C 120 28.33 17.71 -18.60
N SER C 121 28.93 16.64 -19.12
CA SER C 121 28.44 15.85 -20.25
C SER C 121 26.93 15.59 -20.32
N ALA C 122 26.36 15.07 -19.23
CA ALA C 122 24.97 14.62 -19.21
C ALA C 122 23.97 15.70 -19.60
N CYS C 123 24.30 16.95 -19.28
CA CYS C 123 23.41 18.09 -19.51
C CYS C 123 23.47 18.61 -20.95
N SER C 124 24.61 18.41 -21.61
CA SER C 124 24.88 18.92 -22.96
C SER C 124 23.66 18.95 -23.90
N SER C 125 22.94 17.84 -23.98
CA SER C 125 21.86 17.67 -24.95
C SER C 125 20.48 18.04 -24.39
N LEU C 126 20.45 18.60 -23.19
CA LEU C 126 19.19 18.97 -22.53
C LEU C 126 19.05 20.48 -22.41
N THR C 127 17.88 20.99 -22.75
CA THR C 127 17.58 22.41 -22.57
C THR C 127 17.47 22.71 -21.07
N VAL C 128 18.54 23.30 -20.52
CA VAL C 128 18.64 23.58 -19.10
C VAL C 128 18.08 24.97 -18.78
N LEU C 129 17.35 25.06 -17.68
CA LEU C 129 16.84 26.33 -17.19
C LEU C 129 17.90 27.04 -16.34
N PHE C 130 18.28 28.24 -16.77
CA PHE C 130 19.24 29.07 -16.04
C PHE C 130 18.55 30.31 -15.49
N ASP C 131 18.95 30.72 -14.29
CA ASP C 131 18.38 31.86 -13.59
C ASP C 131 19.46 32.91 -13.38
N GLY C 132 19.27 34.08 -13.99
CA GLY C 132 20.23 35.18 -13.90
C GLY C 132 20.35 35.83 -12.54
N ARG C 133 19.48 35.44 -11.61
CA ARG C 133 19.45 36.00 -10.26
C ARG C 133 20.42 35.30 -9.31
N VAL C 134 20.98 34.17 -9.74
CA VAL C 134 21.91 33.40 -8.90
C VAL C 134 23.36 33.45 -9.44
N GLU C 135 24.31 33.61 -8.51
CA GLU C 135 25.73 33.84 -8.79
C GLU C 135 26.26 33.19 -10.07
N GLY C 136 26.46 34.02 -11.09
CA GLY C 136 27.12 33.61 -12.33
C GLY C 136 26.49 32.48 -13.12
N GLN C 137 25.18 32.33 -12.99
CA GLN C 137 24.46 31.36 -13.82
C GLN C 137 24.27 31.88 -15.25
N VAL C 138 24.33 33.21 -15.41
CA VAL C 138 24.33 33.84 -16.73
C VAL C 138 25.54 33.35 -17.54
N ASP C 139 26.68 33.21 -16.88
CA ASP C 139 27.89 32.71 -17.53
C ASP C 139 27.84 31.21 -17.84
N LEU C 140 27.12 30.46 -17.01
CA LEU C 140 26.89 29.04 -17.28
C LEU C 140 26.00 28.86 -18.52
N PHE C 141 25.11 29.82 -18.75
CA PHE C 141 24.25 29.81 -19.93
C PHE C 141 25.06 30.06 -21.21
N ARG C 142 26.00 31.01 -21.15
CA ARG C 142 26.87 31.32 -22.29
C ARG C 142 27.70 30.11 -22.71
N ASN C 143 27.97 29.22 -21.76
CA ASN C 143 28.84 28.08 -22.00
C ASN C 143 28.10 26.75 -22.20
N ALA C 144 26.80 26.84 -22.49
CA ALA C 144 25.98 25.64 -22.67
C ALA C 144 25.46 25.52 -24.10
N ARG C 145 25.30 24.27 -24.56
CA ARG C 145 24.75 23.99 -25.89
C ARG C 145 23.27 24.35 -25.92
N ASN C 146 22.48 23.65 -25.10
CA ASN C 146 21.05 23.89 -25.00
C ASN C 146 20.67 24.45 -23.64
N GLY C 147 19.83 25.48 -23.65
CA GLY C 147 19.40 26.13 -22.42
C GLY C 147 18.48 27.32 -22.62
N VAL C 148 17.74 27.65 -21.57
CA VAL C 148 16.90 28.84 -21.53
C VAL C 148 17.33 29.66 -20.33
N LEU C 149 17.47 30.98 -20.52
CA LEU C 149 17.87 31.88 -19.45
C LEU C 149 16.80 32.93 -19.14
N ILE C 150 16.51 33.08 -17.85
CA ILE C 150 15.67 34.17 -17.36
C ILE C 150 16.51 35.11 -16.49
N THR C 151 16.35 36.41 -16.72
CA THR C 151 16.99 37.44 -15.89
C THR C 151 16.00 38.55 -15.57
N GLU C 152 16.41 39.48 -14.71
CA GLU C 152 15.61 40.65 -14.38
C GLU C 152 16.00 41.87 -15.20
N GLY C 153 17.30 42.06 -15.41
CA GLY C 153 17.82 43.18 -16.18
C GLY C 153 18.41 42.76 -17.52
N SER C 154 19.27 43.61 -18.08
CA SER C 154 19.90 43.37 -19.38
C SER C 154 21.10 42.43 -19.28
N VAL C 155 21.38 41.71 -20.37
CA VAL C 155 22.53 40.80 -20.44
C VAL C 155 23.48 41.24 -21.56
N LYS C 156 24.77 41.35 -21.21
CA LYS C 156 25.82 41.73 -22.17
C LYS C 156 25.78 40.93 -23.46
N GLY C 157 25.57 41.65 -24.57
CA GLY C 157 25.61 41.06 -25.91
C GLY C 157 24.49 40.11 -26.26
N LEU C 158 23.36 40.21 -25.55
CA LEU C 158 22.21 39.36 -25.84
C LEU C 158 20.89 40.13 -25.91
N THR C 159 20.13 39.87 -26.96
CA THR C 159 18.82 40.49 -27.17
C THR C 159 17.77 39.78 -26.31
N PRO C 160 17.09 40.55 -25.43
CA PRO C 160 16.10 39.97 -24.53
C PRO C 160 14.76 39.72 -25.20
N SER C 161 14.02 38.73 -24.69
CA SER C 161 12.61 38.56 -25.03
C SER C 161 11.78 38.86 -23.78
N LYS C 162 10.93 39.88 -23.89
CA LYS C 162 10.10 40.30 -22.76
C LYS C 162 9.01 39.26 -22.47
N GLY C 163 9.11 38.64 -21.29
CA GLY C 163 8.23 37.55 -20.92
C GLY C 163 6.86 38.00 -20.44
N PRO C 164 6.09 37.06 -19.85
CA PRO C 164 4.77 37.39 -19.31
C PRO C 164 4.89 38.24 -18.05
N ALA C 165 3.85 39.01 -17.76
CA ALA C 165 3.81 39.85 -16.56
C ALA C 165 3.80 39.01 -15.29
N GLN C 166 3.15 37.85 -15.36
CA GLN C 166 2.99 36.96 -14.21
C GLN C 166 4.13 35.98 -14.08
N ALA C 167 4.46 35.66 -12.83
CA ALA C 167 5.26 34.50 -12.50
C ALA C 167 4.56 33.76 -11.36
N SER C 168 5.13 32.64 -10.96
CA SER C 168 4.60 31.87 -9.83
C SER C 168 5.49 32.04 -8.60
N VAL C 169 4.87 32.45 -7.49
CA VAL C 169 5.54 32.52 -6.20
C VAL C 169 4.85 31.55 -5.26
N ASN C 170 5.58 30.51 -4.84
CA ASN C 170 5.07 29.48 -3.92
C ASN C 170 3.71 28.91 -4.30
N GLY C 171 3.48 28.70 -5.59
CA GLY C 171 2.21 28.15 -6.07
C GLY C 171 1.13 29.19 -6.26
N VAL C 172 1.49 30.46 -6.13
CA VAL C 172 0.56 31.55 -6.38
C VAL C 172 1.05 32.34 -7.58
N THR C 173 0.23 32.37 -8.64
CA THR C 173 0.60 33.15 -9.82
C THR C 173 0.23 34.61 -9.63
N LEU C 174 1.14 35.48 -10.06
CA LEU C 174 1.18 36.86 -9.59
C LEU C 174 1.73 37.82 -10.64
N ILE C 175 1.32 39.08 -10.54
CA ILE C 175 2.10 40.18 -11.12
C ILE C 175 2.70 40.94 -9.94
N GLY C 176 3.99 40.73 -9.71
CA GLY C 176 4.67 41.22 -8.52
C GLY C 176 4.81 42.73 -8.43
N GLU C 177 4.53 43.27 -7.25
CA GLU C 177 4.68 44.70 -6.97
C GLU C 177 5.92 44.97 -6.12
N SER C 178 6.16 44.10 -5.14
CA SER C 178 7.34 44.21 -4.28
C SER C 178 8.46 43.31 -4.77
N VAL C 179 8.21 42.63 -5.88
CA VAL C 179 9.11 41.61 -6.43
C VAL C 179 8.92 41.49 -7.94
N LYS C 180 10.01 41.26 -8.65
CA LYS C 180 9.97 41.16 -10.11
C LYS C 180 9.46 39.80 -10.59
N THR C 181 8.38 39.82 -11.37
CA THR C 181 7.77 38.61 -11.91
C THR C 181 7.93 38.51 -13.43
N GLN C 182 8.05 39.65 -14.09
CA GLN C 182 8.30 39.69 -15.53
C GLN C 182 9.78 39.46 -15.81
N PHE C 183 10.07 38.40 -16.55
CA PHE C 183 11.45 38.01 -16.83
C PHE C 183 11.88 38.28 -18.28
N ASN C 184 13.19 38.38 -18.47
CA ASN C 184 13.78 38.40 -19.80
C ASN C 184 14.16 37.00 -20.23
N TYR C 185 13.71 36.60 -21.42
CA TYR C 185 13.94 35.25 -21.92
C TYR C 185 15.02 35.21 -23.01
N PHE C 186 15.93 34.26 -22.85
CA PHE C 186 16.97 33.98 -23.83
C PHE C 186 17.02 32.47 -24.07
N LYS C 187 17.27 32.06 -25.31
CA LYS C 187 17.32 30.64 -25.63
C LYS C 187 18.54 30.28 -26.47
N LYS C 188 18.89 28.99 -26.45
CA LYS C 188 20.05 28.48 -27.15
C LYS C 188 19.79 27.04 -27.57
N VAL C 189 19.82 26.78 -28.88
CA VAL C 189 19.63 25.43 -29.41
C VAL C 189 20.92 24.96 -30.06
N ASP C 190 21.40 23.79 -29.64
CA ASP C 190 22.66 23.21 -30.14
C ASP C 190 23.75 24.27 -30.34
N GLY C 191 23.98 25.09 -29.31
CA GLY C 191 25.05 26.09 -29.34
C GLY C 191 24.67 27.48 -29.83
N ILE C 192 23.62 27.56 -30.65
CA ILE C 192 23.24 28.83 -31.29
C ILE C 192 22.15 29.59 -30.52
N ILE C 193 22.42 30.86 -30.25
CA ILE C 193 21.44 31.77 -29.65
C ILE C 193 20.24 31.92 -30.58
N GLN C 194 19.04 31.85 -30.01
CA GLN C 194 17.80 31.88 -30.78
C GLN C 194 17.13 33.24 -30.73
N GLN C 195 16.47 33.60 -31.80
CA GLN C 195 15.59 34.76 -31.79
C GLN C 195 14.17 34.28 -31.51
N LEU C 196 13.79 34.36 -30.24
CA LEU C 196 12.46 33.95 -29.77
C LEU C 196 11.36 34.76 -30.45
N PRO C 197 10.26 34.10 -30.86
CA PRO C 197 9.23 34.76 -31.64
C PRO C 197 8.38 35.71 -30.81
N GLU C 198 7.76 36.67 -31.49
CA GLU C 198 6.80 37.56 -30.84
C GLU C 198 5.64 36.71 -30.35
N THR C 199 5.20 36.96 -29.11
CA THR C 199 4.13 36.17 -28.52
C THR C 199 3.04 36.96 -27.85
N TYR C 200 1.84 36.43 -27.96
CA TYR C 200 0.77 36.70 -27.00
C TYR C 200 1.05 35.83 -25.79
N PHE C 201 0.64 36.29 -24.62
CA PHE C 201 0.73 35.48 -23.41
C PHE C 201 -0.63 35.20 -22.82
N THR C 202 -0.79 34.00 -22.31
CA THR C 202 -2.03 33.58 -21.71
C THR C 202 -2.17 34.27 -20.35
N GLN C 203 -3.40 34.59 -19.96
CA GLN C 203 -3.64 35.47 -18.81
C GLN C 203 -3.67 34.80 -17.43
N SER C 204 -3.75 33.47 -17.40
CA SER C 204 -3.59 32.66 -16.17
C SER C 204 -4.69 32.78 -15.11
N ARG C 205 -5.88 33.22 -15.50
CA ARG C 205 -6.98 33.38 -14.53
C ARG C 205 -7.79 32.10 -14.31
N ASP C 206 -8.26 31.95 -13.07
CA ASP C 206 -9.18 30.86 -12.70
C ASP C 206 -10.62 31.33 -12.88
N LEU C 207 -11.52 30.39 -13.13
CA LEU C 207 -12.94 30.71 -13.28
C LEU C 207 -13.55 31.25 -11.98
N GLU C 208 -13.11 30.75 -10.83
CA GLU C 208 -13.62 31.16 -9.52
C GLU C 208 -13.42 32.65 -9.22
N ASP C 209 -12.21 33.14 -9.45
CA ASP C 209 -11.84 34.51 -9.07
C ASP C 209 -11.54 35.40 -10.28
N PHE C 210 -12.19 35.12 -11.40
CA PHE C 210 -11.92 35.83 -12.65
C PHE C 210 -12.21 37.32 -12.53
N LYS C 211 -11.24 38.13 -12.94
CA LYS C 211 -11.40 39.58 -12.99
C LYS C 211 -10.98 40.12 -14.35
N PRO C 212 -11.71 41.12 -14.88
CA PRO C 212 -11.35 41.78 -16.13
C PRO C 212 -10.09 42.64 -15.99
N ARG C 213 -9.38 42.83 -17.09
CA ARG C 213 -8.10 43.57 -17.07
C ARG C 213 -8.03 44.68 -18.13
N SER C 214 -9.15 44.91 -18.81
CA SER C 214 -9.26 46.00 -19.78
C SER C 214 -10.68 46.51 -19.79
N GLN C 215 -10.89 47.70 -20.35
CA GLN C 215 -12.23 48.25 -20.51
C GLN C 215 -13.08 47.31 -21.37
N MET C 216 -12.47 46.70 -22.37
CA MET C 216 -13.16 45.77 -23.26
C MET C 216 -13.66 44.54 -22.51
N GLU C 217 -12.85 44.01 -21.60
CA GLU C 217 -13.23 42.86 -20.79
C GLU C 217 -14.35 43.18 -19.81
N THR C 218 -14.26 44.34 -19.15
CA THR C 218 -15.32 44.82 -18.25
C THR C 218 -16.64 44.91 -19.01
N ASP C 219 -16.60 45.54 -20.19
CA ASP C 219 -17.77 45.68 -21.04
C ASP C 219 -18.37 44.34 -21.46
N PHE C 220 -17.51 43.37 -21.74
CA PHE C 220 -17.95 42.05 -22.17
C PHE C 220 -18.76 41.33 -21.09
N LEU C 221 -18.33 41.45 -19.84
CA LEU C 221 -19.03 40.82 -18.72
C LEU C 221 -20.34 41.51 -18.39
N GLU C 222 -20.36 42.84 -18.55
CA GLU C 222 -21.53 43.66 -18.18
C GLU C 222 -22.63 43.67 -19.24
N LEU C 223 -22.24 43.84 -20.50
CA LEU C 223 -23.19 44.09 -21.58
C LEU C 223 -23.86 42.84 -22.16
N ALA C 224 -25.07 43.04 -22.67
CA ALA C 224 -25.78 42.01 -23.44
C ALA C 224 -25.01 41.70 -24.72
N MET C 225 -25.17 40.48 -25.23
CA MET C 225 -24.36 39.96 -26.33
C MET C 225 -24.21 40.92 -27.53
N ASP C 226 -25.33 41.24 -28.17
CA ASP C 226 -25.27 42.07 -29.38
C ASP C 226 -25.01 43.55 -29.11
N GLU C 227 -25.22 43.99 -27.88
CA GLU C 227 -24.90 45.37 -27.49
C GLU C 227 -23.39 45.53 -27.35
N PHE C 228 -22.70 44.44 -27.01
CA PHE C 228 -21.24 44.43 -26.97
C PHE C 228 -20.65 44.38 -28.38
N ILE C 229 -21.22 43.51 -29.22
CA ILE C 229 -20.77 43.33 -30.60
C ILE C 229 -20.98 44.59 -31.42
N GLN C 230 -22.14 45.25 -31.24
CA GLN C 230 -22.44 46.51 -31.91
C GLN C 230 -21.45 47.60 -31.49
N ARG C 231 -21.18 47.69 -30.19
CA ARG C 231 -20.26 48.70 -29.66
C ARG C 231 -18.82 48.48 -30.12
N TYR C 232 -18.43 47.23 -30.33
CA TYR C 232 -17.06 46.91 -30.72
C TYR C 232 -16.86 46.56 -32.20
N LYS C 233 -17.84 46.91 -33.02
CA LYS C 233 -17.76 46.75 -34.49
C LYS C 233 -17.31 45.33 -34.84
N LEU C 234 -18.06 44.34 -34.32
CA LEU C 234 -17.63 42.95 -34.37
C LEU C 234 -18.54 41.99 -35.13
N GLU C 235 -19.59 42.52 -35.76
CA GLU C 235 -20.53 41.68 -36.51
C GLU C 235 -19.84 41.04 -37.71
N GLY C 236 -20.16 39.76 -37.95
CA GLY C 236 -19.49 38.99 -38.99
C GLY C 236 -18.19 38.35 -38.52
N TYR C 237 -17.90 38.49 -37.22
CA TYR C 237 -16.72 37.86 -36.63
C TYR C 237 -17.07 36.62 -35.80
N ALA C 238 -18.36 36.32 -35.71
CA ALA C 238 -18.88 35.10 -35.11
C ALA C 238 -18.53 34.90 -33.63
N PHE C 239 -18.54 35.98 -32.86
CA PHE C 239 -18.33 35.92 -31.42
C PHE C 239 -19.44 35.15 -30.73
N GLU C 240 -20.65 35.24 -31.30
CA GLU C 240 -21.80 34.44 -30.90
C GLU C 240 -21.47 32.95 -30.91
N ALA C 241 -20.74 32.51 -31.95
CA ALA C 241 -20.40 31.11 -32.10
C ALA C 241 -19.10 30.73 -31.38
N ILE C 242 -18.15 31.65 -31.32
CA ILE C 242 -16.80 31.33 -30.82
C ILE C 242 -16.65 31.55 -29.31
N VAL C 243 -16.83 32.79 -28.86
CA VAL C 243 -16.51 33.18 -27.49
C VAL C 243 -17.66 32.95 -26.49
N TYR C 244 -18.86 33.39 -26.88
CA TYR C 244 -19.97 33.61 -25.95
C TYR C 244 -20.54 32.39 -25.22
N GLY C 245 -20.67 31.27 -25.91
CA GLY C 245 -21.23 30.08 -25.31
C GLY C 245 -22.69 29.89 -25.65
N ASP C 246 -22.96 28.79 -26.35
CA ASP C 246 -24.31 28.40 -26.71
C ASP C 246 -24.74 27.23 -25.83
N PHE C 247 -25.80 27.43 -25.05
CA PHE C 247 -26.26 26.44 -24.08
C PHE C 247 -27.69 25.97 -24.34
N SER C 248 -28.13 26.04 -25.60
CA SER C 248 -29.52 25.75 -25.95
C SER C 248 -29.74 24.36 -26.56
N HIS C 249 -28.66 23.66 -26.87
CA HIS C 249 -28.75 22.30 -27.41
C HIS C 249 -28.18 21.30 -26.40
N GLY C 250 -28.46 20.02 -26.61
CA GLY C 250 -27.86 18.95 -25.81
C GLY C 250 -26.36 19.03 -25.92
N GLN C 251 -25.89 19.22 -27.15
CA GLN C 251 -24.51 19.57 -27.43
C GLN C 251 -24.26 21.02 -27.05
N LEU C 252 -23.10 21.29 -26.47
CA LEU C 252 -22.72 22.61 -25.99
C LEU C 252 -21.73 23.27 -26.95
N GLY C 253 -21.97 24.54 -27.27
CA GLY C 253 -21.11 25.27 -28.20
C GLY C 253 -20.49 26.53 -27.61
N GLY C 254 -19.45 27.02 -28.26
CA GLY C 254 -18.78 28.27 -27.87
C GLY C 254 -17.69 28.09 -26.83
N LEU C 255 -17.49 29.13 -26.02
CA LEU C 255 -16.59 29.11 -24.85
C LEU C 255 -15.15 28.74 -25.15
N HIS C 256 -14.55 29.37 -26.15
CA HIS C 256 -13.15 29.09 -26.47
C HIS C 256 -12.18 29.94 -25.64
N LEU C 257 -12.70 31.02 -25.06
CA LEU C 257 -11.92 31.86 -24.16
C LEU C 257 -12.42 31.73 -22.72
N MET C 258 -11.51 31.86 -21.77
CA MET C 258 -11.83 31.77 -20.34
C MET C 258 -12.93 32.77 -19.96
N ILE C 259 -12.81 33.99 -20.46
CA ILE C 259 -13.77 35.06 -20.17
C ILE C 259 -15.22 34.72 -20.55
N GLY C 260 -15.38 33.90 -21.59
CA GLY C 260 -16.69 33.40 -22.00
C GLY C 260 -17.36 32.65 -20.88
N LEU C 261 -16.60 31.73 -20.27
CA LEU C 261 -17.06 30.96 -19.11
C LEU C 261 -17.30 31.84 -17.88
N ALA C 262 -16.52 32.92 -17.76
CA ALA C 262 -16.70 33.88 -16.68
C ALA C 262 -18.04 34.60 -16.78
N LYS C 263 -18.45 34.95 -18.00
CA LYS C 263 -19.73 35.62 -18.22
C LYS C 263 -20.92 34.76 -17.79
N ARG C 264 -20.88 33.48 -18.14
CA ARG C 264 -21.95 32.55 -17.78
C ARG C 264 -21.99 32.28 -16.27
N SER C 265 -20.81 32.11 -15.67
CA SER C 265 -20.68 31.87 -14.23
C SER C 265 -21.34 32.94 -13.36
N GLN C 266 -21.49 34.14 -13.93
CA GLN C 266 -22.21 35.23 -13.27
C GLN C 266 -23.69 34.91 -13.07
N ASP C 267 -24.25 34.08 -13.95
CA ASP C 267 -25.65 33.68 -13.87
C ASP C 267 -25.85 32.30 -13.23
N SER C 268 -25.02 31.34 -13.64
CA SER C 268 -25.15 29.96 -13.18
C SER C 268 -23.80 29.24 -13.28
N PRO C 269 -23.57 28.20 -12.44
CA PRO C 269 -22.24 27.59 -12.38
C PRO C 269 -21.95 26.61 -13.53
N LEU C 270 -20.67 26.39 -13.81
CA LEU C 270 -20.24 25.40 -14.78
C LEU C 270 -19.40 24.32 -14.11
N LYS C 271 -19.57 23.08 -14.55
CA LYS C 271 -18.73 21.98 -14.06
C LYS C 271 -17.61 21.74 -15.05
N LEU C 272 -16.38 21.81 -14.55
CA LEU C 272 -15.21 21.60 -15.37
C LEU C 272 -14.44 20.36 -14.92
N GLU C 273 -14.44 19.33 -15.74
CA GLU C 273 -13.57 18.18 -15.52
C GLU C 273 -12.25 18.42 -16.23
N ASP C 274 -11.20 18.62 -15.44
CA ASP C 274 -9.86 18.78 -15.98
C ASP C 274 -9.25 17.39 -16.15
N PHE C 275 -9.75 16.66 -17.16
CA PHE C 275 -9.42 15.24 -17.33
C PHE C 275 -7.93 14.94 -17.49
N ILE C 276 -7.19 15.88 -18.08
CA ILE C 276 -5.73 15.80 -18.04
C ILE C 276 -5.17 17.03 -17.30
N PRO C 277 -5.05 16.91 -15.96
CA PRO C 277 -4.75 18.02 -15.05
C PRO C 277 -3.29 18.48 -14.99
N MET C 278 -2.77 18.91 -16.13
CA MET C 278 -1.58 19.73 -16.14
C MET C 278 -1.89 21.08 -16.78
N ASP C 279 -1.23 22.13 -16.29
CA ASP C 279 -1.38 23.47 -16.84
C ASP C 279 -0.76 23.57 -18.22
N SER C 280 -1.44 24.28 -19.13
CA SER C 280 -0.91 24.56 -20.47
C SER C 280 -1.70 25.67 -21.16
N THR C 281 -1.04 26.34 -22.12
CA THR C 281 -1.62 27.42 -22.91
C THR C 281 -3.06 27.13 -23.32
N VAL C 282 -3.26 26.00 -23.98
CA VAL C 282 -4.59 25.54 -24.35
C VAL C 282 -4.98 24.44 -23.36
N LYS C 283 -6.14 24.61 -22.72
CA LYS C 283 -6.70 23.59 -21.83
C LYS C 283 -7.93 22.96 -22.45
N ASN C 284 -8.18 21.70 -22.09
CA ASN C 284 -9.38 21.00 -22.52
C ASN C 284 -10.19 20.52 -21.32
N TYR C 285 -11.45 20.93 -21.26
CA TYR C 285 -12.32 20.56 -20.16
C TYR C 285 -13.55 19.79 -20.61
N PHE C 286 -14.04 18.92 -19.74
CA PHE C 286 -15.33 18.28 -19.91
C PHE C 286 -16.31 19.17 -19.14
N ILE C 287 -17.02 20.02 -19.86
CA ILE C 287 -17.85 21.06 -19.25
C ILE C 287 -19.34 20.69 -19.22
N THR C 288 -19.93 20.83 -18.03
CA THR C 288 -21.37 20.68 -17.86
C THR C 288 -21.99 22.00 -17.39
N ASP C 289 -23.04 22.42 -18.09
CA ASP C 289 -23.77 23.63 -17.74
C ASP C 289 -24.93 23.27 -16.81
N ALA C 290 -24.83 23.71 -15.56
CA ALA C 290 -25.80 23.39 -14.52
C ALA C 290 -27.21 23.91 -14.83
N GLN C 291 -27.27 25.08 -15.48
CA GLN C 291 -28.54 25.73 -15.77
C GLN C 291 -29.41 24.94 -16.75
N THR C 292 -28.80 24.46 -17.82
CA THR C 292 -29.55 23.93 -18.96
C THR C 292 -29.42 22.41 -19.14
N GLY C 293 -28.28 21.87 -18.71
CA GLY C 293 -27.98 20.46 -18.92
C GLY C 293 -27.08 20.22 -20.11
N SER C 294 -26.85 21.28 -20.88
CA SER C 294 -25.95 21.26 -22.03
C SER C 294 -24.55 20.85 -21.58
N SER C 295 -23.86 20.05 -22.40
CA SER C 295 -22.52 19.57 -22.06
C SER C 295 -21.68 19.22 -23.29
N LYS C 296 -20.37 19.34 -23.14
CA LYS C 296 -19.42 18.96 -24.20
C LYS C 296 -18.19 18.38 -23.55
N CYS C 297 -17.79 17.17 -23.97
CA CYS C 297 -16.64 16.52 -23.34
C CYS C 297 -15.28 17.14 -23.61
N VAL C 298 -15.04 17.65 -24.82
CA VAL C 298 -13.74 18.27 -25.10
C VAL C 298 -13.86 19.74 -25.53
N CYS C 299 -13.77 20.63 -24.54
CA CYS C 299 -13.80 22.07 -24.77
C CYS C 299 -12.42 22.67 -24.70
N SER C 300 -11.85 23.00 -25.86
CA SER C 300 -10.57 23.70 -25.89
C SER C 300 -10.79 25.15 -25.49
N VAL C 301 -10.05 25.56 -24.46
CA VAL C 301 -10.25 26.85 -23.77
C VAL C 301 -8.92 27.39 -23.25
N ILE C 302 -8.93 28.69 -22.97
CA ILE C 302 -8.08 29.37 -21.97
C ILE C 302 -7.91 30.86 -22.28
N ASP C 303 -7.10 31.51 -21.46
CA ASP C 303 -7.19 32.93 -21.23
C ASP C 303 -6.31 33.76 -22.16
N LEU C 304 -6.95 34.46 -23.08
CA LEU C 304 -6.32 35.55 -23.79
C LEU C 304 -7.09 36.80 -23.41
N LEU C 305 -6.40 37.93 -23.24
CA LEU C 305 -7.08 39.21 -23.16
C LEU C 305 -8.08 39.24 -24.30
N LEU C 306 -9.32 39.64 -24.02
CA LEU C 306 -10.31 39.75 -25.08
C LEU C 306 -9.78 40.67 -26.19
N ASP C 307 -9.02 41.69 -25.79
CA ASP C 307 -8.36 42.61 -26.72
C ASP C 307 -7.38 41.88 -27.63
N ASP C 308 -6.57 40.99 -27.04
CA ASP C 308 -5.62 40.16 -27.79
C ASP C 308 -6.31 39.29 -28.83
N PHE C 309 -7.42 38.66 -28.44
CA PHE C 309 -8.19 37.81 -29.34
C PHE C 309 -8.87 38.59 -30.45
N VAL C 310 -9.43 39.75 -30.10
CA VAL C 310 -10.04 40.65 -31.08
C VAL C 310 -9.01 41.03 -32.14
N GLU C 311 -7.80 41.38 -31.70
CA GLU C 311 -6.70 41.71 -32.60
C GLU C 311 -6.38 40.55 -33.54
N ILE C 312 -6.28 39.35 -32.98
CA ILE C 312 -5.94 38.13 -33.74
C ILE C 312 -6.99 37.82 -34.83
N ILE C 313 -8.26 37.79 -34.42
CA ILE C 313 -9.34 37.46 -35.34
C ILE C 313 -9.55 38.54 -36.42
N LYS C 314 -9.31 39.80 -36.07
CA LYS C 314 -9.48 40.92 -37.01
C LYS C 314 -8.37 41.02 -38.06
N SER C 315 -7.15 40.66 -37.68
CA SER C 315 -6.01 40.73 -38.61
C SER C 315 -5.94 39.49 -39.52
N GLN C 316 -7.09 38.87 -39.77
CA GLN C 316 -7.14 37.64 -40.55
C GLN C 316 -7.88 37.85 -41.88
N ASP C 317 -7.28 37.36 -42.96
CA ASP C 317 -7.93 37.40 -44.28
C ASP C 317 -9.06 36.37 -44.33
N LEU C 318 -10.26 36.87 -44.64
CA LEU C 318 -11.46 36.05 -44.58
C LEU C 318 -12.08 35.84 -45.96
N SER C 319 -11.28 35.29 -46.87
CA SER C 319 -11.72 34.96 -48.22
C SER C 319 -11.82 33.45 -48.43
N VAL C 320 -10.75 32.73 -48.10
CA VAL C 320 -10.72 31.27 -48.21
C VAL C 320 -11.76 30.64 -47.27
N ILE C 321 -12.43 29.59 -47.75
CA ILE C 321 -13.48 28.90 -46.99
C ILE C 321 -12.98 28.33 -45.65
N SER C 322 -11.76 27.78 -45.63
CA SER C 322 -11.13 27.31 -44.39
C SER C 322 -9.61 27.24 -44.47
N LYS C 323 -8.94 27.65 -43.39
CA LYS C 323 -7.48 27.57 -43.30
C LYS C 323 -7.01 27.05 -41.94
N VAL C 324 -5.72 26.70 -41.89
CA VAL C 324 -5.01 26.52 -40.64
C VAL C 324 -4.30 27.85 -40.35
N VAL C 325 -4.52 28.39 -39.16
CA VAL C 325 -3.88 29.64 -38.74
C VAL C 325 -2.91 29.39 -37.59
N LYS C 326 -1.70 29.94 -37.71
CA LYS C 326 -0.68 29.80 -36.67
C LYS C 326 -0.60 31.06 -35.82
N VAL C 327 -0.79 30.90 -34.50
CA VAL C 327 -0.61 32.00 -33.55
C VAL C 327 0.38 31.60 -32.47
N THR C 328 1.39 32.45 -32.26
CA THR C 328 2.40 32.19 -31.24
C THR C 328 1.93 32.72 -29.89
N ILE C 329 1.41 31.81 -29.06
CA ILE C 329 0.97 32.12 -27.70
C ILE C 329 1.86 31.39 -26.69
N ASP C 330 2.24 32.09 -25.62
CA ASP C 330 3.12 31.54 -24.58
C ASP C 330 4.38 30.89 -25.16
N TYR C 331 4.94 31.53 -26.18
CA TYR C 331 6.11 31.08 -26.93
C TYR C 331 5.90 29.85 -27.80
N ALA C 332 4.65 29.40 -27.92
CA ALA C 332 4.32 28.22 -28.72
C ALA C 332 3.38 28.55 -29.86
N GLU C 333 3.66 28.00 -31.04
CA GLU C 333 2.76 28.09 -32.19
C GLU C 333 1.52 27.23 -31.97
N ILE C 334 0.37 27.87 -31.89
CA ILE C 334 -0.90 27.15 -31.75
C ILE C 334 -1.66 27.19 -33.06
N SER C 335 -1.99 26.01 -33.58
CA SER C 335 -2.68 25.89 -34.86
C SER C 335 -4.19 25.91 -34.67
N PHE C 336 -4.86 26.79 -35.43
CA PHE C 336 -6.30 26.93 -35.37
C PHE C 336 -6.93 26.60 -36.71
N MET C 337 -8.19 26.18 -36.70
CA MET C 337 -8.98 26.08 -37.91
C MET C 337 -9.86 27.32 -38.05
N LEU C 338 -9.72 28.00 -39.19
CA LEU C 338 -10.49 29.21 -39.46
C LEU C 338 -11.44 28.99 -40.64
N TRP C 339 -12.73 28.99 -40.35
CA TRP C 339 -13.77 28.79 -41.36
C TRP C 339 -14.44 30.11 -41.73
N CYS C 340 -14.66 30.30 -43.03
CA CYS C 340 -15.29 31.52 -43.54
C CYS C 340 -16.30 31.24 -44.66
N LYS C 341 -17.45 31.88 -44.57
CA LYS C 341 -18.43 31.87 -45.64
C LYS C 341 -18.75 33.32 -46.00
N ASP C 342 -18.82 33.58 -47.31
CA ASP C 342 -19.10 34.92 -47.84
C ASP C 342 -18.54 36.07 -47.00
N GLY C 343 -17.21 36.11 -46.88
CA GLY C 343 -16.50 37.21 -46.23
C GLY C 343 -16.74 37.42 -44.75
N HIS C 344 -17.56 36.57 -44.13
CA HIS C 344 -17.71 36.61 -42.66
C HIS C 344 -17.19 35.34 -41.98
N VAL C 345 -16.75 35.49 -40.73
CA VAL C 345 -16.20 34.38 -39.96
C VAL C 345 -17.32 33.42 -39.54
N GLU C 346 -17.05 32.12 -39.68
CA GLU C 346 -17.99 31.07 -39.32
C GLU C 346 -17.68 30.55 -37.92
N THR C 347 -16.51 29.94 -37.78
CA THR C 347 -16.04 29.36 -36.53
C THR C 347 -14.51 29.40 -36.50
N PHE C 348 -13.95 29.17 -35.32
CA PHE C 348 -12.52 29.31 -35.08
C PHE C 348 -12.17 28.54 -33.83
N TYR C 349 -11.27 27.56 -33.95
CA TYR C 349 -10.94 26.66 -32.85
C TYR C 349 -9.54 26.05 -33.00
N PRO C 350 -8.91 25.67 -31.88
CA PRO C 350 -7.60 25.00 -31.81
C PRO C 350 -7.46 23.72 -32.64
N LYS C 351 -6.22 23.24 -32.77
CA LYS C 351 -5.82 22.05 -33.52
C LYS C 351 -6.40 22.02 -34.95
N HIS D 6 -22.98 -11.97 16.54
CA HIS D 6 -21.97 -12.77 17.29
C HIS D 6 -20.57 -12.69 16.65
N MET D 7 -20.52 -12.68 15.31
CA MET D 7 -19.30 -12.78 14.51
C MET D 7 -18.45 -11.50 14.44
N SER D 8 -17.13 -11.65 14.45
CA SER D 8 -16.21 -10.51 14.40
C SER D 8 -14.77 -10.89 14.08
N LEU D 9 -14.02 -9.90 13.57
CA LEU D 9 -12.58 -10.01 13.31
C LEU D 9 -11.83 -10.50 14.54
N GLU D 10 -12.13 -9.88 15.68
CA GLU D 10 -11.49 -10.19 16.95
C GLU D 10 -11.86 -11.58 17.43
N ASN D 11 -13.12 -11.98 17.19
CA ASN D 11 -13.57 -13.33 17.51
C ASN D 11 -12.77 -14.37 16.73
N VAL D 12 -12.61 -14.14 15.44
CA VAL D 12 -11.88 -15.03 14.55
C VAL D 12 -10.43 -15.18 15.01
N ALA D 13 -9.78 -14.08 15.32
CA ALA D 13 -8.41 -14.12 15.83
C ALA D 13 -8.30 -14.92 17.13
N TYR D 14 -9.29 -14.76 18.00
CA TYR D 14 -9.34 -15.51 19.27
C TYR D 14 -9.32 -17.01 19.01
N ASN D 15 -10.17 -17.44 18.09
CA ASN D 15 -10.20 -18.84 17.65
C ASN D 15 -8.84 -19.28 17.12
N VAL D 16 -8.28 -18.49 16.19
CA VAL D 16 -7.05 -18.85 15.48
C VAL D 16 -5.85 -18.98 16.42
N VAL D 17 -5.69 -18.03 17.35
CA VAL D 17 -4.56 -18.06 18.28
C VAL D 17 -4.67 -19.18 19.33
N ASN D 18 -5.89 -19.50 19.73
CA ASN D 18 -6.14 -20.50 20.77
C ASN D 18 -6.33 -21.91 20.23
N LYS D 19 -7.20 -22.02 19.22
CA LYS D 19 -7.64 -23.31 18.72
C LYS D 19 -7.06 -23.69 17.34
N GLY D 20 -6.22 -22.81 16.77
CA GLY D 20 -5.53 -23.09 15.52
C GLY D 20 -6.27 -22.76 14.24
N HIS D 21 -7.59 -22.59 14.36
CA HIS D 21 -8.49 -22.32 13.24
C HIS D 21 -9.84 -21.96 13.86
N PHE D 22 -10.80 -21.53 13.05
CA PHE D 22 -12.10 -21.14 13.60
C PHE D 22 -12.89 -22.34 14.12
N ASP D 23 -13.41 -22.22 15.34
CA ASP D 23 -14.09 -23.34 16.01
C ASP D 23 -15.51 -23.01 16.47
N GLY D 24 -15.83 -21.73 16.57
CA GLY D 24 -17.13 -21.31 17.10
C GLY D 24 -17.05 -20.97 18.59
N HIS D 25 -15.83 -20.94 19.12
CA HIS D 25 -15.59 -20.50 20.49
C HIS D 25 -15.84 -19.01 20.61
N ALA D 26 -16.57 -18.60 21.65
CA ALA D 26 -16.78 -17.19 21.95
C ALA D 26 -15.45 -16.60 22.38
N GLY D 27 -15.32 -15.28 22.32
CA GLY D 27 -14.10 -14.63 22.78
C GLY D 27 -13.48 -13.71 21.76
N GLU D 28 -12.59 -12.83 22.23
CA GLU D 28 -11.98 -11.82 21.40
C GLU D 28 -10.47 -11.74 21.63
N ALA D 29 -9.71 -11.69 20.54
CA ALA D 29 -8.28 -11.40 20.60
C ALA D 29 -7.99 -10.07 19.91
N PRO D 30 -7.11 -9.24 20.51
CA PRO D 30 -6.76 -7.93 19.98
C PRO D 30 -5.94 -8.05 18.69
N VAL D 31 -6.21 -7.16 17.74
CA VAL D 31 -5.66 -7.28 16.39
C VAL D 31 -5.20 -5.96 15.77
N SER D 32 -4.08 -6.01 15.05
CA SER D 32 -3.65 -4.93 14.16
C SER D 32 -3.71 -5.40 12.72
N ILE D 33 -4.57 -4.77 11.92
CA ILE D 33 -4.48 -4.95 10.48
C ILE D 33 -3.49 -3.93 9.92
N ILE D 34 -2.46 -4.42 9.24
CA ILE D 34 -1.48 -3.57 8.57
C ILE D 34 -0.80 -4.38 7.46
N ASN D 35 -0.40 -3.71 6.38
CA ASN D 35 0.30 -4.33 5.24
C ASN D 35 -0.39 -5.57 4.67
N ASN D 36 -1.72 -5.52 4.52
CA ASN D 36 -2.48 -6.66 4.02
C ASN D 36 -2.28 -7.92 4.89
N ALA D 37 -2.02 -7.71 6.17
CA ALA D 37 -1.69 -8.79 7.11
C ALA D 37 -2.34 -8.59 8.48
N VAL D 38 -2.59 -9.69 9.17
CA VAL D 38 -3.22 -9.65 10.49
C VAL D 38 -2.20 -9.95 11.57
N TYR D 39 -2.07 -9.03 12.51
CA TYR D 39 -1.17 -9.20 13.64
C TYR D 39 -1.97 -9.34 14.91
N THR D 40 -1.46 -10.13 15.84
CA THR D 40 -2.03 -10.16 17.18
C THR D 40 -0.96 -9.86 18.24
N LYS D 41 -1.39 -9.23 19.33
CA LYS D 41 -0.50 -8.86 20.42
C LYS D 41 -0.27 -10.06 21.33
N VAL D 42 1.00 -10.41 21.52
CA VAL D 42 1.39 -11.46 22.45
C VAL D 42 2.58 -10.99 23.28
N ASP D 43 2.38 -10.90 24.59
CA ASP D 43 3.37 -10.38 25.54
C ASP D 43 3.99 -9.06 25.07
N GLY D 44 3.14 -8.08 24.79
CA GLY D 44 3.60 -6.75 24.42
C GLY D 44 3.94 -6.54 22.95
N ILE D 45 4.38 -7.59 22.27
CA ILE D 45 4.79 -7.49 20.86
C ILE D 45 3.80 -8.13 19.87
N ASP D 46 3.77 -7.57 18.65
CA ASP D 46 2.90 -8.05 17.57
C ASP D 46 3.47 -9.31 16.91
N VAL D 47 2.62 -10.33 16.77
CA VAL D 47 2.99 -11.52 16.02
C VAL D 47 2.01 -11.75 14.86
N GLU D 48 2.56 -11.77 13.65
CA GLU D 48 1.78 -11.93 12.41
C GLU D 48 1.14 -13.30 12.36
N ILE D 49 -0.19 -13.33 12.24
CA ILE D 49 -0.91 -14.60 12.19
C ILE D 49 -1.64 -14.88 10.88
N PHE D 50 -1.65 -13.90 9.97
CA PHE D 50 -2.22 -14.08 8.64
C PHE D 50 -1.63 -13.10 7.64
N GLU D 51 -1.48 -13.55 6.40
CA GLU D 51 -0.94 -12.74 5.31
C GLU D 51 -1.85 -12.89 4.10
N ASN D 52 -2.56 -11.82 3.75
CA ASN D 52 -3.54 -11.85 2.66
C ASN D 52 -2.88 -12.00 1.29
N LYS D 53 -3.12 -13.15 0.68
CA LYS D 53 -2.59 -13.44 -0.64
C LYS D 53 -3.68 -13.35 -1.70
N THR D 54 -4.89 -13.01 -1.25
CA THR D 54 -6.08 -12.99 -2.08
C THR D 54 -6.42 -11.58 -2.59
N THR D 55 -7.41 -11.50 -3.47
CA THR D 55 -7.87 -10.22 -4.01
C THR D 55 -8.99 -9.62 -3.14
N LEU D 56 -9.40 -10.36 -2.11
CA LEU D 56 -10.41 -9.91 -1.16
C LEU D 56 -9.79 -8.99 -0.10
N PRO D 57 -10.64 -8.15 0.54
CA PRO D 57 -10.17 -7.39 1.70
C PRO D 57 -9.52 -8.30 2.72
N VAL D 58 -8.37 -7.88 3.25
CA VAL D 58 -7.58 -8.67 4.19
C VAL D 58 -8.40 -9.30 5.32
N ASN D 59 -9.31 -8.52 5.91
CA ASN D 59 -10.14 -9.02 7.01
C ASN D 59 -11.19 -10.05 6.56
N VAL D 60 -11.68 -9.92 5.33
CA VAL D 60 -12.63 -10.89 4.80
C VAL D 60 -11.90 -12.19 4.49
N ALA D 61 -10.68 -12.07 3.97
CA ALA D 61 -9.86 -13.24 3.64
C ALA D 61 -9.46 -14.00 4.90
N PHE D 62 -9.08 -13.26 5.94
CA PHE D 62 -8.81 -13.82 7.26
C PHE D 62 -9.96 -14.68 7.74
N GLU D 63 -11.16 -14.09 7.80
CA GLU D 63 -12.38 -14.80 8.19
C GLU D 63 -12.58 -16.06 7.34
N LEU D 64 -12.48 -15.93 6.03
CA LEU D 64 -12.65 -17.08 5.13
C LEU D 64 -11.61 -18.16 5.36
N TRP D 65 -10.35 -17.75 5.52
CA TRP D 65 -9.26 -18.68 5.79
C TRP D 65 -9.53 -19.50 7.05
N ALA D 66 -9.69 -18.83 8.18
CA ALA D 66 -9.94 -19.48 9.47
C ALA D 66 -11.07 -20.51 9.41
N LYS D 67 -12.08 -20.23 8.59
CA LYS D 67 -13.21 -21.13 8.42
C LYS D 67 -12.96 -22.18 7.33
N ARG D 68 -11.68 -22.55 7.17
CA ARG D 68 -11.29 -23.67 6.32
C ARG D 68 -12.12 -24.88 6.67
N ASN D 69 -12.52 -25.65 5.67
CA ASN D 69 -12.90 -27.03 5.95
C ASN D 69 -11.61 -27.81 6.17
N ILE D 70 -11.42 -28.33 7.39
CA ILE D 70 -10.17 -28.98 7.76
C ILE D 70 -10.23 -30.52 7.72
N LYS D 71 -11.37 -31.03 7.30
CA LYS D 71 -11.53 -32.47 7.05
C LYS D 71 -11.11 -32.75 5.60
N PRO D 72 -10.90 -34.04 5.25
CA PRO D 72 -10.54 -34.33 3.86
C PRO D 72 -11.57 -33.76 2.90
N VAL D 73 -11.12 -32.97 1.94
CA VAL D 73 -12.00 -32.39 0.94
C VAL D 73 -11.44 -32.66 -0.44
N PRO D 74 -12.32 -32.76 -1.46
CA PRO D 74 -11.82 -32.96 -2.83
C PRO D 74 -10.76 -31.92 -3.18
N GLU D 75 -9.84 -32.29 -4.06
CA GLU D 75 -8.90 -31.32 -4.61
C GLU D 75 -9.68 -30.36 -5.49
N ILE D 76 -9.13 -29.15 -5.68
CA ILE D 76 -9.86 -28.10 -6.41
C ILE D 76 -10.08 -28.45 -7.89
N LYS D 77 -9.06 -29.02 -8.52
CA LYS D 77 -9.13 -29.41 -9.93
C LYS D 77 -10.33 -30.33 -10.21
N ILE D 78 -10.58 -31.27 -9.30
CA ILE D 78 -11.67 -32.22 -9.45
C ILE D 78 -13.00 -31.48 -9.35
N LEU D 79 -13.05 -30.48 -8.48
CA LEU D 79 -14.26 -29.65 -8.31
C LEU D 79 -14.50 -28.73 -9.50
N ASN D 80 -13.42 -28.20 -10.07
CA ASN D 80 -13.52 -27.30 -11.22
C ASN D 80 -13.92 -28.01 -12.51
N ASN D 81 -13.51 -29.28 -12.64
CA ASN D 81 -13.89 -30.12 -13.78
C ASN D 81 -15.36 -30.53 -13.73
N LEU D 82 -15.94 -30.50 -12.52
CA LEU D 82 -17.37 -30.77 -12.34
C LEU D 82 -18.20 -29.48 -12.34
N GLY D 83 -17.51 -28.33 -12.41
CA GLY D 83 -18.16 -27.03 -12.50
C GLY D 83 -18.83 -26.54 -11.23
N VAL D 84 -18.25 -26.91 -10.09
CA VAL D 84 -18.74 -26.46 -8.79
C VAL D 84 -18.44 -24.97 -8.64
N ASP D 85 -19.51 -24.18 -8.52
CA ASP D 85 -19.40 -22.73 -8.44
C ASP D 85 -19.24 -22.25 -6.99
N ILE D 86 -19.84 -22.99 -6.07
CA ILE D 86 -19.96 -22.56 -4.67
C ILE D 86 -20.14 -23.75 -3.73
N ALA D 87 -19.50 -23.69 -2.56
CA ALA D 87 -19.64 -24.74 -1.55
C ALA D 87 -20.80 -24.42 -0.61
N ALA D 88 -21.45 -25.47 -0.12
CA ALA D 88 -22.59 -25.31 0.79
C ALA D 88 -22.15 -25.28 2.25
N ASN D 89 -22.29 -24.10 2.86
CA ASN D 89 -22.02 -23.89 4.29
C ASN D 89 -20.65 -24.35 4.77
N THR D 90 -19.64 -24.03 3.99
CA THR D 90 -18.26 -24.33 4.31
C THR D 90 -17.36 -23.50 3.39
N VAL D 91 -16.05 -23.56 3.62
CA VAL D 91 -15.10 -22.91 2.73
C VAL D 91 -14.01 -23.90 2.34
N ILE D 92 -13.87 -24.13 1.04
CA ILE D 92 -12.78 -24.93 0.50
C ILE D 92 -11.61 -23.98 0.20
N TRP D 93 -10.49 -24.18 0.89
CA TRP D 93 -9.32 -23.31 0.74
C TRP D 93 -8.36 -23.83 -0.33
N ASP D 94 -8.08 -22.99 -1.31
CA ASP D 94 -7.09 -23.30 -2.34
C ASP D 94 -5.70 -23.01 -1.78
N TYR D 95 -4.98 -24.05 -1.40
CA TYR D 95 -3.66 -23.90 -0.78
C TYR D 95 -2.54 -23.55 -1.76
N LYS D 96 -2.72 -23.87 -3.04
CA LYS D 96 -1.71 -23.47 -4.06
C LYS D 96 -1.79 -21.98 -4.38
N ARG D 97 -3.01 -21.42 -4.39
CA ARG D 97 -3.21 -19.99 -4.55
C ARG D 97 -3.14 -19.25 -3.22
N GLU D 98 -3.35 -19.97 -2.12
CA GLU D 98 -3.58 -19.39 -0.80
C GLU D 98 -4.76 -18.42 -0.87
N ALA D 99 -5.90 -18.95 -1.30
CA ALA D 99 -7.10 -18.16 -1.52
C ALA D 99 -8.34 -19.05 -1.41
N PRO D 100 -9.52 -18.46 -1.16
CA PRO D 100 -10.71 -19.31 -1.17
C PRO D 100 -10.90 -19.92 -2.57
N ALA D 101 -11.44 -21.13 -2.63
CA ALA D 101 -11.65 -21.81 -3.90
C ALA D 101 -12.75 -21.16 -4.72
N HIS D 102 -13.66 -20.45 -4.05
CA HIS D 102 -14.81 -19.86 -4.71
C HIS D 102 -14.98 -18.36 -4.47
N VAL D 103 -15.78 -17.74 -5.33
CA VAL D 103 -16.01 -16.30 -5.32
C VAL D 103 -16.91 -15.91 -4.15
N SER D 104 -18.01 -16.66 -4.01
CA SER D 104 -19.00 -16.38 -3.01
C SER D 104 -19.06 -17.47 -1.95
N THR D 105 -20.09 -17.42 -1.13
CA THR D 105 -20.22 -18.28 0.03
C THR D 105 -21.71 -18.49 0.34
N ILE D 106 -22.02 -19.59 1.03
CA ILE D 106 -23.37 -19.80 1.56
C ILE D 106 -23.28 -20.06 3.06
N GLY D 107 -23.85 -19.15 3.85
CA GLY D 107 -23.93 -19.27 5.29
C GLY D 107 -22.59 -19.43 6.00
N VAL D 108 -21.58 -18.71 5.53
CA VAL D 108 -20.25 -18.77 6.14
C VAL D 108 -19.78 -17.41 6.63
N CYS D 109 -19.99 -16.37 5.83
CA CYS D 109 -19.48 -15.04 6.16
C CYS D 109 -20.38 -13.94 5.60
N THR D 110 -20.66 -12.92 6.41
CA THR D 110 -21.58 -11.84 6.02
C THR D 110 -21.12 -11.04 4.79
N MET D 111 -19.80 -10.92 4.62
CA MET D 111 -19.22 -10.19 3.49
C MET D 111 -19.31 -10.88 2.13
N THR D 112 -19.43 -12.20 2.13
CA THR D 112 -19.33 -12.98 0.89
C THR D 112 -20.53 -13.85 0.56
N ASP D 113 -21.42 -14.04 1.53
CA ASP D 113 -22.62 -14.86 1.35
C ASP D 113 -23.53 -14.34 0.25
N ILE D 114 -23.98 -15.25 -0.62
CA ILE D 114 -25.08 -14.94 -1.54
C ILE D 114 -26.39 -15.46 -0.97
N ALA D 115 -26.27 -16.31 0.05
CA ALA D 115 -27.39 -16.87 0.78
C ALA D 115 -26.91 -17.41 2.12
N LYS D 116 -27.86 -17.79 2.98
CA LYS D 116 -27.52 -18.37 4.27
C LYS D 116 -27.64 -19.89 4.22
N LYS D 117 -28.68 -20.37 3.56
CA LYS D 117 -28.89 -21.80 3.34
C LYS D 117 -28.79 -22.09 1.85
N PRO D 118 -28.29 -23.29 1.47
CA PRO D 118 -28.21 -23.62 0.04
C PRO D 118 -29.60 -23.93 -0.52
N THR D 119 -30.61 -23.41 0.16
CA THR D 119 -32.02 -23.69 -0.12
C THR D 119 -32.73 -22.46 -0.69
N GLU D 120 -32.01 -21.34 -0.77
CA GLU D 120 -32.57 -20.06 -1.21
C GLU D 120 -32.57 -19.89 -2.74
N SER D 121 -33.20 -18.82 -3.21
CA SER D 121 -33.36 -18.53 -4.64
C SER D 121 -32.05 -18.27 -5.38
N ALA D 122 -31.16 -17.49 -4.75
CA ALA D 122 -29.90 -17.07 -5.37
C ALA D 122 -28.94 -18.23 -5.66
N CYS D 123 -29.34 -19.44 -5.26
CA CYS D 123 -28.50 -20.64 -5.38
C CYS D 123 -28.91 -21.59 -6.51
N SER D 124 -30.18 -21.54 -6.90
CA SER D 124 -30.75 -22.45 -7.91
C SER D 124 -29.85 -22.67 -9.12
N SER D 125 -29.33 -21.57 -9.66
CA SER D 125 -28.55 -21.59 -10.90
C SER D 125 -27.06 -21.94 -10.68
N LEU D 126 -26.68 -22.16 -9.44
CA LEU D 126 -25.29 -22.48 -9.11
C LEU D 126 -25.14 -23.94 -8.70
N THR D 127 -24.04 -24.57 -9.13
CA THR D 127 -23.70 -25.93 -8.74
C THR D 127 -23.05 -25.91 -7.37
N VAL D 128 -23.75 -26.47 -6.39
CA VAL D 128 -23.36 -26.38 -5.00
C VAL D 128 -22.78 -27.71 -4.51
N LEU D 129 -21.64 -27.62 -3.82
CA LEU D 129 -21.02 -28.81 -3.26
C LEU D 129 -21.76 -29.21 -1.99
N PHE D 130 -22.29 -30.44 -2.00
CA PHE D 130 -22.90 -31.01 -0.81
C PHE D 130 -22.03 -32.12 -0.24
N ASP D 131 -22.03 -32.25 1.08
CA ASP D 131 -21.19 -33.21 1.77
C ASP D 131 -22.04 -34.10 2.67
N GLY D 132 -22.07 -35.39 2.35
CA GLY D 132 -22.81 -36.38 3.14
C GLY D 132 -22.32 -36.51 4.57
N ARG D 133 -21.07 -36.11 4.81
CA ARG D 133 -20.47 -36.16 6.14
C ARG D 133 -21.11 -35.17 7.10
N VAL D 134 -21.92 -34.27 6.55
CA VAL D 134 -22.69 -33.35 7.38
C VAL D 134 -24.20 -33.56 7.25
N GLU D 135 -24.84 -33.60 8.42
CA GLU D 135 -26.28 -33.77 8.60
C GLU D 135 -27.16 -33.05 7.59
N GLY D 136 -28.08 -33.80 7.00
CA GLY D 136 -29.14 -33.23 6.16
C GLY D 136 -28.75 -32.75 4.78
N GLN D 137 -27.44 -32.82 4.46
CA GLN D 137 -26.94 -32.30 3.19
C GLN D 137 -27.26 -33.17 1.98
N VAL D 138 -27.18 -34.49 2.16
CA VAL D 138 -27.62 -35.45 1.14
C VAL D 138 -29.06 -35.14 0.78
N ASP D 139 -29.90 -34.98 1.79
CA ASP D 139 -31.31 -34.67 1.60
C ASP D 139 -31.49 -33.33 0.89
N LEU D 140 -30.70 -32.33 1.32
CA LEU D 140 -30.70 -31.02 0.66
C LEU D 140 -30.34 -31.13 -0.81
N PHE D 141 -29.35 -31.97 -1.12
CA PHE D 141 -28.90 -32.18 -2.49
C PHE D 141 -30.05 -32.61 -3.41
N ARG D 142 -30.82 -33.60 -2.95
CA ARG D 142 -31.95 -34.13 -3.72
C ARG D 142 -32.87 -33.02 -4.23
N ASN D 143 -33.28 -32.13 -3.32
CA ASN D 143 -34.19 -31.03 -3.66
C ASN D 143 -33.56 -29.95 -4.55
N ALA D 144 -32.36 -29.49 -4.20
CA ALA D 144 -31.66 -28.47 -4.98
C ALA D 144 -31.40 -28.94 -6.41
N ARG D 145 -31.61 -28.05 -7.37
CA ARG D 145 -31.58 -28.41 -8.79
C ARG D 145 -30.18 -28.67 -9.37
N ASN D 146 -29.25 -27.75 -9.13
CA ASN D 146 -27.88 -27.88 -9.62
C ASN D 146 -26.92 -28.13 -8.46
N GLY D 147 -26.19 -29.24 -8.52
CA GLY D 147 -25.27 -29.58 -7.45
C GLY D 147 -24.42 -30.84 -7.63
N VAL D 148 -23.33 -30.90 -6.88
CA VAL D 148 -22.47 -32.08 -6.80
C VAL D 148 -22.41 -32.55 -5.34
N LEU D 149 -22.82 -33.79 -5.11
CA LEU D 149 -22.77 -34.38 -3.77
C LEU D 149 -21.61 -35.35 -3.63
N ILE D 150 -20.87 -35.22 -2.54
CA ILE D 150 -19.83 -36.17 -2.18
C ILE D 150 -20.25 -36.91 -0.91
N THR D 151 -20.05 -38.22 -0.89
CA THR D 151 -20.42 -39.04 0.26
C THR D 151 -19.30 -40.00 0.63
N GLU D 152 -19.38 -40.58 1.82
CA GLU D 152 -18.45 -41.61 2.25
C GLU D 152 -18.95 -43.01 1.89
N GLY D 153 -20.26 -43.20 2.00
CA GLY D 153 -20.89 -44.49 1.71
C GLY D 153 -21.95 -44.40 0.63
N SER D 154 -22.79 -45.44 0.55
CA SER D 154 -23.81 -45.57 -0.48
C SER D 154 -24.99 -44.60 -0.27
N VAL D 155 -25.68 -44.26 -1.35
CA VAL D 155 -26.89 -43.45 -1.27
C VAL D 155 -28.08 -44.21 -1.87
N LYS D 156 -29.05 -44.48 -1.00
CA LYS D 156 -30.27 -45.22 -1.36
C LYS D 156 -30.93 -44.61 -2.60
N GLY D 157 -31.13 -45.45 -3.62
CA GLY D 157 -31.80 -45.05 -4.85
C GLY D 157 -30.95 -44.28 -5.84
N LEU D 158 -29.64 -44.18 -5.59
CA LEU D 158 -28.74 -43.43 -6.47
C LEU D 158 -27.44 -44.14 -6.81
N THR D 159 -27.04 -44.01 -8.07
CA THR D 159 -25.82 -44.62 -8.59
C THR D 159 -24.59 -43.80 -8.20
N PRO D 160 -23.65 -44.41 -7.46
CA PRO D 160 -22.41 -43.71 -7.10
C PRO D 160 -21.45 -43.62 -8.27
N SER D 161 -20.50 -42.71 -8.17
CA SER D 161 -19.34 -42.68 -9.06
C SER D 161 -18.09 -42.57 -8.20
N LYS D 162 -17.26 -43.59 -8.24
CA LYS D 162 -16.06 -43.64 -7.42
C LYS D 162 -15.09 -42.53 -7.79
N GLY D 163 -14.87 -41.61 -6.85
CA GLY D 163 -13.94 -40.51 -7.04
C GLY D 163 -12.50 -40.92 -6.82
N PRO D 164 -11.57 -39.96 -6.94
CA PRO D 164 -10.16 -40.29 -6.82
C PRO D 164 -9.77 -40.64 -5.38
N ALA D 165 -8.74 -41.48 -5.24
CA ALA D 165 -8.31 -41.99 -3.94
C ALA D 165 -7.68 -40.93 -3.03
N GLN D 166 -7.16 -39.86 -3.62
CA GLN D 166 -6.60 -38.76 -2.83
C GLN D 166 -7.68 -37.77 -2.44
N ALA D 167 -7.41 -37.02 -1.37
CA ALA D 167 -8.15 -35.82 -1.01
C ALA D 167 -7.19 -34.90 -0.28
N SER D 168 -7.63 -33.66 -0.02
CA SER D 168 -6.79 -32.68 0.65
C SER D 168 -7.12 -32.57 2.14
N VAL D 169 -6.11 -32.73 2.98
CA VAL D 169 -6.25 -32.47 4.42
C VAL D 169 -5.29 -31.35 4.86
N ASN D 170 -5.87 -30.19 5.16
CA ASN D 170 -5.13 -28.97 5.52
C ASN D 170 -4.01 -28.64 4.54
N GLY D 171 -4.32 -28.75 3.25
CA GLY D 171 -3.36 -28.46 2.20
C GLY D 171 -2.30 -29.52 2.03
N VAL D 172 -2.55 -30.70 2.61
CA VAL D 172 -1.72 -31.86 2.39
C VAL D 172 -2.56 -32.89 1.66
N THR D 173 -2.25 -33.07 0.39
CA THR D 173 -2.97 -34.04 -0.44
C THR D 173 -2.39 -35.44 -0.23
N LEU D 174 -3.27 -36.37 0.17
CA LEU D 174 -2.85 -37.71 0.60
C LEU D 174 -3.96 -38.76 0.42
N ILE D 175 -3.57 -40.03 0.44
CA ILE D 175 -4.51 -41.15 0.49
C ILE D 175 -4.70 -41.56 1.95
N GLY D 176 -5.92 -41.41 2.44
CA GLY D 176 -6.23 -41.60 3.86
C GLY D 176 -6.12 -43.03 4.36
N GLU D 177 -5.47 -43.18 5.51
CA GLU D 177 -5.33 -44.47 6.19
C GLU D 177 -6.08 -44.46 7.52
N SER D 178 -6.04 -43.32 8.20
CA SER D 178 -6.74 -43.14 9.47
C SER D 178 -8.04 -42.37 9.27
N VAL D 179 -8.24 -41.91 8.03
CA VAL D 179 -9.40 -41.10 7.68
C VAL D 179 -9.79 -41.38 6.22
N LYS D 180 -11.09 -41.35 5.93
CA LYS D 180 -11.59 -41.68 4.58
C LYS D 180 -11.47 -40.49 3.62
N THR D 181 -10.85 -40.73 2.46
CA THR D 181 -10.60 -39.67 1.47
C THR D 181 -11.25 -39.92 0.10
N GLN D 182 -11.64 -41.16 -0.16
CA GLN D 182 -12.25 -41.50 -1.45
C GLN D 182 -13.76 -41.36 -1.37
N PHE D 183 -14.31 -40.45 -2.18
CA PHE D 183 -15.74 -40.15 -2.16
C PHE D 183 -16.46 -40.68 -3.39
N ASN D 184 -17.72 -41.04 -3.20
CA ASN D 184 -18.64 -41.21 -4.31
C ASN D 184 -19.09 -39.82 -4.73
N TYR D 185 -19.14 -39.57 -6.04
CA TYR D 185 -19.65 -38.31 -6.54
C TYR D 185 -21.01 -38.48 -7.20
N PHE D 186 -21.89 -37.53 -6.97
CA PHE D 186 -23.19 -37.48 -7.61
C PHE D 186 -23.38 -36.06 -8.12
N LYS D 187 -23.82 -35.92 -9.37
CA LYS D 187 -24.04 -34.60 -9.96
C LYS D 187 -25.48 -34.43 -10.44
N LYS D 188 -25.91 -33.18 -10.57
CA LYS D 188 -27.29 -32.84 -10.91
C LYS D 188 -27.30 -31.53 -11.67
N VAL D 189 -27.93 -31.53 -12.84
CA VAL D 189 -28.03 -30.31 -13.67
C VAL D 189 -29.49 -30.01 -14.00
N ASP D 190 -29.86 -28.74 -13.87
CA ASP D 190 -31.20 -28.24 -14.22
C ASP D 190 -32.34 -29.20 -13.85
N GLY D 191 -32.22 -29.81 -12.66
CA GLY D 191 -33.25 -30.70 -12.12
C GLY D 191 -32.94 -32.19 -12.23
N ILE D 192 -32.30 -32.59 -13.32
CA ILE D 192 -32.12 -34.01 -13.65
C ILE D 192 -30.79 -34.57 -13.12
N ILE D 193 -30.87 -35.72 -12.44
CA ILE D 193 -29.68 -36.37 -11.88
C ILE D 193 -28.73 -36.90 -12.96
N GLN D 194 -27.47 -36.47 -12.88
CA GLN D 194 -26.49 -36.71 -13.93
C GLN D 194 -25.79 -38.06 -13.87
N GLN D 195 -25.26 -38.47 -15.02
CA GLN D 195 -24.52 -39.71 -15.16
C GLN D 195 -23.07 -39.37 -15.48
N LEU D 196 -22.20 -39.60 -14.50
CA LEU D 196 -20.81 -39.18 -14.61
C LEU D 196 -19.98 -40.10 -15.51
N PRO D 197 -19.18 -39.51 -16.41
CA PRO D 197 -18.29 -40.25 -17.31
C PRO D 197 -17.29 -41.13 -16.55
N GLU D 198 -16.88 -42.23 -17.19
CA GLU D 198 -15.82 -43.08 -16.65
C GLU D 198 -14.50 -42.33 -16.83
N THR D 199 -13.68 -42.34 -15.78
CA THR D 199 -12.54 -41.44 -15.70
C THR D 199 -11.26 -42.09 -15.23
N TYR D 200 -10.14 -41.59 -15.73
CA TYR D 200 -8.86 -41.76 -15.07
C TYR D 200 -8.73 -40.60 -14.08
N PHE D 201 -7.79 -40.70 -13.15
CA PHE D 201 -7.54 -39.61 -12.22
C PHE D 201 -6.07 -39.26 -12.23
N THR D 202 -5.77 -37.97 -12.21
CA THR D 202 -4.41 -37.51 -12.00
C THR D 202 -3.99 -38.04 -10.64
N GLN D 203 -2.74 -38.46 -10.53
CA GLN D 203 -2.21 -39.00 -9.29
C GLN D 203 -1.76 -37.87 -8.35
N SER D 204 -1.56 -36.68 -8.94
CA SER D 204 -1.22 -35.43 -8.24
C SER D 204 -0.06 -35.54 -7.25
N ARG D 205 1.11 -35.90 -7.76
CA ARG D 205 2.33 -35.96 -6.97
C ARG D 205 3.22 -34.76 -7.33
N ASP D 206 4.03 -34.32 -6.37
CA ASP D 206 4.98 -33.22 -6.60
C ASP D 206 6.29 -33.74 -7.20
N LEU D 207 7.15 -32.84 -7.66
CA LEU D 207 8.40 -33.21 -8.33
C LEU D 207 9.52 -33.66 -7.39
N GLU D 208 9.68 -32.96 -6.26
CA GLU D 208 10.82 -33.22 -5.36
C GLU D 208 10.72 -34.51 -4.54
N ASP D 209 9.52 -35.08 -4.46
CA ASP D 209 9.27 -36.28 -3.66
C ASP D 209 8.38 -37.26 -4.41
N PHE D 210 8.67 -37.46 -5.70
CA PHE D 210 7.88 -38.36 -6.53
C PHE D 210 8.10 -39.81 -6.11
N LYS D 211 7.01 -40.48 -5.76
CA LYS D 211 7.03 -41.86 -5.32
C LYS D 211 6.22 -42.72 -6.29
N PRO D 212 6.81 -43.84 -6.76
CA PRO D 212 6.10 -44.75 -7.67
C PRO D 212 4.96 -45.45 -6.97
N ARG D 213 3.86 -45.67 -7.68
CA ARG D 213 2.65 -46.25 -7.08
C ARG D 213 2.24 -47.56 -7.75
N SER D 214 3.09 -48.04 -8.67
CA SER D 214 2.91 -49.34 -9.30
C SER D 214 4.25 -49.91 -9.73
N GLN D 215 4.34 -51.24 -9.77
CA GLN D 215 5.54 -51.95 -10.20
C GLN D 215 6.11 -51.43 -11.53
N MET D 216 5.23 -51.00 -12.43
CA MET D 216 5.64 -50.45 -13.73
C MET D 216 6.43 -49.16 -13.55
N GLU D 217 5.96 -48.32 -12.62
CA GLU D 217 6.59 -47.03 -12.32
C GLU D 217 7.92 -47.20 -11.60
N THR D 218 7.96 -48.14 -10.67
CA THR D 218 9.19 -48.52 -9.97
C THR D 218 10.25 -48.88 -10.99
N ASP D 219 9.87 -49.69 -11.97
CA ASP D 219 10.78 -50.13 -13.03
C ASP D 219 11.17 -48.99 -13.99
N PHE D 220 10.22 -48.09 -14.28
CA PHE D 220 10.48 -46.96 -15.17
C PHE D 220 11.65 -46.12 -14.71
N LEU D 221 11.69 -45.85 -13.40
CA LEU D 221 12.72 -45.01 -12.81
C LEU D 221 14.08 -45.70 -12.75
N GLU D 222 14.08 -46.97 -12.34
CA GLU D 222 15.31 -47.75 -12.14
C GLU D 222 15.99 -48.13 -13.45
N LEU D 223 15.23 -48.80 -14.33
CA LEU D 223 15.79 -49.33 -15.57
C LEU D 223 16.03 -48.23 -16.59
N ALA D 224 16.98 -48.46 -17.50
CA ALA D 224 17.29 -47.52 -18.57
C ALA D 224 16.11 -47.34 -19.53
N MET D 225 16.26 -46.45 -20.50
CA MET D 225 15.19 -46.16 -21.46
C MET D 225 14.82 -47.39 -22.29
N ASP D 226 15.74 -47.84 -23.14
CA ASP D 226 15.49 -48.96 -24.05
C ASP D 226 15.27 -50.30 -23.34
N GLU D 227 15.77 -50.42 -22.11
CA GLU D 227 15.54 -51.59 -21.27
C GLU D 227 14.09 -51.66 -20.77
N PHE D 228 13.50 -50.49 -20.47
CA PHE D 228 12.11 -50.41 -20.01
C PHE D 228 11.12 -50.67 -21.14
N ILE D 229 11.35 -50.03 -22.28
CA ILE D 229 10.53 -50.21 -23.49
C ILE D 229 10.51 -51.69 -23.90
N GLN D 230 11.67 -52.33 -23.80
CA GLN D 230 11.82 -53.76 -24.10
C GLN D 230 11.05 -54.62 -23.09
N ARG D 231 11.36 -54.45 -21.81
CA ARG D 231 10.75 -55.24 -20.73
C ARG D 231 9.22 -55.13 -20.71
N TYR D 232 8.70 -53.99 -21.18
CA TYR D 232 7.27 -53.71 -21.11
C TYR D 232 6.54 -53.70 -22.45
N LYS D 233 7.27 -53.99 -23.54
CA LYS D 233 6.71 -54.13 -24.88
C LYS D 233 5.98 -52.85 -25.32
N LEU D 234 6.76 -51.84 -25.71
CA LEU D 234 6.23 -50.53 -26.04
C LEU D 234 6.90 -49.83 -27.24
N GLU D 235 7.79 -50.53 -27.93
CA GLU D 235 8.45 -49.95 -29.11
C GLU D 235 7.42 -49.55 -30.15
N GLY D 236 7.56 -48.35 -30.70
CA GLY D 236 6.59 -47.82 -31.64
C GLY D 236 5.44 -47.10 -30.97
N TYR D 237 5.54 -46.91 -29.65
CA TYR D 237 4.61 -46.05 -28.92
C TYR D 237 5.31 -44.76 -28.47
N ALA D 238 6.50 -44.53 -29.03
CA ALA D 238 7.25 -43.27 -28.93
C ALA D 238 7.61 -42.79 -27.52
N PHE D 239 7.80 -43.73 -26.59
CA PHE D 239 8.14 -43.39 -25.21
C PHE D 239 9.40 -42.52 -25.05
N GLU D 240 10.32 -42.63 -26.00
CA GLU D 240 11.57 -41.85 -26.00
C GLU D 240 11.37 -40.36 -26.30
N ALA D 241 10.32 -40.03 -27.06
CA ALA D 241 10.04 -38.65 -27.45
C ALA D 241 8.73 -38.11 -26.85
N ILE D 242 8.01 -38.95 -26.10
CA ILE D 242 6.77 -38.54 -25.43
C ILE D 242 6.93 -38.47 -23.91
N VAL D 243 7.47 -39.54 -23.32
CA VAL D 243 7.48 -39.68 -21.85
C VAL D 243 8.82 -39.31 -21.22
N TYR D 244 9.91 -39.92 -21.72
CA TYR D 244 11.25 -39.71 -21.17
C TYR D 244 11.75 -38.27 -21.31
N GLY D 245 11.47 -37.66 -22.46
CA GLY D 245 11.86 -36.27 -22.72
C GLY D 245 13.18 -36.15 -23.46
N ASP D 246 13.20 -35.33 -24.50
CA ASP D 246 14.38 -35.13 -25.33
C ASP D 246 15.04 -33.77 -25.08
N PHE D 247 16.32 -33.81 -24.70
CA PHE D 247 17.05 -32.62 -24.29
C PHE D 247 18.22 -32.30 -25.23
N SER D 248 18.15 -32.82 -26.45
CA SER D 248 19.25 -32.69 -27.41
C SER D 248 19.15 -31.44 -28.28
N HIS D 249 17.96 -30.83 -28.32
CA HIS D 249 17.72 -29.65 -29.14
C HIS D 249 17.49 -28.43 -28.25
N GLY D 250 17.65 -27.24 -28.83
CA GLY D 250 17.39 -25.98 -28.13
C GLY D 250 16.03 -25.99 -27.47
N GLN D 251 15.10 -26.69 -28.09
CA GLN D 251 13.77 -26.87 -27.53
C GLN D 251 13.57 -28.28 -26.97
N LEU D 252 13.11 -28.32 -25.72
CA LEU D 252 12.76 -29.53 -25.00
C LEU D 252 11.59 -30.26 -25.67
N GLY D 253 11.65 -31.59 -25.66
CA GLY D 253 10.62 -32.41 -26.29
C GLY D 253 9.94 -33.38 -25.34
N GLY D 254 8.65 -33.62 -25.56
CA GLY D 254 7.89 -34.57 -24.77
C GLY D 254 7.70 -34.18 -23.31
N LEU D 255 8.13 -35.08 -22.42
CA LEU D 255 7.94 -34.93 -20.96
C LEU D 255 6.47 -34.70 -20.58
N HIS D 256 5.55 -35.24 -21.40
CA HIS D 256 4.12 -35.12 -21.16
C HIS D 256 3.73 -35.62 -19.77
N LEU D 257 4.33 -36.75 -19.38
CA LEU D 257 4.04 -37.37 -18.09
C LEU D 257 4.91 -36.84 -16.97
N MET D 258 4.32 -36.69 -15.79
CA MET D 258 5.02 -36.20 -14.61
C MET D 258 6.22 -37.06 -14.24
N ILE D 259 6.02 -38.37 -14.16
CA ILE D 259 7.11 -39.33 -13.87
C ILE D 259 8.33 -39.15 -14.78
N GLY D 260 8.10 -38.71 -16.01
CA GLY D 260 9.17 -38.39 -16.95
C GLY D 260 10.15 -37.35 -16.41
N LEU D 261 9.61 -36.34 -15.74
CA LEU D 261 10.41 -35.30 -15.09
C LEU D 261 11.12 -35.85 -13.85
N ALA D 262 10.40 -36.67 -13.07
CA ALA D 262 10.96 -37.32 -11.89
C ALA D 262 12.15 -38.20 -12.25
N LYS D 263 12.03 -38.87 -13.40
CA LYS D 263 13.11 -39.69 -13.94
C LYS D 263 14.33 -38.85 -14.27
N ARG D 264 14.13 -37.79 -15.05
CA ARG D 264 15.25 -36.91 -15.42
C ARG D 264 15.82 -36.19 -14.21
N SER D 265 14.98 -35.97 -13.20
CA SER D 265 15.41 -35.34 -11.95
C SER D 265 16.43 -36.18 -11.20
N GLN D 266 16.26 -37.50 -11.21
CA GLN D 266 17.20 -38.43 -10.58
C GLN D 266 18.66 -38.18 -10.98
N ASP D 267 18.85 -37.62 -12.18
CA ASP D 267 20.18 -37.34 -12.72
C ASP D 267 20.60 -35.88 -12.51
N SER D 268 19.84 -34.95 -13.09
CA SER D 268 20.12 -33.51 -12.98
C SER D 268 18.81 -32.71 -12.82
N PRO D 269 18.88 -31.44 -12.35
CA PRO D 269 17.64 -30.74 -12.01
C PRO D 269 16.95 -30.02 -13.17
N LEU D 270 15.68 -29.68 -12.95
CA LEU D 270 14.86 -28.96 -13.92
C LEU D 270 14.19 -27.76 -13.27
N LYS D 271 14.24 -26.60 -13.94
CA LYS D 271 13.54 -25.42 -13.46
C LYS D 271 12.12 -25.40 -14.03
N LEU D 272 11.14 -25.26 -13.14
CA LEU D 272 9.75 -25.19 -13.56
C LEU D 272 9.11 -23.87 -13.19
N GLU D 273 8.97 -22.99 -14.18
CA GLU D 273 8.23 -21.75 -14.00
C GLU D 273 6.73 -22.06 -14.14
N ASP D 274 6.08 -22.26 -13.00
CA ASP D 274 4.64 -22.49 -12.94
C ASP D 274 3.93 -21.17 -13.21
N PHE D 275 3.99 -20.73 -14.47
CA PHE D 275 3.60 -19.37 -14.86
C PHE D 275 2.12 -19.05 -14.66
N ILE D 276 1.31 -20.08 -14.42
CA ILE D 276 -0.04 -19.91 -13.91
C ILE D 276 -0.24 -20.84 -12.70
N PRO D 277 0.11 -20.35 -11.48
CA PRO D 277 0.10 -21.13 -10.23
C PRO D 277 -1.31 -21.45 -9.75
N MET D 278 -1.96 -22.38 -10.44
CA MET D 278 -3.32 -22.80 -10.16
C MET D 278 -3.43 -24.31 -10.37
N ASP D 279 -4.07 -25.00 -9.43
CA ASP D 279 -4.31 -26.43 -9.53
C ASP D 279 -5.11 -26.76 -10.78
N SER D 280 -4.65 -27.75 -11.53
CA SER D 280 -5.42 -28.29 -12.67
C SER D 280 -4.92 -29.63 -13.21
N THR D 281 -5.86 -30.40 -13.76
CA THR D 281 -5.61 -31.71 -14.36
C THR D 281 -4.42 -31.68 -15.32
N VAL D 282 -4.43 -30.71 -16.25
CA VAL D 282 -3.29 -30.46 -17.12
C VAL D 282 -2.57 -29.20 -16.62
N LYS D 283 -1.34 -29.38 -16.15
CA LYS D 283 -0.51 -28.25 -15.76
C LYS D 283 0.43 -27.87 -16.89
N ASN D 284 0.72 -26.57 -17.02
CA ASN D 284 1.64 -26.07 -18.04
C ASN D 284 2.85 -25.40 -17.40
N TYR D 285 4.04 -25.77 -17.87
CA TYR D 285 5.27 -25.26 -17.29
C TYR D 285 6.22 -24.68 -18.34
N PHE D 286 7.00 -23.69 -17.90
CA PHE D 286 8.13 -23.18 -18.66
C PHE D 286 9.35 -23.91 -18.12
N ILE D 287 9.53 -25.16 -18.54
CA ILE D 287 10.63 -26.00 -18.05
C ILE D 287 11.96 -25.57 -18.68
N THR D 288 13.00 -25.58 -17.84
CA THR D 288 14.38 -25.38 -18.29
C THR D 288 15.25 -26.47 -17.68
N ASP D 289 15.95 -27.21 -18.54
CA ASP D 289 16.83 -28.30 -18.13
C ASP D 289 18.20 -27.75 -17.73
N ALA D 290 18.59 -27.94 -16.46
CA ALA D 290 19.83 -27.37 -15.94
C ALA D 290 21.11 -27.93 -16.59
N GLN D 291 21.06 -29.18 -17.01
CA GLN D 291 22.25 -29.88 -17.52
C GLN D 291 22.64 -29.49 -18.94
N THR D 292 21.65 -29.45 -19.82
CA THR D 292 21.87 -29.35 -21.26
C THR D 292 21.73 -27.93 -21.82
N GLY D 293 20.80 -27.16 -21.25
CA GLY D 293 20.46 -25.84 -21.77
C GLY D 293 19.10 -25.84 -22.44
N SER D 294 18.66 -27.03 -22.87
CA SER D 294 17.34 -27.25 -23.44
C SER D 294 16.26 -26.63 -22.55
N SER D 295 15.28 -25.99 -23.19
CA SER D 295 14.17 -25.34 -22.49
C SER D 295 12.95 -25.21 -23.39
N LYS D 296 11.78 -25.05 -22.80
CA LYS D 296 10.54 -24.88 -23.55
C LYS D 296 9.50 -24.11 -22.77
N CYS D 297 9.05 -23.00 -23.34
CA CYS D 297 7.87 -22.29 -22.83
C CYS D 297 6.70 -23.22 -23.07
N VAL D 298 5.79 -23.27 -22.12
CA VAL D 298 4.57 -24.12 -22.18
C VAL D 298 4.78 -25.60 -22.57
N CYS D 299 5.05 -26.43 -21.56
CA CYS D 299 5.04 -27.89 -21.69
C CYS D 299 3.83 -28.41 -20.93
N SER D 300 2.86 -28.94 -21.64
CA SER D 300 1.71 -29.57 -20.99
C SER D 300 2.14 -30.82 -20.24
N VAL D 301 2.18 -30.70 -18.91
CA VAL D 301 2.65 -31.78 -18.04
C VAL D 301 1.52 -32.28 -17.14
N ILE D 302 1.25 -33.58 -17.25
CA ILE D 302 0.12 -34.23 -16.60
C ILE D 302 0.62 -35.47 -15.86
N ASP D 303 0.16 -35.67 -14.62
CA ASP D 303 0.62 -36.79 -13.81
C ASP D 303 -0.35 -37.97 -13.79
N LEU D 304 -0.21 -38.84 -14.79
CA LEU D 304 -0.98 -40.08 -14.81
C LEU D 304 -0.17 -41.24 -14.26
N LEU D 305 -0.87 -42.19 -13.64
CA LEU D 305 -0.27 -43.48 -13.31
C LEU D 305 0.25 -44.02 -14.62
N LEU D 306 1.50 -44.48 -14.65
CA LEU D 306 2.12 -44.93 -15.89
C LEU D 306 1.29 -46.05 -16.54
N ASP D 307 0.77 -46.95 -15.71
CA ASP D 307 -0.15 -48.00 -16.14
C ASP D 307 -1.31 -47.40 -16.93
N ASP D 308 -1.87 -46.32 -16.42
CA ASP D 308 -2.99 -45.62 -17.05
C ASP D 308 -2.63 -45.04 -18.42
N PHE D 309 -1.45 -44.43 -18.53
CA PHE D 309 -1.02 -43.87 -19.81
C PHE D 309 -0.81 -44.95 -20.85
N VAL D 310 -0.11 -46.03 -20.44
CA VAL D 310 0.05 -47.21 -21.28
C VAL D 310 -1.32 -47.61 -21.85
N GLU D 311 -2.26 -47.90 -20.95
CA GLU D 311 -3.61 -48.29 -21.35
C GLU D 311 -4.24 -47.32 -22.35
N ILE D 312 -4.10 -46.02 -22.10
CA ILE D 312 -4.66 -44.98 -22.97
C ILE D 312 -4.07 -45.04 -24.38
N ILE D 313 -2.75 -45.09 -24.49
CA ILE D 313 -2.09 -45.16 -25.79
C ILE D 313 -2.22 -46.54 -26.45
N LYS D 314 -2.28 -47.59 -25.63
CA LYS D 314 -2.42 -48.97 -26.14
C LYS D 314 -3.79 -49.26 -26.72
N SER D 315 -4.83 -48.61 -26.19
CA SER D 315 -6.18 -48.75 -26.73
C SER D 315 -6.41 -47.82 -27.92
N GLN D 316 -5.39 -47.02 -28.24
CA GLN D 316 -5.47 -46.06 -29.33
C GLN D 316 -5.30 -46.72 -30.68
N ASP D 317 -6.08 -46.26 -31.65
CA ASP D 317 -5.94 -46.70 -33.03
C ASP D 317 -4.77 -45.95 -33.67
N LEU D 318 -4.14 -46.56 -34.67
CA LEU D 318 -2.97 -45.98 -35.31
C LEU D 318 -3.08 -45.80 -36.83
N SER D 319 -4.32 -45.77 -37.35
CA SER D 319 -4.56 -45.72 -38.78
C SER D 319 -4.18 -44.38 -39.45
N VAL D 320 -4.85 -43.30 -39.06
CA VAL D 320 -4.69 -41.99 -39.71
C VAL D 320 -3.36 -41.32 -39.32
N ILE D 321 -2.97 -40.31 -40.10
CA ILE D 321 -1.73 -39.57 -39.87
C ILE D 321 -1.80 -38.63 -38.66
N SER D 322 -3.00 -38.14 -38.34
CA SER D 322 -3.25 -37.33 -37.15
C SER D 322 -4.74 -37.22 -36.81
N LYS D 323 -5.09 -37.66 -35.60
CA LYS D 323 -6.46 -37.55 -35.10
C LYS D 323 -6.52 -36.75 -33.80
N VAL D 324 -7.69 -36.18 -33.50
CA VAL D 324 -7.95 -35.52 -32.22
C VAL D 324 -8.71 -36.50 -31.32
N VAL D 325 -8.12 -36.81 -30.17
CA VAL D 325 -8.65 -37.85 -29.29
C VAL D 325 -9.15 -37.30 -27.96
N LYS D 326 -10.28 -37.84 -27.51
CA LYS D 326 -10.87 -37.46 -26.23
C LYS D 326 -10.51 -38.48 -25.15
N VAL D 327 -9.99 -37.99 -24.03
CA VAL D 327 -9.68 -38.83 -22.87
C VAL D 327 -10.24 -38.17 -21.61
N THR D 328 -11.14 -38.86 -20.92
CA THR D 328 -11.73 -38.33 -19.70
C THR D 328 -10.82 -38.57 -18.50
N ILE D 329 -10.20 -37.49 -18.01
CA ILE D 329 -9.33 -37.51 -16.84
C ILE D 329 -9.87 -36.48 -15.84
N ASP D 330 -9.91 -36.85 -14.57
CA ASP D 330 -10.44 -36.00 -13.50
C ASP D 330 -11.82 -35.41 -13.81
N TYR D 331 -12.67 -36.23 -14.43
CA TYR D 331 -14.03 -35.87 -14.85
C TYR D 331 -14.09 -34.86 -16.01
N ALA D 332 -12.94 -34.49 -16.55
CA ALA D 332 -12.88 -33.56 -17.67
C ALA D 332 -12.38 -34.23 -18.95
N GLU D 333 -13.10 -33.99 -20.04
CA GLU D 333 -12.71 -34.47 -21.36
C GLU D 333 -11.47 -33.73 -21.83
N ILE D 334 -10.34 -34.43 -21.86
CA ILE D 334 -9.07 -33.84 -22.28
C ILE D 334 -8.75 -34.24 -23.71
N SER D 335 -8.50 -33.23 -24.56
CA SER D 335 -8.18 -33.47 -25.95
C SER D 335 -6.68 -33.62 -26.17
N PHE D 336 -6.33 -34.61 -26.98
CA PHE D 336 -4.94 -34.88 -27.34
C PHE D 336 -4.79 -34.95 -28.85
N MET D 337 -3.64 -34.53 -29.35
CA MET D 337 -3.31 -34.68 -30.76
C MET D 337 -2.35 -35.86 -30.94
N LEU D 338 -2.83 -36.90 -31.61
CA LEU D 338 -2.06 -38.13 -31.80
C LEU D 338 -1.54 -38.27 -33.23
N TRP D 339 -0.21 -38.24 -33.36
CA TRP D 339 0.43 -38.40 -34.66
C TRP D 339 0.96 -39.82 -34.88
N CYS D 340 0.39 -40.51 -35.87
CA CYS D 340 0.86 -41.81 -36.31
C CYS D 340 1.43 -41.68 -37.71
N LYS D 341 2.42 -42.49 -38.06
CA LYS D 341 3.17 -42.28 -39.31
C LYS D 341 2.93 -43.37 -40.35
N ASP D 342 3.30 -44.60 -39.99
CA ASP D 342 3.27 -45.73 -40.89
C ASP D 342 3.05 -46.98 -40.04
N GLY D 343 3.41 -46.86 -38.76
CA GLY D 343 3.19 -47.92 -37.78
C GLY D 343 3.39 -47.48 -36.34
N HIS D 344 4.01 -46.31 -36.15
CA HIS D 344 4.35 -45.83 -34.83
C HIS D 344 3.69 -44.51 -34.47
N VAL D 345 3.25 -44.42 -33.22
CA VAL D 345 2.95 -43.14 -32.60
C VAL D 345 4.25 -42.35 -32.70
N GLU D 346 4.21 -41.22 -33.39
CA GLU D 346 5.39 -40.35 -33.46
C GLU D 346 5.40 -39.44 -32.25
N THR D 347 4.23 -38.89 -31.92
CA THR D 347 4.03 -38.06 -30.74
C THR D 347 2.56 -38.05 -30.30
N PHE D 348 2.35 -37.71 -29.02
CA PHE D 348 1.01 -37.71 -28.42
C PHE D 348 1.01 -36.71 -27.27
N TYR D 349 0.29 -35.60 -27.45
CA TYR D 349 0.34 -34.46 -26.53
C TYR D 349 -1.04 -33.79 -26.38
N PRO D 350 -1.30 -33.16 -25.22
CA PRO D 350 -2.55 -32.44 -24.98
C PRO D 350 -2.72 -31.20 -25.86
N LYS D 351 -3.93 -30.97 -26.35
CA LYS D 351 -4.24 -29.82 -27.20
C LYS D 351 -4.28 -28.51 -26.41
N HIS E 6 -2.81 -2.40 -30.74
CA HIS E 6 -1.42 -2.95 -30.63
C HIS E 6 -1.04 -3.34 -29.18
N MET E 7 -0.05 -2.65 -28.60
CA MET E 7 0.51 -3.05 -27.31
C MET E 7 -0.34 -2.61 -26.10
N SER E 8 -0.59 -3.54 -25.19
CA SER E 8 -1.38 -3.28 -23.98
C SER E 8 -1.13 -4.27 -22.85
N LEU E 9 -1.50 -3.87 -21.65
CA LEU E 9 -1.40 -4.68 -20.44
C LEU E 9 -2.17 -5.99 -20.60
N GLU E 10 -3.42 -5.92 -21.06
CA GLU E 10 -4.26 -7.08 -21.35
C GLU E 10 -3.68 -8.02 -22.40
N ASN E 11 -2.88 -7.47 -23.32
CA ASN E 11 -2.19 -8.29 -24.31
C ASN E 11 -1.00 -9.04 -23.72
N VAL E 12 -0.18 -8.32 -22.97
CA VAL E 12 0.96 -8.90 -22.26
C VAL E 12 0.48 -10.06 -21.38
N ALA E 13 -0.60 -9.81 -20.62
CA ALA E 13 -1.21 -10.83 -19.78
C ALA E 13 -1.57 -12.08 -20.60
N TYR E 14 -2.28 -11.86 -21.72
CA TYR E 14 -2.69 -12.93 -22.63
C TYR E 14 -1.51 -13.79 -23.07
N ASN E 15 -0.40 -13.14 -23.40
CA ASN E 15 0.84 -13.84 -23.74
C ASN E 15 1.36 -14.71 -22.59
N VAL E 16 1.41 -14.13 -21.39
CA VAL E 16 1.93 -14.85 -20.23
C VAL E 16 1.13 -16.12 -19.93
N VAL E 17 -0.19 -16.00 -19.88
CA VAL E 17 -1.05 -17.15 -19.54
C VAL E 17 -1.18 -18.20 -20.65
N ASN E 18 -0.70 -17.87 -21.85
CA ASN E 18 -0.82 -18.75 -23.01
C ASN E 18 0.50 -19.22 -23.61
N LYS E 19 1.51 -18.35 -23.54
CA LYS E 19 2.80 -18.64 -24.17
C LYS E 19 3.96 -18.70 -23.17
N GLY E 20 3.66 -18.39 -21.90
CA GLY E 20 4.64 -18.49 -20.82
C GLY E 20 5.49 -17.24 -20.63
N HIS E 21 5.53 -16.40 -21.66
CA HIS E 21 6.23 -15.12 -21.64
C HIS E 21 5.61 -14.26 -22.73
N PHE E 22 6.23 -13.12 -23.06
CA PHE E 22 5.73 -12.32 -24.17
C PHE E 22 6.23 -12.83 -25.52
N ASP E 23 5.29 -12.99 -26.44
CA ASP E 23 5.56 -13.64 -27.72
C ASP E 23 5.18 -12.75 -28.91
N GLY E 24 4.26 -11.81 -28.68
CA GLY E 24 3.74 -10.96 -29.74
C GLY E 24 2.47 -11.51 -30.36
N HIS E 25 1.71 -12.27 -29.59
CA HIS E 25 0.45 -12.84 -30.06
C HIS E 25 -0.72 -11.91 -29.81
N ALA E 26 -1.64 -11.90 -30.77
CA ALA E 26 -2.89 -11.13 -30.65
C ALA E 26 -3.84 -11.81 -29.67
N GLY E 27 -4.50 -11.00 -28.84
CA GLY E 27 -5.42 -11.52 -27.83
C GLY E 27 -5.40 -10.70 -26.56
N GLU E 28 -6.41 -10.89 -25.72
CA GLU E 28 -6.53 -10.17 -24.46
C GLU E 28 -6.89 -11.09 -23.31
N ALA E 29 -6.38 -10.78 -22.12
CA ALA E 29 -6.72 -11.52 -20.91
C ALA E 29 -7.19 -10.56 -19.82
N PRO E 30 -8.33 -10.87 -19.17
CA PRO E 30 -8.87 -10.05 -18.09
C PRO E 30 -7.89 -9.93 -16.91
N VAL E 31 -7.66 -8.70 -16.44
CA VAL E 31 -6.62 -8.45 -15.44
C VAL E 31 -7.02 -7.54 -14.28
N SER E 32 -6.53 -7.87 -13.08
CA SER E 32 -6.67 -7.05 -11.89
C SER E 32 -5.30 -6.63 -11.39
N ILE E 33 -5.09 -5.32 -11.24
CA ILE E 33 -3.89 -4.82 -10.56
C ILE E 33 -4.23 -4.44 -9.12
N ILE E 34 -3.49 -5.02 -8.18
CA ILE E 34 -3.72 -4.81 -6.75
C ILE E 34 -2.50 -5.32 -5.95
N ASN E 35 -2.19 -4.64 -4.86
CA ASN E 35 -1.08 -5.01 -3.96
C ASN E 35 0.26 -5.20 -4.65
N ASN E 36 0.56 -4.35 -5.64
CA ASN E 36 1.80 -4.45 -6.42
C ASN E 36 1.96 -5.80 -7.12
N ALA E 37 0.85 -6.30 -7.67
CA ALA E 37 0.81 -7.61 -8.32
C ALA E 37 -0.22 -7.64 -9.47
N VAL E 38 -0.06 -8.60 -10.38
CA VAL E 38 -1.00 -8.78 -11.47
C VAL E 38 -1.75 -10.09 -11.31
N TYR E 39 -3.07 -10.03 -11.52
CA TYR E 39 -3.94 -11.21 -11.43
C TYR E 39 -4.72 -11.37 -12.72
N THR E 40 -5.06 -12.61 -13.05
CA THR E 40 -5.95 -12.88 -14.18
C THR E 40 -7.10 -13.79 -13.77
N LYS E 41 -8.24 -13.57 -14.41
CA LYS E 41 -9.46 -14.30 -14.09
C LYS E 41 -9.53 -15.60 -14.89
N VAL E 42 -9.47 -16.74 -14.19
CA VAL E 42 -9.63 -18.06 -14.81
C VAL E 42 -10.81 -18.80 -14.17
N ASP E 43 -11.89 -18.93 -14.94
CA ASP E 43 -13.17 -19.46 -14.45
C ASP E 43 -13.60 -18.81 -13.14
N GLY E 44 -14.01 -17.54 -13.24
CA GLY E 44 -14.57 -16.81 -12.10
C GLY E 44 -13.62 -16.36 -11.00
N ILE E 45 -12.42 -16.91 -10.96
CA ILE E 45 -11.47 -16.66 -9.86
C ILE E 45 -10.13 -16.09 -10.31
N ASP E 46 -9.48 -15.34 -9.41
CA ASP E 46 -8.21 -14.68 -9.71
C ASP E 46 -7.00 -15.53 -9.32
N VAL E 47 -6.11 -15.73 -10.29
CA VAL E 47 -4.83 -16.39 -10.04
C VAL E 47 -3.68 -15.43 -10.33
N GLU E 48 -2.83 -15.22 -9.32
CA GLU E 48 -1.69 -14.32 -9.44
C GLU E 48 -0.69 -14.84 -10.48
N ILE E 49 -0.29 -13.97 -11.40
CA ILE E 49 0.65 -14.35 -12.46
C ILE E 49 1.95 -13.53 -12.47
N PHE E 50 2.00 -12.50 -11.62
CA PHE E 50 3.20 -11.66 -11.46
C PHE E 50 3.18 -10.92 -10.13
N GLU E 51 4.37 -10.75 -9.55
CA GLU E 51 4.52 -10.02 -8.30
C GLU E 51 5.71 -9.08 -8.39
N ASN E 52 5.43 -7.78 -8.25
CA ASN E 52 6.44 -6.75 -8.48
C ASN E 52 7.45 -6.63 -7.35
N LYS E 53 8.71 -6.83 -7.69
CA LYS E 53 9.82 -6.73 -6.76
C LYS E 53 10.75 -5.58 -7.13
N THR E 54 10.32 -4.77 -8.11
CA THR E 54 11.13 -3.68 -8.66
C THR E 54 10.65 -2.33 -8.13
N THR E 55 11.35 -1.26 -8.52
CA THR E 55 10.93 0.09 -8.16
C THR E 55 10.13 0.78 -9.27
N LEU E 56 9.68 0.00 -10.24
CA LEU E 56 8.85 0.49 -11.34
C LEU E 56 7.37 0.19 -11.06
N PRO E 57 6.47 1.06 -11.54
CA PRO E 57 5.04 0.75 -11.55
C PRO E 57 4.76 -0.72 -11.91
N VAL E 58 3.91 -1.36 -11.12
CA VAL E 58 3.59 -2.80 -11.27
C VAL E 58 3.32 -3.23 -12.72
N ASN E 59 2.55 -2.44 -13.46
CA ASN E 59 2.22 -2.74 -14.85
C ASN E 59 3.41 -2.63 -15.77
N VAL E 60 4.33 -1.73 -15.42
CA VAL E 60 5.52 -1.50 -16.23
C VAL E 60 6.52 -2.64 -16.02
N ALA E 61 6.71 -3.03 -14.76
CA ALA E 61 7.55 -4.18 -14.43
C ALA E 61 7.03 -5.43 -15.14
N PHE E 62 5.71 -5.52 -15.26
CA PHE E 62 5.04 -6.63 -15.96
C PHE E 62 5.37 -6.63 -17.45
N GLU E 63 5.20 -5.49 -18.14
CA GLU E 63 5.54 -5.37 -19.56
C GLU E 63 7.00 -5.82 -19.80
N LEU E 64 7.89 -5.47 -18.89
CA LEU E 64 9.32 -5.80 -19.00
C LEU E 64 9.65 -7.26 -18.65
N TRP E 65 9.13 -7.74 -17.53
CA TRP E 65 9.34 -9.12 -17.11
C TRP E 65 8.91 -10.10 -18.20
N ALA E 66 7.72 -9.86 -18.78
CA ALA E 66 7.21 -10.72 -19.85
C ALA E 66 8.10 -10.69 -21.09
N LYS E 67 8.72 -9.54 -21.35
CA LYS E 67 9.62 -9.38 -22.49
C LYS E 67 11.07 -9.74 -22.13
N ARG E 68 11.22 -10.63 -21.15
CA ARG E 68 12.47 -11.31 -20.80
C ARG E 68 13.18 -11.88 -22.02
N ASN E 69 14.49 -11.93 -21.96
CA ASN E 69 15.26 -12.72 -22.90
C ASN E 69 15.23 -14.18 -22.44
N ILE E 70 14.41 -15.00 -23.12
CA ILE E 70 14.31 -16.42 -22.79
C ILE E 70 15.46 -17.25 -23.36
N LYS E 71 16.34 -16.58 -24.11
CA LYS E 71 17.55 -17.21 -24.65
C LYS E 71 18.68 -17.22 -23.62
N PRO E 72 19.73 -18.03 -23.86
CA PRO E 72 20.94 -17.96 -23.04
C PRO E 72 21.57 -16.58 -23.15
N VAL E 73 21.76 -15.94 -22.00
CA VAL E 73 22.30 -14.59 -21.95
C VAL E 73 23.54 -14.50 -21.07
N PRO E 74 24.44 -13.54 -21.36
CA PRO E 74 25.56 -13.29 -20.46
C PRO E 74 25.05 -13.05 -19.05
N GLU E 75 25.86 -13.43 -18.05
CA GLU E 75 25.52 -13.17 -16.66
C GLU E 75 25.73 -11.69 -16.36
N ILE E 76 24.88 -11.14 -15.50
CA ILE E 76 24.87 -9.69 -15.23
C ILE E 76 26.24 -9.11 -14.87
N LYS E 77 27.00 -9.83 -14.05
CA LYS E 77 28.37 -9.41 -13.68
C LYS E 77 29.26 -9.13 -14.89
N ILE E 78 29.20 -10.01 -15.90
CA ILE E 78 29.96 -9.85 -17.15
C ILE E 78 29.58 -8.54 -17.85
N LEU E 79 28.29 -8.22 -17.84
CA LEU E 79 27.78 -6.97 -18.41
C LEU E 79 28.16 -5.76 -17.56
N ASN E 80 27.96 -5.88 -16.24
CA ASN E 80 28.32 -4.82 -15.29
C ASN E 80 29.81 -4.50 -15.32
N ASN E 81 30.62 -5.54 -15.51
CA ASN E 81 32.08 -5.37 -15.61
C ASN E 81 32.49 -4.78 -16.96
N LEU E 82 31.70 -5.04 -17.99
CA LEU E 82 31.95 -4.51 -19.33
C LEU E 82 31.34 -3.12 -19.56
N GLY E 83 30.52 -2.67 -18.61
CA GLY E 83 29.93 -1.33 -18.65
C GLY E 83 28.69 -1.21 -19.51
N VAL E 84 28.04 -2.34 -19.80
CA VAL E 84 26.79 -2.35 -20.56
C VAL E 84 25.71 -1.62 -19.78
N ASP E 85 25.12 -0.61 -20.43
CA ASP E 85 24.14 0.26 -19.78
C ASP E 85 22.70 -0.07 -20.19
N ILE E 86 22.56 -0.67 -21.36
CA ILE E 86 21.26 -0.87 -21.97
C ILE E 86 21.34 -1.91 -23.10
N ALA E 87 20.41 -2.85 -23.11
CA ALA E 87 20.33 -3.83 -24.18
C ALA E 87 19.52 -3.27 -25.35
N ALA E 88 19.91 -3.65 -26.56
CA ALA E 88 19.16 -3.28 -27.75
C ALA E 88 18.00 -4.24 -27.97
N ASN E 89 16.79 -3.69 -27.95
CA ASN E 89 15.55 -4.42 -28.30
C ASN E 89 15.27 -5.69 -27.49
N THR E 90 15.69 -5.68 -26.22
CA THR E 90 15.40 -6.76 -25.30
C THR E 90 15.63 -6.32 -23.85
N VAL E 91 15.01 -7.06 -22.92
CA VAL E 91 15.26 -6.89 -21.50
C VAL E 91 16.15 -8.04 -21.02
N ILE E 92 17.24 -7.68 -20.37
CA ILE E 92 18.05 -8.65 -19.64
C ILE E 92 17.53 -8.65 -18.21
N TRP E 93 16.79 -9.70 -17.86
CA TRP E 93 16.18 -9.81 -16.52
C TRP E 93 17.19 -10.30 -15.51
N ASP E 94 17.30 -9.57 -14.40
CA ASP E 94 18.11 -9.98 -13.27
C ASP E 94 17.24 -10.81 -12.34
N TYR E 95 17.32 -12.13 -12.50
CA TYR E 95 16.51 -13.08 -11.73
C TYR E 95 16.85 -13.10 -10.24
N LYS E 96 18.06 -12.68 -9.90
CA LYS E 96 18.49 -12.57 -8.51
C LYS E 96 17.69 -11.49 -7.78
N ARG E 97 17.52 -10.33 -8.44
CA ARG E 97 16.75 -9.22 -7.89
C ARG E 97 15.27 -9.27 -8.25
N GLU E 98 14.88 -10.23 -9.08
CA GLU E 98 13.57 -10.23 -9.75
C GLU E 98 13.21 -8.83 -10.27
N ALA E 99 14.20 -8.21 -10.92
CA ALA E 99 14.11 -6.87 -11.48
C ALA E 99 14.92 -6.81 -12.77
N PRO E 100 14.65 -5.83 -13.65
CA PRO E 100 15.50 -5.74 -14.85
C PRO E 100 16.93 -5.30 -14.51
N ALA E 101 17.88 -5.64 -15.38
CA ALA E 101 19.30 -5.34 -15.17
C ALA E 101 19.68 -3.92 -15.58
N HIS E 102 18.80 -3.25 -16.31
CA HIS E 102 19.10 -1.93 -16.85
C HIS E 102 17.99 -0.92 -16.61
N VAL E 103 18.39 0.33 -16.42
CA VAL E 103 17.47 1.43 -16.13
C VAL E 103 16.45 1.62 -17.25
N SER E 104 16.96 1.70 -18.49
CA SER E 104 16.14 2.00 -19.64
C SER E 104 16.05 0.83 -20.61
N THR E 105 15.47 1.11 -21.79
CA THR E 105 15.07 0.08 -22.74
C THR E 105 15.07 0.65 -24.17
N ILE E 106 15.22 -0.23 -25.17
CA ILE E 106 15.17 0.18 -26.58
C ILE E 106 14.19 -0.68 -27.37
N GLY E 107 13.17 -0.04 -27.94
CA GLY E 107 12.14 -0.73 -28.73
C GLY E 107 11.45 -1.88 -28.02
N VAL E 108 11.22 -1.73 -26.72
CA VAL E 108 10.62 -2.77 -25.89
C VAL E 108 9.30 -2.33 -25.26
N CYS E 109 9.28 -1.12 -24.71
CA CYS E 109 8.15 -0.65 -23.93
C CYS E 109 8.10 0.87 -23.91
N THR E 110 6.97 1.45 -24.33
CA THR E 110 6.80 2.90 -24.48
C THR E 110 7.13 3.67 -23.20
N MET E 111 6.81 3.07 -22.05
CA MET E 111 7.00 3.69 -20.75
C MET E 111 8.48 3.73 -20.30
N THR E 112 9.33 2.95 -20.96
CA THR E 112 10.75 2.84 -20.57
C THR E 112 11.76 3.02 -21.71
N ASP E 113 11.28 2.95 -22.95
CA ASP E 113 12.10 3.22 -24.13
C ASP E 113 12.78 4.58 -24.05
N ILE E 114 14.03 4.66 -24.51
CA ILE E 114 14.65 5.96 -24.80
C ILE E 114 14.86 6.14 -26.30
N ALA E 115 14.62 5.06 -27.04
CA ALA E 115 14.69 5.02 -28.51
C ALA E 115 13.99 3.78 -29.03
N LYS E 116 13.42 3.84 -30.23
CA LYS E 116 12.80 2.67 -30.84
C LYS E 116 13.81 1.78 -31.56
N LYS E 117 14.97 2.36 -31.86
CA LYS E 117 16.11 1.68 -32.48
C LYS E 117 17.39 2.20 -31.85
N PRO E 118 18.46 1.36 -31.81
CA PRO E 118 19.69 1.75 -31.10
C PRO E 118 20.57 2.77 -31.84
N THR E 119 20.17 3.14 -33.06
CA THR E 119 20.92 4.07 -33.89
C THR E 119 20.66 5.54 -33.55
N GLU E 120 19.60 5.78 -32.76
CA GLU E 120 19.18 7.13 -32.38
C GLU E 120 20.21 7.85 -31.51
N SER E 121 20.09 9.17 -31.46
CA SER E 121 21.03 10.03 -30.72
C SER E 121 21.07 9.70 -29.23
N ALA E 122 19.90 9.40 -28.66
CA ALA E 122 19.77 9.10 -27.25
C ALA E 122 20.70 7.98 -26.78
N CYS E 123 20.94 7.01 -27.66
CA CYS E 123 21.73 5.82 -27.33
C CYS E 123 23.24 6.03 -27.36
N SER E 124 23.70 7.02 -28.13
CA SER E 124 25.11 7.17 -28.49
C SER E 124 26.14 7.28 -27.34
N SER E 125 25.71 7.76 -26.18
CA SER E 125 26.63 7.86 -25.03
C SER E 125 26.55 6.63 -24.12
N LEU E 126 25.81 5.61 -24.55
CA LEU E 126 25.59 4.41 -23.75
C LEU E 126 26.16 3.16 -24.42
N THR E 127 26.73 2.29 -23.60
CA THR E 127 27.23 1.00 -24.07
C THR E 127 26.04 0.05 -24.28
N VAL E 128 25.70 -0.16 -25.55
CA VAL E 128 24.50 -0.90 -25.92
C VAL E 128 24.84 -2.37 -26.22
N LEU E 129 24.20 -3.28 -25.49
CA LEU E 129 24.40 -4.71 -25.70
C LEU E 129 23.77 -5.13 -27.02
N PHE E 130 24.55 -5.80 -27.86
CA PHE E 130 24.07 -6.30 -29.14
C PHE E 130 24.19 -7.82 -29.21
N ASP E 131 23.18 -8.47 -29.78
CA ASP E 131 23.19 -9.91 -29.92
C ASP E 131 23.38 -10.33 -31.37
N GLY E 132 24.44 -11.10 -31.63
CA GLY E 132 24.73 -11.62 -32.95
C GLY E 132 23.78 -12.72 -33.40
N ARG E 133 22.88 -13.13 -32.50
CA ARG E 133 21.89 -14.16 -32.80
C ARG E 133 20.62 -13.59 -33.42
N VAL E 134 20.54 -12.25 -33.48
CA VAL E 134 19.37 -11.60 -34.05
C VAL E 134 19.72 -10.74 -35.28
N GLU E 135 18.80 -10.76 -36.25
CA GLU E 135 18.99 -10.16 -37.57
C GLU E 135 19.58 -8.74 -37.57
N GLY E 136 20.81 -8.63 -38.04
CA GLY E 136 21.43 -7.33 -38.31
C GLY E 136 21.99 -6.55 -37.15
N GLN E 137 21.94 -7.11 -35.95
CA GLN E 137 22.50 -6.45 -34.77
C GLN E 137 24.03 -6.46 -34.75
N VAL E 138 24.62 -7.36 -35.54
CA VAL E 138 26.06 -7.39 -35.75
C VAL E 138 26.46 -6.15 -36.54
N ASP E 139 25.65 -5.84 -37.55
CA ASP E 139 25.86 -4.68 -38.40
C ASP E 139 25.63 -3.37 -37.65
N LEU E 140 24.59 -3.35 -36.80
CA LEU E 140 24.27 -2.19 -35.97
C LEU E 140 25.39 -1.86 -34.98
N PHE E 141 26.12 -2.90 -34.58
CA PHE E 141 27.28 -2.74 -33.70
C PHE E 141 28.40 -1.95 -34.38
N ARG E 142 28.60 -2.21 -35.67
CA ARG E 142 29.65 -1.56 -36.47
C ARG E 142 29.46 -0.04 -36.59
N ASN E 143 28.20 0.37 -36.66
CA ASN E 143 27.86 1.79 -36.82
C ASN E 143 27.55 2.47 -35.49
N ALA E 144 27.78 1.76 -34.39
CA ALA E 144 27.51 2.28 -33.05
C ALA E 144 28.77 2.85 -32.41
N ARG E 145 28.59 3.95 -31.68
CA ARG E 145 29.71 4.60 -30.99
C ARG E 145 30.22 3.75 -29.81
N ASN E 146 29.29 3.33 -28.95
CA ASN E 146 29.62 2.43 -27.84
C ASN E 146 28.69 1.23 -27.80
N GLY E 147 29.23 0.08 -27.41
CA GLY E 147 28.45 -1.14 -27.33
C GLY E 147 29.28 -2.37 -27.03
N VAL E 148 28.58 -3.46 -26.74
CA VAL E 148 29.20 -4.75 -26.53
C VAL E 148 28.45 -5.77 -27.38
N LEU E 149 29.19 -6.48 -28.23
CA LEU E 149 28.59 -7.49 -29.08
C LEU E 149 28.88 -8.88 -28.53
N ILE E 150 27.88 -9.76 -28.62
CA ILE E 150 28.06 -11.17 -28.32
C ILE E 150 27.58 -12.00 -29.51
N THR E 151 28.45 -12.88 -29.99
CA THR E 151 28.12 -13.77 -31.11
C THR E 151 28.45 -15.22 -30.78
N GLU E 152 27.73 -16.14 -31.40
CA GLU E 152 27.99 -17.57 -31.26
C GLU E 152 29.22 -17.96 -32.07
N GLY E 153 29.20 -17.62 -33.37
CA GLY E 153 30.30 -17.94 -34.28
C GLY E 153 31.29 -16.79 -34.39
N SER E 154 31.98 -16.73 -35.52
CA SER E 154 33.00 -15.71 -35.76
C SER E 154 32.42 -14.52 -36.55
N VAL E 155 33.05 -13.36 -36.40
CA VAL E 155 32.59 -12.15 -37.08
C VAL E 155 33.67 -11.61 -38.03
N LYS E 156 33.24 -11.25 -39.24
CA LYS E 156 34.13 -10.69 -40.28
C LYS E 156 34.93 -9.46 -39.81
N GLY E 157 36.25 -9.55 -39.98
CA GLY E 157 37.15 -8.42 -39.76
C GLY E 157 37.26 -7.88 -38.34
N LEU E 158 36.98 -8.73 -37.36
CA LEU E 158 37.07 -8.33 -35.95
C LEU E 158 37.66 -9.44 -35.07
N THR E 159 38.60 -9.06 -34.21
CA THR E 159 39.26 -10.00 -33.29
C THR E 159 38.34 -10.30 -32.09
N PRO E 160 37.96 -11.58 -31.93
CA PRO E 160 37.06 -12.02 -30.86
C PRO E 160 37.75 -12.17 -29.49
N SER E 161 36.93 -12.46 -28.47
CA SER E 161 37.40 -12.79 -27.13
C SER E 161 36.48 -13.84 -26.53
N LYS E 162 37.03 -15.03 -26.30
CA LYS E 162 36.26 -16.16 -25.77
C LYS E 162 35.74 -15.83 -24.37
N GLY E 163 34.42 -15.94 -24.21
CA GLY E 163 33.78 -15.60 -22.95
C GLY E 163 33.71 -16.78 -21.99
N PRO E 164 33.01 -16.61 -20.86
CA PRO E 164 32.88 -17.70 -19.90
C PRO E 164 32.10 -18.86 -20.53
N ALA E 165 32.35 -20.07 -20.03
CA ALA E 165 31.66 -21.26 -20.54
C ALA E 165 30.19 -21.28 -20.13
N GLN E 166 29.88 -20.56 -19.04
CA GLN E 166 28.52 -20.49 -18.50
C GLN E 166 27.77 -19.26 -19.00
N ALA E 167 26.47 -19.41 -19.17
CA ALA E 167 25.57 -18.29 -19.37
C ALA E 167 24.30 -18.56 -18.59
N SER E 168 23.42 -17.58 -18.53
CA SER E 168 22.14 -17.74 -17.83
C SER E 168 21.03 -18.10 -18.80
N VAL E 169 20.31 -19.17 -18.49
CA VAL E 169 19.16 -19.59 -19.28
C VAL E 169 17.94 -19.55 -18.36
N ASN E 170 17.11 -18.53 -18.55
CA ASN E 170 15.93 -18.29 -17.71
C ASN E 170 16.25 -18.31 -16.21
N GLY E 171 17.34 -17.64 -15.84
CA GLY E 171 17.79 -17.58 -14.45
C GLY E 171 18.74 -18.69 -14.07
N VAL E 172 18.64 -19.82 -14.78
CA VAL E 172 19.48 -20.97 -14.50
C VAL E 172 20.84 -20.82 -15.18
N THR E 173 21.88 -20.63 -14.39
CA THR E 173 23.24 -20.52 -14.93
C THR E 173 23.84 -21.91 -15.18
N LEU E 174 24.29 -22.13 -16.42
CA LEU E 174 24.71 -23.46 -16.87
C LEU E 174 25.69 -23.42 -18.04
N ILE E 175 26.33 -24.55 -18.29
CA ILE E 175 27.14 -24.76 -19.48
C ILE E 175 26.27 -25.39 -20.56
N GLY E 176 26.12 -24.69 -21.67
CA GLY E 176 25.26 -25.15 -22.75
C GLY E 176 25.79 -26.39 -23.44
N GLU E 177 24.94 -27.40 -23.56
CA GLU E 177 25.27 -28.63 -24.27
C GLU E 177 24.36 -28.79 -25.48
N SER E 178 23.11 -28.37 -25.33
CA SER E 178 22.14 -28.39 -26.42
C SER E 178 21.94 -27.00 -27.03
N VAL E 179 22.51 -26.00 -26.39
CA VAL E 179 22.45 -24.61 -26.85
C VAL E 179 23.70 -23.86 -26.35
N LYS E 180 24.26 -23.02 -27.22
CA LYS E 180 25.56 -22.38 -26.94
C LYS E 180 25.51 -21.25 -25.91
N THR E 181 26.36 -21.35 -24.90
CA THR E 181 26.42 -20.37 -23.81
C THR E 181 27.76 -19.66 -23.75
N GLN E 182 28.74 -20.17 -24.49
CA GLN E 182 30.03 -19.51 -24.61
C GLN E 182 29.98 -18.48 -25.74
N PHE E 183 30.15 -17.21 -25.39
CA PHE E 183 30.01 -16.12 -26.34
C PHE E 183 31.35 -15.50 -26.73
N ASN E 184 31.40 -14.96 -27.95
CA ASN E 184 32.49 -14.09 -28.37
C ASN E 184 32.17 -12.66 -27.95
N TYR E 185 33.14 -11.99 -27.35
CA TYR E 185 32.95 -10.62 -26.88
C TYR E 185 33.77 -9.60 -27.67
N PHE E 186 33.07 -8.58 -28.17
CA PHE E 186 33.69 -7.45 -28.85
C PHE E 186 33.12 -6.18 -28.23
N LYS E 187 33.95 -5.14 -28.13
CA LYS E 187 33.53 -3.90 -27.49
C LYS E 187 34.08 -2.67 -28.22
N LYS E 188 33.26 -1.64 -28.32
CA LYS E 188 33.68 -0.34 -28.84
C LYS E 188 33.62 0.70 -27.74
N VAL E 189 34.59 1.62 -27.76
CA VAL E 189 34.53 2.82 -26.94
C VAL E 189 34.80 4.03 -27.84
N ASP E 190 33.79 4.88 -27.98
CA ASP E 190 33.86 6.12 -28.76
C ASP E 190 34.33 5.91 -30.21
N GLY E 191 33.74 4.91 -30.86
CA GLY E 191 34.03 4.61 -32.27
C GLY E 191 35.12 3.57 -32.49
N ILE E 192 36.09 3.53 -31.58
CA ILE E 192 37.26 2.66 -31.70
C ILE E 192 37.00 1.28 -31.09
N ILE E 193 37.39 0.23 -31.82
CA ILE E 193 37.31 -1.15 -31.34
C ILE E 193 38.28 -1.34 -30.17
N GLN E 194 37.97 -2.26 -29.27
CA GLN E 194 38.81 -2.52 -28.11
C GLN E 194 39.35 -3.94 -28.10
N GLN E 195 40.66 -4.08 -27.86
CA GLN E 195 41.21 -5.39 -27.55
C GLN E 195 41.06 -5.61 -26.04
N LEU E 196 40.20 -6.56 -25.69
CA LEU E 196 39.79 -6.79 -24.31
C LEU E 196 40.89 -7.50 -23.52
N PRO E 197 41.06 -7.12 -22.23
CA PRO E 197 42.08 -7.78 -21.40
C PRO E 197 41.87 -9.30 -21.31
N GLU E 198 42.96 -10.06 -21.29
CA GLU E 198 42.88 -11.51 -21.09
C GLU E 198 42.48 -11.77 -19.63
N THR E 199 41.59 -12.74 -19.43
CA THR E 199 40.84 -12.82 -18.19
C THR E 199 40.64 -14.24 -17.68
N TYR E 200 40.54 -14.36 -16.36
CA TYR E 200 39.97 -15.55 -15.73
C TYR E 200 38.48 -15.27 -15.56
N PHE E 201 37.69 -16.33 -15.52
CA PHE E 201 36.26 -16.17 -15.27
C PHE E 201 35.85 -16.82 -13.95
N THR E 202 34.97 -16.15 -13.23
CA THR E 202 34.39 -16.72 -12.03
C THR E 202 33.57 -17.94 -12.42
N GLN E 203 33.60 -18.95 -11.54
CA GLN E 203 32.97 -20.23 -11.83
C GLN E 203 31.46 -20.17 -11.59
N SER E 204 31.01 -19.13 -10.89
CA SER E 204 29.58 -18.82 -10.69
C SER E 204 28.78 -19.93 -10.01
N ARG E 205 29.38 -20.55 -8.99
CA ARG E 205 28.78 -21.70 -8.31
C ARG E 205 28.12 -21.33 -6.98
N ASP E 206 27.04 -22.03 -6.67
CA ASP E 206 26.33 -21.88 -5.40
C ASP E 206 26.97 -22.75 -4.31
N LEU E 207 26.82 -22.35 -3.05
CA LEU E 207 27.28 -23.13 -1.91
C LEU E 207 26.36 -24.32 -1.69
N GLU E 208 25.06 -24.10 -1.91
CA GLU E 208 24.01 -25.11 -1.74
C GLU E 208 24.26 -26.40 -2.52
N ASP E 209 24.85 -26.28 -3.71
CA ASP E 209 25.16 -27.44 -4.55
C ASP E 209 26.50 -27.31 -5.27
N PHE E 210 27.55 -27.15 -4.48
CA PHE E 210 28.91 -26.98 -5.00
C PHE E 210 29.50 -28.31 -5.49
N LYS E 211 30.12 -28.27 -6.67
CA LYS E 211 30.85 -29.40 -7.23
C LYS E 211 32.26 -28.95 -7.63
N PRO E 212 33.27 -29.84 -7.52
CA PRO E 212 34.62 -29.51 -8.01
C PRO E 212 34.70 -29.56 -9.54
N ARG E 213 35.70 -28.90 -10.12
CA ARG E 213 35.82 -28.84 -11.59
C ARG E 213 37.19 -29.23 -12.16
N SER E 214 38.10 -29.65 -11.28
CA SER E 214 39.42 -30.12 -11.71
C SER E 214 39.97 -31.07 -10.66
N GLN E 215 40.95 -31.89 -11.06
CA GLN E 215 41.64 -32.79 -10.14
C GLN E 215 42.12 -32.03 -8.89
N MET E 216 42.72 -30.86 -9.10
CA MET E 216 43.23 -30.03 -8.01
C MET E 216 42.15 -29.67 -7.01
N GLU E 217 40.95 -29.38 -7.51
CA GLU E 217 39.82 -28.99 -6.66
C GLU E 217 39.23 -30.19 -5.91
N THR E 218 39.23 -31.35 -6.56
CA THR E 218 38.77 -32.60 -5.94
C THR E 218 39.72 -33.01 -4.81
N ASP E 219 41.02 -32.81 -5.03
CA ASP E 219 42.04 -33.07 -4.02
C ASP E 219 41.92 -32.12 -2.83
N PHE E 220 41.55 -30.87 -3.09
CA PHE E 220 41.30 -29.89 -2.05
C PHE E 220 40.18 -30.36 -1.14
N LEU E 221 39.03 -30.65 -1.74
CA LEU E 221 37.85 -31.10 -1.01
C LEU E 221 38.05 -32.47 -0.35
N GLU E 222 38.95 -33.29 -0.90
CA GLU E 222 39.21 -34.62 -0.38
C GLU E 222 40.29 -34.64 0.71
N LEU E 223 41.52 -34.27 0.35
CA LEU E 223 42.67 -34.37 1.26
C LEU E 223 42.63 -33.35 2.39
N ALA E 224 43.34 -33.67 3.48
CA ALA E 224 43.55 -32.74 4.59
C ALA E 224 44.50 -31.62 4.17
N MET E 225 44.64 -30.62 5.05
CA MET E 225 45.30 -29.35 4.72
C MET E 225 46.74 -29.48 4.19
N ASP E 226 47.71 -29.76 5.05
CA ASP E 226 49.14 -29.78 4.61
C ASP E 226 49.48 -30.93 3.65
N GLU E 227 48.70 -32.00 3.68
CA GLU E 227 48.83 -33.10 2.71
C GLU E 227 48.60 -32.59 1.29
N PHE E 228 47.58 -31.74 1.14
CA PHE E 228 47.26 -31.10 -0.14
C PHE E 228 48.26 -30.00 -0.52
N ILE E 229 48.65 -29.19 0.47
CA ILE E 229 49.58 -28.07 0.27
C ILE E 229 50.93 -28.55 -0.27
N GLN E 230 51.46 -29.59 0.37
CA GLN E 230 52.70 -30.25 -0.04
C GLN E 230 52.54 -30.90 -1.42
N ARG E 231 51.43 -31.62 -1.62
CA ARG E 231 51.14 -32.32 -2.87
C ARG E 231 51.20 -31.40 -4.08
N TYR E 232 50.83 -30.14 -3.90
CA TYR E 232 50.82 -29.17 -4.99
C TYR E 232 51.92 -28.11 -4.86
N LYS E 233 52.98 -28.44 -4.12
CA LYS E 233 54.12 -27.56 -3.88
C LYS E 233 53.67 -26.12 -3.56
N LEU E 234 52.69 -26.02 -2.67
CA LEU E 234 52.09 -24.73 -2.31
C LEU E 234 52.62 -24.21 -0.97
N GLU E 235 53.42 -25.02 -0.29
CA GLU E 235 53.99 -24.67 1.01
C GLU E 235 54.82 -23.40 0.95
N GLY E 236 54.42 -22.39 1.73
CA GLY E 236 55.07 -21.09 1.75
C GLY E 236 54.17 -19.95 1.32
N TYR E 237 52.88 -20.26 1.20
CA TYR E 237 51.88 -19.29 0.72
C TYR E 237 50.74 -19.03 1.70
N ALA E 238 50.66 -19.85 2.75
CA ALA E 238 49.64 -19.74 3.80
C ALA E 238 48.21 -19.66 3.27
N PHE E 239 47.76 -20.76 2.67
CA PHE E 239 46.34 -20.95 2.35
C PHE E 239 45.55 -20.99 3.65
N GLU E 240 46.26 -21.31 4.74
CA GLU E 240 45.73 -21.25 6.10
C GLU E 240 45.07 -19.91 6.40
N ALA E 241 45.71 -18.82 5.96
CA ALA E 241 45.19 -17.46 6.17
C ALA E 241 44.40 -16.93 4.96
N ILE E 242 44.70 -17.44 3.77
CA ILE E 242 44.09 -16.93 2.55
C ILE E 242 42.83 -17.70 2.11
N VAL E 243 42.95 -19.02 1.96
CA VAL E 243 41.87 -19.81 1.37
C VAL E 243 41.06 -20.62 2.38
N TYR E 244 41.73 -21.55 3.06
CA TYR E 244 41.07 -22.58 3.88
C TYR E 244 40.09 -22.05 4.92
N GLY E 245 40.35 -20.85 5.43
CA GLY E 245 39.49 -20.24 6.43
C GLY E 245 39.81 -20.70 7.84
N ASP E 246 40.19 -19.76 8.69
CA ASP E 246 40.44 -20.02 10.09
C ASP E 246 39.15 -19.81 10.88
N PHE E 247 38.83 -20.76 11.75
CA PHE E 247 37.57 -20.75 12.49
C PHE E 247 37.74 -20.77 14.00
N SER E 248 39.00 -20.84 14.45
CA SER E 248 39.33 -20.98 15.87
C SER E 248 39.04 -19.71 16.69
N HIS E 249 38.96 -18.57 16.01
CA HIS E 249 38.71 -17.28 16.68
C HIS E 249 37.25 -16.86 16.56
N GLY E 250 36.83 -15.95 17.45
CA GLY E 250 35.49 -15.35 17.39
C GLY E 250 35.29 -14.56 16.11
N GLN E 251 36.33 -13.84 15.71
CA GLN E 251 36.39 -13.20 14.40
C GLN E 251 36.91 -14.18 13.35
N LEU E 252 36.07 -14.45 12.35
CA LEU E 252 36.34 -15.48 11.34
C LEU E 252 37.56 -15.14 10.47
N GLY E 253 38.49 -16.09 10.39
CA GLY E 253 39.72 -15.89 9.63
C GLY E 253 39.66 -16.50 8.25
N GLY E 254 40.49 -15.96 7.35
CA GLY E 254 40.61 -16.47 5.98
C GLY E 254 39.31 -16.56 5.22
N LEU E 255 39.14 -17.68 4.52
CA LEU E 255 37.91 -18.00 3.78
C LEU E 255 37.64 -16.98 2.66
N HIS E 256 38.62 -16.82 1.77
CA HIS E 256 38.53 -15.82 0.71
C HIS E 256 38.11 -16.43 -0.65
N LEU E 257 38.01 -17.75 -0.71
CA LEU E 257 37.53 -18.43 -1.92
C LEU E 257 36.25 -19.24 -1.68
N MET E 258 35.45 -19.39 -2.72
CA MET E 258 34.17 -20.10 -2.64
C MET E 258 34.35 -21.59 -2.37
N ILE E 259 35.34 -22.19 -3.02
CA ILE E 259 35.67 -23.60 -2.79
C ILE E 259 36.15 -23.84 -1.36
N GLY E 260 36.88 -22.85 -0.83
CA GLY E 260 37.28 -22.85 0.58
C GLY E 260 36.07 -22.93 1.49
N LEU E 261 35.05 -22.13 1.17
CA LEU E 261 33.76 -22.17 1.86
C LEU E 261 33.11 -23.55 1.75
N ALA E 262 33.15 -24.11 0.55
CA ALA E 262 32.55 -25.41 0.25
C ALA E 262 33.14 -26.54 1.09
N LYS E 263 34.43 -26.43 1.42
CA LYS E 263 35.11 -27.40 2.27
C LYS E 263 34.45 -27.48 3.65
N ARG E 264 34.42 -26.34 4.35
CA ARG E 264 33.87 -26.29 5.69
C ARG E 264 32.40 -26.71 5.69
N SER E 265 31.73 -26.48 4.58
CA SER E 265 30.31 -26.81 4.41
C SER E 265 30.01 -28.31 4.44
N GLN E 266 31.03 -29.14 4.27
CA GLN E 266 30.88 -30.59 4.35
C GLN E 266 30.71 -31.06 5.80
N ASP E 267 31.26 -30.31 6.73
CA ASP E 267 31.24 -30.67 8.15
C ASP E 267 30.14 -29.93 8.92
N SER E 268 30.06 -28.62 8.71
CA SER E 268 29.09 -27.78 9.41
C SER E 268 28.53 -26.68 8.50
N PRO E 269 27.27 -26.26 8.72
CA PRO E 269 26.67 -25.18 7.94
C PRO E 269 27.33 -23.82 8.17
N LEU E 270 27.29 -22.98 7.14
CA LEU E 270 27.72 -21.59 7.23
C LEU E 270 26.56 -20.68 6.85
N LYS E 271 26.23 -19.72 7.70
CA LYS E 271 25.20 -18.75 7.35
C LYS E 271 25.83 -17.61 6.55
N LEU E 272 25.20 -17.27 5.44
CA LEU E 272 25.66 -16.17 4.59
C LEU E 272 24.58 -15.12 4.46
N GLU E 273 24.90 -13.89 4.89
CA GLU E 273 24.04 -12.75 4.67
C GLU E 273 24.56 -12.00 3.45
N ASP E 274 23.88 -12.18 2.32
CA ASP E 274 24.13 -11.36 1.15
C ASP E 274 23.41 -10.04 1.37
N PHE E 275 24.07 -9.14 2.10
CA PHE E 275 23.44 -7.88 2.52
C PHE E 275 23.34 -6.85 1.40
N ILE E 276 24.07 -7.09 0.30
CA ILE E 276 23.96 -6.26 -0.90
C ILE E 276 23.61 -7.15 -2.11
N PRO E 277 22.38 -7.71 -2.13
CA PRO E 277 22.04 -8.84 -3.01
C PRO E 277 21.83 -8.54 -4.50
N MET E 278 22.92 -8.25 -5.21
CA MET E 278 22.94 -8.42 -6.65
C MET E 278 24.27 -9.09 -7.05
N ASP E 279 24.27 -9.75 -8.20
CA ASP E 279 25.41 -10.57 -8.62
C ASP E 279 26.62 -9.74 -9.08
N SER E 280 27.81 -10.16 -8.66
CA SER E 280 29.08 -9.55 -9.10
C SER E 280 30.27 -10.49 -8.95
N THR E 281 31.40 -10.12 -9.56
CA THR E 281 32.64 -10.89 -9.55
C THR E 281 33.16 -11.15 -8.13
N VAL E 282 33.21 -10.09 -7.32
CA VAL E 282 33.60 -10.19 -5.92
C VAL E 282 32.37 -9.96 -5.06
N LYS E 283 32.00 -10.97 -4.27
CA LYS E 283 30.84 -10.88 -3.40
C LYS E 283 31.22 -10.81 -1.92
N ASN E 284 30.62 -9.86 -1.21
CA ASN E 284 30.81 -9.72 0.23
C ASN E 284 29.66 -10.34 1.02
N TYR E 285 30.01 -11.04 2.10
CA TYR E 285 29.02 -11.66 2.97
C TYR E 285 29.33 -11.40 4.44
N PHE E 286 28.27 -11.29 5.24
CA PHE E 286 28.38 -11.38 6.69
C PHE E 286 28.27 -12.87 7.00
N ILE E 287 29.41 -13.52 7.19
CA ILE E 287 29.45 -14.97 7.40
C ILE E 287 29.43 -15.36 8.87
N THR E 288 28.63 -16.35 9.21
CA THR E 288 28.59 -16.93 10.54
C THR E 288 28.75 -18.44 10.47
N ASP E 289 29.80 -18.95 11.12
CA ASP E 289 30.05 -20.38 11.20
C ASP E 289 29.20 -21.00 12.31
N ALA E 290 28.35 -21.94 11.94
CA ALA E 290 27.38 -22.54 12.87
C ALA E 290 27.99 -23.52 13.88
N GLN E 291 29.20 -23.98 13.62
CA GLN E 291 29.87 -24.94 14.48
C GLN E 291 30.58 -24.27 15.65
N THR E 292 31.53 -23.40 15.33
CA THR E 292 32.31 -22.68 16.33
C THR E 292 31.52 -21.54 16.94
N GLY E 293 30.96 -20.70 16.07
CA GLY E 293 30.31 -19.46 16.49
C GLY E 293 31.11 -18.28 15.99
N SER E 294 32.13 -18.57 15.18
CA SER E 294 32.94 -17.55 14.55
C SER E 294 32.11 -16.75 13.56
N SER E 295 32.40 -15.46 13.45
CA SER E 295 31.66 -14.57 12.58
C SER E 295 32.55 -13.47 12.03
N LYS E 296 32.25 -13.04 10.81
CA LYS E 296 32.88 -11.86 10.23
C LYS E 296 31.93 -11.24 9.22
N CYS E 297 31.71 -9.93 9.36
CA CYS E 297 31.03 -9.15 8.33
C CYS E 297 32.06 -8.69 7.32
N VAL E 298 31.61 -8.52 6.07
CA VAL E 298 32.48 -8.25 4.92
C VAL E 298 33.70 -9.20 4.80
N CYS E 299 33.43 -10.42 4.34
CA CYS E 299 34.48 -11.31 3.84
C CYS E 299 34.28 -11.42 2.34
N SER E 300 35.24 -10.90 1.59
CA SER E 300 35.17 -10.98 0.13
C SER E 300 35.30 -12.42 -0.35
N VAL E 301 34.20 -12.94 -0.87
CA VAL E 301 34.15 -14.29 -1.42
C VAL E 301 34.15 -14.21 -2.95
N ILE E 302 35.05 -14.95 -3.57
CA ILE E 302 35.23 -14.92 -5.02
C ILE E 302 35.47 -16.35 -5.53
N ASP E 303 34.62 -16.79 -6.46
CA ASP E 303 34.66 -18.17 -6.93
C ASP E 303 35.54 -18.36 -8.15
N LEU E 304 36.85 -18.42 -7.90
CA LEU E 304 37.80 -18.81 -8.93
C LEU E 304 38.06 -20.31 -8.83
N LEU E 305 38.34 -20.92 -9.97
CA LEU E 305 38.85 -22.30 -10.01
C LEU E 305 40.22 -22.27 -9.34
N LEU E 306 40.53 -23.29 -8.53
CA LEU E 306 41.79 -23.32 -7.81
C LEU E 306 43.02 -23.31 -8.71
N ASP E 307 42.95 -24.05 -9.82
CA ASP E 307 44.02 -24.04 -10.83
C ASP E 307 44.30 -22.61 -11.28
N ASP E 308 43.24 -21.81 -11.37
CA ASP E 308 43.37 -20.39 -11.70
C ASP E 308 44.03 -19.62 -10.56
N PHE E 309 43.54 -19.81 -9.34
CA PHE E 309 44.06 -19.08 -8.18
C PHE E 309 45.52 -19.40 -7.85
N VAL E 310 45.87 -20.68 -7.95
CA VAL E 310 47.26 -21.11 -7.76
C VAL E 310 48.16 -20.40 -8.77
N GLU E 311 47.70 -20.32 -10.01
CA GLU E 311 48.40 -19.61 -11.07
C GLU E 311 48.61 -18.12 -10.74
N ILE E 312 47.57 -17.47 -10.22
CA ILE E 312 47.65 -16.05 -9.84
C ILE E 312 48.71 -15.81 -8.77
N ILE E 313 48.68 -16.63 -7.73
CA ILE E 313 49.54 -16.44 -6.57
C ILE E 313 50.99 -16.87 -6.82
N LYS E 314 51.17 -17.96 -7.57
CA LYS E 314 52.50 -18.47 -7.88
C LYS E 314 53.25 -17.61 -8.91
N SER E 315 52.50 -16.86 -9.72
CA SER E 315 53.11 -15.93 -10.66
C SER E 315 53.30 -14.55 -10.03
N GLN E 316 53.58 -14.53 -8.74
CA GLN E 316 53.71 -13.29 -7.99
C GLN E 316 55.07 -13.17 -7.29
N ASP E 317 55.72 -12.04 -7.50
CA ASP E 317 56.96 -11.70 -6.78
C ASP E 317 56.65 -11.34 -5.32
N LEU E 318 57.22 -12.11 -4.39
CA LEU E 318 56.89 -11.98 -2.97
C LEU E 318 58.02 -11.33 -2.16
N SER E 319 58.60 -10.27 -2.71
CA SER E 319 59.72 -9.58 -2.09
C SER E 319 59.24 -8.48 -1.13
N VAL E 320 58.58 -7.47 -1.68
CA VAL E 320 58.08 -6.32 -0.91
C VAL E 320 57.00 -6.79 0.08
N ILE E 321 57.09 -6.28 1.30
CA ILE E 321 56.22 -6.69 2.40
C ILE E 321 54.73 -6.64 2.03
N SER E 322 54.25 -5.47 1.60
CA SER E 322 52.86 -5.34 1.15
C SER E 322 52.74 -4.67 -0.23
N LYS E 323 51.84 -5.20 -1.06
CA LYS E 323 51.74 -4.82 -2.48
C LYS E 323 50.30 -4.71 -3.00
N VAL E 324 50.14 -3.97 -4.10
CA VAL E 324 48.86 -3.89 -4.81
C VAL E 324 48.94 -4.68 -6.12
N VAL E 325 48.02 -5.61 -6.30
CA VAL E 325 48.02 -6.47 -7.48
C VAL E 325 46.74 -6.35 -8.30
N LYS E 326 46.89 -6.02 -9.58
CA LYS E 326 45.77 -5.99 -10.52
C LYS E 326 45.63 -7.37 -11.17
N VAL E 327 44.52 -8.04 -10.91
CA VAL E 327 44.17 -9.26 -11.62
C VAL E 327 42.88 -9.00 -12.41
N THR E 328 42.86 -9.45 -13.65
CA THR E 328 41.70 -9.27 -14.51
C THR E 328 40.77 -10.48 -14.43
N ILE E 329 39.66 -10.32 -13.71
CA ILE E 329 38.64 -11.36 -13.56
C ILE E 329 37.29 -10.86 -14.10
N ASP E 330 36.70 -11.63 -15.02
CA ASP E 330 35.46 -11.29 -15.73
C ASP E 330 35.52 -9.93 -16.41
N TYR E 331 36.55 -9.72 -17.22
CA TYR E 331 36.78 -8.47 -17.96
C TYR E 331 36.86 -7.21 -17.09
N ALA E 332 36.96 -7.41 -15.77
CA ALA E 332 37.17 -6.32 -14.83
C ALA E 332 38.55 -6.40 -14.20
N GLU E 333 39.10 -5.25 -13.87
CA GLU E 333 40.39 -5.18 -13.20
C GLU E 333 40.19 -5.10 -11.69
N ILE E 334 40.45 -6.20 -11.00
CA ILE E 334 40.28 -6.28 -9.55
C ILE E 334 41.61 -6.03 -8.86
N SER E 335 41.64 -5.06 -7.94
CA SER E 335 42.85 -4.77 -7.18
C SER E 335 42.96 -5.62 -5.91
N PHE E 336 44.18 -6.07 -5.62
CA PHE E 336 44.47 -6.92 -4.46
C PHE E 336 45.57 -6.36 -3.59
N MET E 337 45.57 -6.75 -2.32
CA MET E 337 46.63 -6.41 -1.39
C MET E 337 47.42 -7.66 -1.02
N LEU E 338 48.70 -7.71 -1.39
CA LEU E 338 49.57 -8.85 -1.09
C LEU E 338 50.57 -8.54 0.02
N TRP E 339 50.56 -9.36 1.08
CA TRP E 339 51.49 -9.20 2.20
C TRP E 339 52.48 -10.36 2.29
N CYS E 340 53.73 -10.04 2.62
CA CYS E 340 54.83 -11.01 2.63
C CYS E 340 55.88 -10.76 3.72
N LYS E 341 56.18 -11.80 4.49
CA LYS E 341 57.23 -11.75 5.52
C LYS E 341 58.42 -12.62 5.14
N ASP E 342 59.52 -11.97 4.74
CA ASP E 342 60.76 -12.63 4.34
C ASP E 342 60.56 -13.76 3.31
N GLY E 343 60.12 -13.38 2.11
CA GLY E 343 60.02 -14.31 0.98
C GLY E 343 58.78 -15.20 0.93
N HIS E 344 58.12 -15.39 2.08
CA HIS E 344 56.89 -16.16 2.16
C HIS E 344 55.66 -15.24 2.20
N VAL E 345 54.48 -15.80 1.93
CA VAL E 345 53.25 -14.99 1.88
C VAL E 345 52.56 -14.87 3.25
N GLU E 346 52.25 -13.64 3.63
CA GLU E 346 51.55 -13.36 4.90
C GLU E 346 50.03 -13.34 4.71
N THR E 347 49.54 -12.46 3.84
CA THR E 347 48.10 -12.35 3.55
C THR E 347 47.83 -11.84 2.12
N PHE E 348 46.66 -12.17 1.57
CA PHE E 348 46.28 -11.78 0.20
C PHE E 348 44.77 -11.60 0.07
N TYR E 349 44.33 -10.36 -0.14
CA TYR E 349 42.90 -10.02 -0.29
C TYR E 349 42.69 -8.78 -1.18
N PRO E 350 41.44 -8.49 -1.58
CA PRO E 350 41.16 -7.32 -2.42
C PRO E 350 40.91 -6.01 -1.65
N LYS E 351 40.79 -4.91 -2.40
CA LYS E 351 40.43 -3.56 -1.91
C LYS E 351 41.37 -2.49 -2.48
N SER F 8 20.79 9.40 11.40
CA SER F 8 20.06 9.62 10.11
C SER F 8 19.93 8.35 9.26
N LEU F 9 18.96 8.36 8.35
CA LEU F 9 18.65 7.21 7.49
C LEU F 9 19.80 6.83 6.56
N GLU F 10 20.25 7.80 5.76
CA GLU F 10 21.29 7.59 4.74
C GLU F 10 22.60 7.05 5.30
N ASN F 11 22.89 7.39 6.55
CA ASN F 11 24.06 6.90 7.25
C ASN F 11 23.91 5.43 7.62
N VAL F 12 22.76 5.09 8.21
CA VAL F 12 22.43 3.71 8.56
C VAL F 12 22.64 2.79 7.36
N ALA F 13 22.15 3.24 6.20
CA ALA F 13 22.33 2.50 4.93
C ALA F 13 23.79 2.39 4.49
N TYR F 14 24.56 3.45 4.67
CA TYR F 14 25.99 3.42 4.34
C TYR F 14 26.70 2.30 5.10
N ASN F 15 26.46 2.26 6.41
CA ASN F 15 26.98 1.20 7.27
C ASN F 15 26.53 -0.18 6.82
N VAL F 16 25.26 -0.30 6.44
CA VAL F 16 24.68 -1.57 6.01
C VAL F 16 25.32 -2.09 4.71
N VAL F 17 25.51 -1.20 3.74
CA VAL F 17 26.08 -1.61 2.45
C VAL F 17 27.59 -1.84 2.50
N ASN F 18 28.26 -1.11 3.39
CA ASN F 18 29.73 -1.15 3.46
C ASN F 18 30.30 -2.00 4.58
N LYS F 19 29.53 -2.18 5.66
CA LYS F 19 30.00 -2.91 6.84
C LYS F 19 29.05 -4.02 7.34
N GLY F 20 28.03 -4.33 6.55
CA GLY F 20 27.10 -5.43 6.85
C GLY F 20 26.01 -5.11 7.85
N HIS F 21 26.30 -4.18 8.76
CA HIS F 21 25.37 -3.72 9.79
C HIS F 21 25.79 -2.33 10.25
N PHE F 22 25.18 -1.82 11.33
CA PHE F 22 25.54 -0.48 11.82
C PHE F 22 26.81 -0.46 12.67
N ASP F 23 27.68 0.51 12.41
CA ASP F 23 29.02 0.56 12.99
C ASP F 23 29.43 1.89 13.62
N GLY F 24 28.74 2.97 13.26
CA GLY F 24 29.12 4.31 13.71
C GLY F 24 30.10 4.98 12.77
N HIS F 25 30.27 4.39 11.59
CA HIS F 25 31.09 4.98 10.53
C HIS F 25 30.39 6.16 9.87
N ALA F 26 31.15 7.20 9.55
CA ALA F 26 30.63 8.34 8.81
C ALA F 26 30.34 7.97 7.36
N GLY F 27 29.58 8.81 6.67
CA GLY F 27 29.22 8.56 5.28
C GLY F 27 27.73 8.38 5.08
N GLU F 28 27.28 8.64 3.86
CA GLU F 28 25.87 8.53 3.51
C GLU F 28 25.71 7.80 2.19
N ALA F 29 24.81 6.82 2.17
CA ALA F 29 24.48 6.12 0.93
C ALA F 29 23.07 6.50 0.47
N PRO F 30 22.89 6.67 -0.86
CA PRO F 30 21.59 7.10 -1.38
C PRO F 30 20.53 6.01 -1.22
N VAL F 31 19.29 6.42 -0.95
CA VAL F 31 18.25 5.46 -0.62
C VAL F 31 16.91 5.79 -1.25
N SER F 32 16.10 4.76 -1.48
CA SER F 32 14.73 4.94 -1.95
C SER F 32 13.80 4.08 -1.09
N ILE F 33 12.84 4.72 -0.42
CA ILE F 33 11.83 3.98 0.31
C ILE F 33 10.59 3.79 -0.55
N ILE F 34 10.19 2.53 -0.70
CA ILE F 34 8.99 2.16 -1.45
C ILE F 34 8.58 0.74 -1.08
N ASN F 35 7.27 0.47 -1.09
CA ASN F 35 6.71 -0.86 -0.84
C ASN F 35 7.18 -1.49 0.45
N ASN F 36 7.23 -0.68 1.51
CA ASN F 36 7.70 -1.10 2.83
C ASN F 36 9.06 -1.78 2.74
N ALA F 37 9.96 -1.18 1.96
CA ALA F 37 11.29 -1.71 1.73
C ALA F 37 12.31 -0.60 1.52
N VAL F 38 13.58 -0.89 1.80
CA VAL F 38 14.67 0.07 1.61
C VAL F 38 15.52 -0.34 0.42
N TYR F 39 15.65 0.56 -0.55
CA TYR F 39 16.45 0.32 -1.74
C TYR F 39 17.64 1.25 -1.78
N THR F 40 18.77 0.74 -2.27
CA THR F 40 19.95 1.58 -2.48
C THR F 40 20.36 1.57 -3.94
N LYS F 41 21.06 2.62 -4.36
CA LYS F 41 21.48 2.75 -5.75
C LYS F 41 22.94 2.35 -5.92
N VAL F 42 23.16 1.35 -6.78
CA VAL F 42 24.49 0.97 -7.20
C VAL F 42 24.45 0.77 -8.70
N ASP F 43 25.41 1.37 -9.41
CA ASP F 43 25.54 1.20 -10.87
C ASP F 43 24.37 1.88 -11.60
N GLY F 44 23.55 2.61 -10.84
CA GLY F 44 22.34 3.23 -11.37
C GLY F 44 21.15 2.30 -11.39
N ILE F 45 21.22 1.20 -10.65
CA ILE F 45 20.09 0.27 -10.51
C ILE F 45 19.77 -0.04 -9.05
N ASP F 46 18.48 -0.16 -8.76
CA ASP F 46 17.99 -0.30 -7.39
C ASP F 46 18.09 -1.73 -6.88
N VAL F 47 18.75 -1.88 -5.73
CA VAL F 47 18.90 -3.19 -5.09
C VAL F 47 18.37 -3.15 -3.65
N GLU F 48 17.40 -4.02 -3.37
CA GLU F 48 16.75 -4.09 -2.06
C GLU F 48 17.72 -4.54 -0.97
N ILE F 49 17.78 -3.78 0.12
CA ILE F 49 18.66 -4.07 1.24
C ILE F 49 17.90 -4.29 2.56
N PHE F 50 16.58 -4.09 2.52
CA PHE F 50 15.73 -4.34 3.69
C PHE F 50 14.26 -4.45 3.30
N GLU F 51 13.64 -5.56 3.69
CA GLU F 51 12.19 -5.74 3.56
C GLU F 51 11.58 -5.69 4.95
N ASN F 52 10.47 -4.97 5.09
CA ASN F 52 9.85 -4.76 6.39
C ASN F 52 8.71 -5.74 6.66
N LYS F 53 8.88 -6.57 7.69
CA LYS F 53 7.85 -7.49 8.15
C LYS F 53 7.41 -7.12 9.57
N THR F 54 8.03 -6.06 10.11
CA THR F 54 7.64 -5.50 11.40
C THR F 54 6.43 -4.60 11.24
N THR F 55 5.82 -4.19 12.34
CA THR F 55 4.69 -3.26 12.31
C THR F 55 5.12 -1.79 12.48
N LEU F 56 6.43 -1.57 12.54
CA LEU F 56 7.00 -0.23 12.70
C LEU F 56 7.18 0.45 11.34
N PRO F 57 7.12 1.79 11.31
CA PRO F 57 7.51 2.52 10.10
C PRO F 57 8.78 1.93 9.48
N VAL F 58 8.74 1.72 8.16
CA VAL F 58 9.83 1.10 7.40
C VAL F 58 11.24 1.57 7.77
N ASN F 59 11.41 2.87 7.99
CA ASN F 59 12.73 3.44 8.27
C ASN F 59 13.17 3.23 9.70
N VAL F 60 12.21 3.15 10.61
CA VAL F 60 12.50 2.81 12.00
C VAL F 60 12.95 1.35 12.06
N ALA F 61 12.19 0.47 11.41
CA ALA F 61 12.51 -0.95 11.33
C ALA F 61 13.90 -1.17 10.73
N PHE F 62 14.27 -0.29 9.80
CA PHE F 62 15.59 -0.33 9.18
C PHE F 62 16.67 0.07 10.19
N GLU F 63 16.47 1.19 10.89
CA GLU F 63 17.45 1.67 11.87
C GLU F 63 17.72 0.62 12.95
N LEU F 64 16.66 -0.01 13.45
CA LEU F 64 16.79 -1.04 14.48
C LEU F 64 17.49 -2.29 13.97
N TRP F 65 17.07 -2.77 12.80
CA TRP F 65 17.68 -3.95 12.19
C TRP F 65 19.18 -3.78 12.01
N ALA F 66 19.59 -2.60 11.51
CA ALA F 66 21.01 -2.29 11.35
C ALA F 66 21.75 -2.38 12.68
N LYS F 67 21.10 -1.93 13.75
CA LYS F 67 21.68 -1.93 15.08
C LYS F 67 21.36 -3.22 15.85
N ARG F 68 21.26 -4.32 15.12
CA ARG F 68 21.21 -5.66 15.71
C ARG F 68 22.38 -5.84 16.64
N ASN F 69 22.18 -6.66 17.68
CA ASN F 69 23.31 -7.15 18.46
C ASN F 69 23.84 -8.40 17.79
N ILE F 70 25.06 -8.32 17.27
CA ILE F 70 25.67 -9.44 16.54
C ILE F 70 26.62 -10.30 17.39
N LYS F 71 26.73 -9.97 18.67
CA LYS F 71 27.36 -10.83 19.65
C LYS F 71 26.41 -11.99 19.93
N PRO F 72 26.92 -13.11 20.49
CA PRO F 72 26.00 -14.15 20.97
C PRO F 72 25.04 -13.58 22.01
N VAL F 73 23.74 -13.81 21.81
CA VAL F 73 22.72 -13.30 22.70
C VAL F 73 21.72 -14.39 23.08
N PRO F 74 21.14 -14.32 24.29
CA PRO F 74 20.14 -15.31 24.72
C PRO F 74 19.05 -15.51 23.68
N GLU F 75 18.61 -16.77 23.53
CA GLU F 75 17.42 -17.05 22.74
C GLU F 75 16.24 -16.34 23.39
N ILE F 76 15.41 -15.72 22.55
CA ILE F 76 14.32 -14.85 23.03
C ILE F 76 13.34 -15.51 23.99
N LYS F 77 13.10 -16.81 23.82
CA LYS F 77 12.20 -17.54 24.74
C LYS F 77 12.63 -17.42 26.21
N ILE F 78 13.94 -17.52 26.45
CA ILE F 78 14.49 -17.33 27.80
C ILE F 78 14.22 -15.91 28.31
N LEU F 79 14.59 -14.92 27.50
CA LEU F 79 14.34 -13.51 27.82
C LEU F 79 12.88 -13.24 28.16
N ASN F 80 11.97 -13.80 27.37
CA ASN F 80 10.53 -13.69 27.61
C ASN F 80 10.11 -14.32 28.94
N ASN F 81 10.66 -15.50 29.21
CA ASN F 81 10.35 -16.26 30.43
C ASN F 81 10.86 -15.57 31.69
N LEU F 82 12.02 -14.94 31.58
CA LEU F 82 12.59 -14.15 32.66
C LEU F 82 11.79 -12.87 32.91
N GLY F 83 11.15 -12.37 31.87
CA GLY F 83 10.29 -11.18 31.98
C GLY F 83 10.93 -9.92 31.43
N VAL F 84 12.03 -10.09 30.71
CA VAL F 84 12.82 -8.98 30.15
C VAL F 84 11.96 -8.09 29.28
N ASP F 85 11.65 -6.90 29.80
CA ASP F 85 10.76 -5.96 29.12
C ASP F 85 11.50 -5.12 28.06
N ILE F 86 12.82 -4.98 28.22
CA ILE F 86 13.63 -4.08 27.38
C ILE F 86 15.13 -4.40 27.51
N ALA F 87 15.95 -3.89 26.59
CA ALA F 87 17.40 -4.13 26.63
C ALA F 87 18.20 -2.82 26.73
N ALA F 88 19.33 -2.89 27.42
CA ALA F 88 20.20 -1.73 27.63
C ALA F 88 21.14 -1.49 26.45
N ASN F 89 20.91 -0.38 25.75
CA ASN F 89 21.78 0.12 24.69
C ASN F 89 22.06 -0.83 23.51
N THR F 90 21.08 -1.69 23.21
CA THR F 90 21.14 -2.56 22.04
C THR F 90 19.74 -3.02 21.62
N VAL F 91 19.66 -3.69 20.48
CA VAL F 91 18.42 -4.30 19.99
C VAL F 91 18.61 -5.80 19.94
N ILE F 92 17.67 -6.54 20.53
CA ILE F 92 17.68 -7.99 20.41
C ILE F 92 16.75 -8.39 19.27
N TRP F 93 17.32 -8.69 18.12
CA TRP F 93 16.53 -9.00 16.93
C TRP F 93 15.92 -10.40 17.00
N ASP F 94 14.61 -10.45 16.83
CA ASP F 94 13.85 -11.70 16.76
C ASP F 94 13.83 -12.16 15.31
N TYR F 95 14.73 -13.08 14.98
CA TYR F 95 14.91 -13.53 13.59
C TYR F 95 13.78 -14.40 13.05
N LYS F 96 13.04 -15.06 13.95
CA LYS F 96 11.91 -15.87 13.52
C LYS F 96 10.77 -14.97 13.03
N ARG F 97 10.48 -13.91 13.80
CA ARG F 97 9.50 -12.91 13.39
C ARG F 97 10.12 -11.85 12.48
N GLU F 98 11.44 -11.95 12.28
CA GLU F 98 12.27 -10.84 11.77
C GLU F 98 11.71 -9.46 12.11
N ALA F 99 11.76 -9.17 13.41
CA ALA F 99 11.30 -7.94 14.01
C ALA F 99 12.10 -7.75 15.29
N PRO F 100 12.07 -6.56 15.92
CA PRO F 100 12.76 -6.46 17.20
C PRO F 100 12.02 -7.25 18.29
N ALA F 101 12.74 -7.68 19.33
CA ALA F 101 12.14 -8.50 20.39
C ALA F 101 11.27 -7.70 21.34
N HIS F 102 11.62 -6.44 21.57
CA HIS F 102 10.91 -5.59 22.53
C HIS F 102 10.41 -4.31 21.88
N VAL F 103 9.32 -3.78 22.42
CA VAL F 103 8.62 -2.62 21.86
C VAL F 103 9.49 -1.36 21.82
N SER F 104 10.03 -0.99 22.98
CA SER F 104 10.81 0.23 23.14
C SER F 104 12.31 -0.06 23.10
N THR F 105 13.12 0.98 23.24
CA THR F 105 14.58 0.83 23.16
C THR F 105 15.29 1.82 24.09
N ILE F 106 16.55 1.55 24.41
CA ILE F 106 17.33 2.44 25.29
C ILE F 106 18.63 2.89 24.62
N GLY F 107 18.74 4.20 24.37
CA GLY F 107 19.92 4.78 23.72
C GLY F 107 20.29 4.10 22.41
N VAL F 108 19.28 3.87 21.57
CA VAL F 108 19.48 3.21 20.27
C VAL F 108 19.00 4.08 19.10
N CYS F 109 17.72 4.43 19.13
CA CYS F 109 17.11 5.29 18.11
C CYS F 109 16.19 6.31 18.75
N THR F 110 16.32 7.56 18.32
CA THR F 110 15.54 8.68 18.88
C THR F 110 14.03 8.43 18.82
N MET F 111 13.60 7.75 17.75
CA MET F 111 12.20 7.42 17.51
C MET F 111 11.58 6.44 18.50
N THR F 112 12.41 5.58 19.08
CA THR F 112 11.93 4.48 19.91
C THR F 112 12.51 4.46 21.33
N ASP F 113 13.43 5.37 21.60
CA ASP F 113 14.00 5.53 22.93
C ASP F 113 12.94 5.97 23.94
N ILE F 114 12.91 5.31 25.10
CA ILE F 114 12.21 5.85 26.26
C ILE F 114 13.22 6.48 27.22
N ALA F 115 14.49 6.18 26.99
CA ALA F 115 15.62 6.72 27.76
C ALA F 115 16.95 6.54 27.02
N LYS F 116 17.89 7.44 27.27
CA LYS F 116 19.24 7.33 26.73
C LYS F 116 20.11 6.37 27.55
N LYS F 117 19.84 6.31 28.85
CA LYS F 117 20.57 5.43 29.76
C LYS F 117 19.60 4.69 30.71
N PRO F 118 19.94 3.43 31.06
CA PRO F 118 19.14 2.59 31.96
C PRO F 118 18.78 3.21 33.31
N THR F 119 19.70 3.97 33.90
CA THR F 119 19.47 4.60 35.22
C THR F 119 18.23 5.49 35.27
N GLU F 120 17.93 6.15 34.15
CA GLU F 120 16.81 7.08 34.05
C GLU F 120 15.49 6.50 34.55
N SER F 121 14.65 7.37 35.12
CA SER F 121 13.41 7.00 35.81
C SER F 121 12.47 6.11 35.00
N ALA F 122 12.40 6.36 33.69
CA ALA F 122 11.49 5.66 32.80
C ALA F 122 11.75 4.16 32.68
N CYS F 123 12.85 3.70 33.24
CA CYS F 123 13.23 2.29 33.19
C CYS F 123 12.91 1.55 34.50
N SER F 124 12.65 2.32 35.55
CA SER F 124 12.45 1.78 36.92
C SER F 124 11.56 0.55 37.02
N SER F 125 10.43 0.58 36.32
CA SER F 125 9.43 -0.49 36.39
C SER F 125 9.55 -1.50 35.25
N LEU F 126 10.62 -1.38 34.46
CA LEU F 126 10.87 -2.30 33.35
C LEU F 126 12.09 -3.15 33.63
N THR F 127 11.96 -4.44 33.34
CA THR F 127 13.07 -5.37 33.47
C THR F 127 14.02 -5.19 32.28
N VAL F 128 15.16 -4.58 32.55
CA VAL F 128 16.16 -4.28 31.52
C VAL F 128 17.15 -5.44 31.41
N LEU F 129 17.69 -5.65 30.21
CA LEU F 129 18.72 -6.66 30.00
C LEU F 129 20.09 -6.01 30.04
N PHE F 130 20.94 -6.49 30.95
CA PHE F 130 22.31 -6.00 31.06
C PHE F 130 23.30 -7.09 30.66
N ASP F 131 24.38 -6.66 29.99
CA ASP F 131 25.40 -7.59 29.53
C ASP F 131 26.72 -7.39 30.28
N GLY F 132 27.34 -8.50 30.67
CA GLY F 132 28.61 -8.46 31.39
C GLY F 132 29.81 -8.16 30.51
N ARG F 133 29.65 -8.36 29.20
CA ARG F 133 30.73 -8.14 28.23
C ARG F 133 31.05 -6.67 27.99
N VAL F 134 30.04 -5.81 28.09
CA VAL F 134 30.20 -4.37 27.85
C VAL F 134 30.63 -3.64 29.12
N GLU F 135 31.67 -2.82 28.96
CA GLU F 135 32.26 -2.04 30.05
C GLU F 135 31.20 -1.19 30.76
N GLY F 136 31.09 -1.39 32.07
CA GLY F 136 30.26 -0.53 32.92
C GLY F 136 28.80 -0.92 33.10
N GLN F 137 28.32 -1.88 32.30
CA GLN F 137 26.93 -2.34 32.39
C GLN F 137 26.67 -3.23 33.60
N VAL F 138 27.68 -3.98 34.02
CA VAL F 138 27.60 -4.84 35.19
C VAL F 138 27.17 -4.02 36.42
N ASP F 139 27.78 -2.84 36.58
CA ASP F 139 27.53 -1.99 37.73
C ASP F 139 26.20 -1.26 37.63
N LEU F 140 25.76 -0.97 36.41
CA LEU F 140 24.44 -0.41 36.15
C LEU F 140 23.35 -1.38 36.61
N PHE F 141 23.59 -2.67 36.40
CA PHE F 141 22.69 -3.72 36.84
C PHE F 141 22.58 -3.78 38.38
N ARG F 142 23.69 -3.52 39.06
CA ARG F 142 23.72 -3.54 40.53
C ARG F 142 22.78 -2.48 41.14
N ASN F 143 22.55 -1.39 40.41
CA ASN F 143 21.73 -0.27 40.90
C ASN F 143 20.32 -0.21 40.29
N ALA F 144 20.09 -0.99 39.24
CA ALA F 144 18.78 -1.05 38.59
C ALA F 144 17.74 -1.65 39.53
N ARG F 145 16.52 -1.13 39.49
CA ARG F 145 15.42 -1.68 40.28
C ARG F 145 15.05 -3.07 39.78
N ASN F 146 14.51 -3.11 38.56
CA ASN F 146 14.18 -4.36 37.88
C ASN F 146 15.16 -4.60 36.74
N GLY F 147 15.60 -5.84 36.58
CA GLY F 147 16.55 -6.17 35.51
C GLY F 147 17.08 -7.59 35.52
N VAL F 148 17.67 -7.98 34.39
CA VAL F 148 18.32 -9.28 34.24
C VAL F 148 19.74 -9.07 33.70
N LEU F 149 20.71 -9.75 34.30
CA LEU F 149 22.10 -9.69 33.86
C LEU F 149 22.60 -11.02 33.31
N ILE F 150 23.34 -10.94 32.20
CA ILE F 150 24.09 -12.08 31.69
C ILE F 150 25.58 -11.80 31.77
N THR F 151 26.33 -12.76 32.29
CA THR F 151 27.79 -12.65 32.36
C THR F 151 28.49 -13.83 31.70
N GLU F 152 29.73 -13.58 31.26
CA GLU F 152 30.53 -14.59 30.60
C GLU F 152 31.32 -15.40 31.62
N GLY F 153 31.78 -14.73 32.68
CA GLY F 153 32.43 -15.37 33.81
C GLY F 153 31.63 -15.17 35.09
N SER F 154 32.35 -15.09 36.21
CA SER F 154 31.73 -14.90 37.52
C SER F 154 31.46 -13.42 37.80
N VAL F 155 30.80 -13.15 38.92
CA VAL F 155 30.62 -11.78 39.44
C VAL F 155 30.78 -11.78 40.95
N LYS F 156 31.58 -10.84 41.45
CA LYS F 156 31.89 -10.73 42.89
C LYS F 156 30.65 -10.49 43.76
N GLY F 157 30.38 -11.44 44.64
CA GLY F 157 29.31 -11.31 45.64
C GLY F 157 27.94 -11.80 45.23
N LEU F 158 27.85 -12.54 44.12
CA LEU F 158 26.57 -13.06 43.63
C LEU F 158 26.65 -14.51 43.16
N THR F 159 25.61 -15.27 43.44
CA THR F 159 25.52 -16.68 43.07
C THR F 159 24.96 -16.82 41.65
N PRO F 160 25.76 -17.38 40.72
CA PRO F 160 25.35 -17.53 39.33
C PRO F 160 24.36 -18.67 39.12
N SER F 161 23.41 -18.46 38.22
CA SER F 161 22.49 -19.50 37.77
C SER F 161 22.92 -19.96 36.38
N LYS F 162 23.31 -21.23 36.28
CA LYS F 162 23.87 -21.78 35.05
C LYS F 162 22.87 -21.73 33.90
N GLY F 163 23.17 -20.88 32.92
CA GLY F 163 22.31 -20.71 31.74
C GLY F 163 22.48 -21.82 30.73
N PRO F 164 21.69 -21.79 29.63
CA PRO F 164 21.71 -22.86 28.63
C PRO F 164 22.97 -22.82 27.78
N ALA F 165 23.31 -23.97 27.18
CA ALA F 165 24.50 -24.09 26.34
C ALA F 165 24.38 -23.34 25.02
N GLN F 166 23.14 -23.15 24.54
CA GLN F 166 22.89 -22.52 23.25
C GLN F 166 22.56 -21.04 23.38
N ALA F 167 23.15 -20.24 22.49
CA ALA F 167 22.79 -18.83 22.36
C ALA F 167 22.69 -18.46 20.88
N SER F 168 21.90 -17.44 20.60
CA SER F 168 21.68 -16.98 19.23
C SER F 168 22.83 -16.08 18.77
N VAL F 169 23.44 -16.46 17.66
CA VAL F 169 24.47 -15.65 17.00
C VAL F 169 24.00 -15.37 15.58
N ASN F 170 23.52 -14.15 15.37
CA ASN F 170 22.91 -13.74 14.10
C ASN F 170 21.78 -14.65 13.64
N GLY F 171 20.89 -14.99 14.59
CA GLY F 171 19.76 -15.85 14.29
C GLY F 171 20.10 -17.31 14.06
N VAL F 172 21.37 -17.65 14.27
CA VAL F 172 21.79 -19.05 14.32
C VAL F 172 21.98 -19.39 15.79
N THR F 173 21.27 -20.41 16.27
CA THR F 173 21.40 -20.82 17.66
C THR F 173 22.31 -22.04 17.73
N LEU F 174 23.26 -22.01 18.67
CA LEU F 174 24.33 -22.99 18.74
C LEU F 174 25.07 -23.00 20.08
N ILE F 175 25.73 -24.13 20.36
CA ILE F 175 26.67 -24.23 21.49
C ILE F 175 28.03 -23.70 21.02
N GLY F 176 28.51 -22.68 21.71
CA GLY F 176 29.69 -21.92 21.27
C GLY F 176 31.03 -22.57 21.57
N GLU F 177 31.79 -22.80 20.50
CA GLU F 177 33.13 -23.38 20.63
C GLU F 177 34.24 -22.33 20.57
N SER F 178 34.12 -21.36 19.66
CA SER F 178 35.13 -20.30 19.51
C SER F 178 34.77 -19.00 20.25
N VAL F 179 33.60 -19.00 20.90
CA VAL F 179 33.14 -17.88 21.73
C VAL F 179 32.05 -18.40 22.68
N LYS F 180 31.85 -17.70 23.80
CA LYS F 180 30.96 -18.21 24.86
C LYS F 180 29.47 -17.96 24.61
N THR F 181 28.71 -19.06 24.57
CA THR F 181 27.25 -19.00 24.39
C THR F 181 26.48 -19.29 25.69
N GLN F 182 27.13 -19.99 26.61
CA GLN F 182 26.52 -20.32 27.91
C GLN F 182 26.73 -19.18 28.90
N PHE F 183 25.62 -18.60 29.36
CA PHE F 183 25.65 -17.41 30.22
C PHE F 183 25.35 -17.70 31.69
N ASN F 184 25.82 -16.82 32.56
CA ASN F 184 25.37 -16.78 33.95
C ASN F 184 24.22 -15.80 34.08
N TYR F 185 23.14 -16.23 34.72
CA TYR F 185 21.96 -15.38 34.87
C TYR F 185 21.74 -14.89 36.30
N PHE F 186 21.48 -13.59 36.41
CA PHE F 186 21.11 -12.96 37.67
C PHE F 186 19.85 -12.13 37.46
N LYS F 187 18.90 -12.24 38.39
CA LYS F 187 17.67 -11.47 38.30
C LYS F 187 17.45 -10.60 39.53
N LYS F 188 16.90 -9.41 39.30
CA LYS F 188 16.70 -8.41 40.33
C LYS F 188 15.27 -7.87 40.19
N VAL F 189 14.44 -8.11 41.19
CA VAL F 189 13.05 -7.63 41.16
C VAL F 189 12.75 -6.70 42.33
N ASP F 190 12.27 -5.50 41.99
CA ASP F 190 12.02 -4.42 42.95
C ASP F 190 13.13 -4.27 43.99
N GLY F 191 14.36 -4.06 43.50
CA GLY F 191 15.54 -3.85 44.33
C GLY F 191 16.19 -5.12 44.86
N ILE F 192 15.39 -6.15 45.05
CA ILE F 192 15.82 -7.38 45.70
C ILE F 192 16.34 -8.41 44.69
N ILE F 193 17.54 -8.93 44.94
CA ILE F 193 18.10 -10.01 44.13
C ILE F 193 17.15 -11.20 44.21
N GLN F 194 16.80 -11.75 43.06
CA GLN F 194 16.02 -12.98 43.00
C GLN F 194 16.94 -14.18 42.87
N GLN F 195 16.47 -15.31 43.36
CA GLN F 195 17.18 -16.57 43.22
C GLN F 195 16.44 -17.41 42.18
N LEU F 196 17.07 -17.59 41.03
CA LEU F 196 16.47 -18.32 39.92
C LEU F 196 16.38 -19.81 40.22
N PRO F 197 15.18 -20.40 40.07
CA PRO F 197 14.95 -21.81 40.40
C PRO F 197 15.74 -22.76 39.50
N GLU F 198 15.84 -24.02 39.94
CA GLU F 198 16.46 -25.07 39.15
C GLU F 198 15.67 -25.26 37.87
N THR F 199 16.37 -25.33 36.74
CA THR F 199 15.70 -25.36 35.44
C THR F 199 16.27 -26.39 34.48
N TYR F 200 15.37 -26.97 33.69
CA TYR F 200 15.76 -27.68 32.47
C TYR F 200 15.78 -26.66 31.34
N PHE F 201 16.51 -26.95 30.28
CA PHE F 201 16.56 -26.06 29.12
C PHE F 201 16.12 -26.78 27.84
N THR F 202 15.34 -26.08 27.04
CA THR F 202 14.92 -26.60 25.74
C THR F 202 16.16 -26.76 24.85
N GLN F 203 16.14 -27.81 24.03
CA GLN F 203 17.29 -28.14 23.20
C GLN F 203 17.37 -27.30 21.91
N SER F 204 16.24 -26.69 21.55
CA SER F 204 16.14 -25.73 20.42
C SER F 204 16.63 -26.30 19.09
N ARG F 205 15.88 -27.24 18.53
CA ARG F 205 16.25 -27.90 17.29
C ARG F 205 15.10 -27.93 16.29
N ASP F 206 15.46 -27.91 15.01
CA ASP F 206 14.50 -27.92 13.91
C ASP F 206 14.18 -29.37 13.53
N LEU F 207 12.96 -29.60 13.07
CA LEU F 207 12.53 -30.93 12.65
C LEU F 207 13.35 -31.47 11.48
N GLU F 208 13.73 -30.60 10.55
CA GLU F 208 14.48 -31.02 9.36
C GLU F 208 15.93 -31.44 9.64
N ASP F 209 16.58 -30.73 10.56
CA ASP F 209 18.00 -30.94 10.86
C ASP F 209 18.24 -31.55 12.24
N PHE F 210 17.29 -32.36 12.72
CA PHE F 210 17.34 -32.93 14.07
C PHE F 210 18.47 -33.94 14.24
N LYS F 211 19.50 -33.56 14.99
CA LYS F 211 20.62 -34.45 15.32
C LYS F 211 20.60 -34.79 16.80
N PRO F 212 20.48 -36.09 17.14
CA PRO F 212 20.46 -36.57 18.53
C PRO F 212 21.70 -36.17 19.32
N ARG F 213 21.55 -35.98 20.64
CA ARG F 213 22.61 -35.41 21.47
C ARG F 213 22.93 -36.21 22.75
N SER F 214 22.43 -37.44 22.82
CA SER F 214 22.81 -38.40 23.86
C SER F 214 22.67 -39.81 23.31
N GLN F 215 23.15 -40.80 24.06
CA GLN F 215 23.08 -42.20 23.65
C GLN F 215 21.63 -42.69 23.54
N MET F 216 20.85 -42.42 24.58
CA MET F 216 19.42 -42.76 24.63
C MET F 216 18.67 -42.16 23.45
N GLU F 217 19.07 -40.96 23.07
CA GLU F 217 18.49 -40.25 21.93
C GLU F 217 18.79 -40.96 20.61
N THR F 218 20.05 -41.36 20.44
CA THR F 218 20.50 -42.08 19.25
C THR F 218 19.77 -43.44 19.10
N ASP F 219 19.26 -43.95 20.22
CA ASP F 219 18.54 -45.22 20.27
C ASP F 219 17.08 -45.08 19.83
N PHE F 220 16.36 -44.15 20.46
CA PHE F 220 14.96 -43.86 20.14
C PHE F 220 14.74 -43.76 18.64
N LEU F 221 15.70 -43.13 17.97
CA LEU F 221 15.69 -42.96 16.51
C LEU F 221 15.91 -44.28 15.78
N GLU F 222 17.00 -44.97 16.11
CA GLU F 222 17.44 -46.15 15.35
C GLU F 222 16.65 -47.44 15.65
N LEU F 223 16.18 -47.58 16.88
CA LEU F 223 15.45 -48.78 17.30
C LEU F 223 13.98 -48.76 16.87
N ALA F 224 13.32 -49.90 17.07
CA ALA F 224 11.86 -49.96 17.01
C ALA F 224 11.32 -49.55 18.39
N MET F 225 10.00 -49.56 18.54
CA MET F 225 9.37 -49.05 19.77
C MET F 225 9.55 -49.98 20.98
N ASP F 226 8.98 -51.18 20.89
CA ASP F 226 8.95 -52.12 22.02
C ASP F 226 10.33 -52.46 22.58
N GLU F 227 11.35 -52.36 21.74
CA GLU F 227 12.72 -52.63 22.15
C GLU F 227 13.34 -51.48 22.94
N PHE F 228 12.99 -50.24 22.58
CA PHE F 228 13.48 -49.06 23.29
C PHE F 228 12.90 -48.96 24.70
N ILE F 229 11.58 -49.15 24.80
CA ILE F 229 10.86 -49.03 26.07
C ILE F 229 11.37 -50.03 27.12
N GLN F 230 11.72 -51.23 26.67
CA GLN F 230 12.33 -52.25 27.52
C GLN F 230 13.77 -51.88 27.92
N ARG F 231 14.60 -51.56 26.93
CA ARG F 231 16.04 -51.34 27.16
C ARG F 231 16.33 -50.25 28.20
N TYR F 232 15.56 -49.16 28.16
CA TYR F 232 15.71 -48.09 29.14
C TYR F 232 14.69 -48.19 30.27
N LYS F 233 14.01 -49.34 30.33
CA LYS F 233 13.05 -49.68 31.38
C LYS F 233 11.97 -48.62 31.57
N LEU F 234 10.94 -48.70 30.73
CA LEU F 234 9.89 -47.68 30.71
C LEU F 234 8.47 -48.26 30.67
N GLU F 235 8.36 -49.57 30.58
CA GLU F 235 7.05 -50.23 30.57
C GLU F 235 6.21 -49.76 31.76
N GLY F 236 5.00 -49.28 31.48
CA GLY F 236 4.14 -48.69 32.49
C GLY F 236 4.22 -47.17 32.51
N TYR F 237 5.08 -46.61 31.67
CA TYR F 237 5.24 -45.16 31.56
C TYR F 237 4.56 -44.58 30.31
N ALA F 238 4.00 -45.46 29.49
CA ALA F 238 3.17 -45.10 28.33
C ALA F 238 3.80 -44.12 27.33
N PHE F 239 4.94 -44.51 26.77
CA PHE F 239 5.57 -43.76 25.68
C PHE F 239 4.86 -44.05 24.36
N GLU F 240 4.13 -45.17 24.32
CA GLU F 240 3.29 -45.55 23.19
C GLU F 240 2.28 -44.45 22.86
N ALA F 241 1.76 -43.79 23.90
CA ALA F 241 0.84 -42.68 23.74
C ALA F 241 1.56 -41.32 23.73
N ILE F 242 2.41 -41.07 24.72
CA ILE F 242 2.99 -39.74 24.96
C ILE F 242 3.98 -39.21 23.91
N VAL F 243 5.10 -39.92 23.73
CA VAL F 243 6.18 -39.42 22.90
C VAL F 243 6.06 -39.84 21.43
N TYR F 244 5.73 -41.10 21.21
CA TYR F 244 5.72 -41.70 19.87
C TYR F 244 4.65 -41.13 18.94
N GLY F 245 3.48 -40.84 19.50
CA GLY F 245 2.40 -40.32 18.71
C GLY F 245 1.62 -41.42 18.01
N ASP F 246 0.39 -41.61 18.46
CA ASP F 246 -0.56 -42.49 17.80
C ASP F 246 -1.03 -41.80 16.53
N PHE F 247 -1.06 -42.56 15.42
CA PHE F 247 -1.49 -42.04 14.12
C PHE F 247 -2.68 -42.80 13.54
N SER F 248 -3.25 -43.70 14.33
CA SER F 248 -4.24 -44.66 13.81
C SER F 248 -5.69 -44.14 13.76
N HIS F 249 -5.98 -43.09 14.53
CA HIS F 249 -7.34 -42.53 14.56
C HIS F 249 -7.43 -41.19 13.83
N GLY F 250 -8.64 -40.79 13.51
CA GLY F 250 -8.92 -39.50 12.87
C GLY F 250 -8.20 -38.34 13.51
N GLN F 251 -8.12 -38.36 14.84
CA GLN F 251 -7.30 -37.39 15.57
C GLN F 251 -5.95 -37.99 16.00
N LEU F 252 -4.91 -37.19 15.82
CA LEU F 252 -3.55 -37.52 16.23
C LEU F 252 -3.42 -37.48 17.74
N GLY F 253 -2.72 -38.46 18.30
CA GLY F 253 -2.48 -38.54 19.74
C GLY F 253 -1.01 -38.48 20.08
N GLY F 254 -0.70 -37.98 21.28
CA GLY F 254 0.67 -37.93 21.77
C GLY F 254 1.59 -37.01 21.01
N LEU F 255 2.73 -37.54 20.54
CA LEU F 255 3.72 -36.76 19.79
C LEU F 255 4.14 -35.47 20.48
N HIS F 256 4.20 -35.48 21.80
CA HIS F 256 4.38 -34.24 22.56
C HIS F 256 5.83 -33.82 22.80
N LEU F 257 6.78 -34.61 22.29
CA LEU F 257 8.19 -34.24 22.26
C LEU F 257 8.64 -34.07 20.81
N MET F 258 9.56 -33.12 20.59
CA MET F 258 10.09 -32.85 19.25
C MET F 258 10.73 -34.09 18.62
N ILE F 259 11.46 -34.86 19.43
CA ILE F 259 12.11 -36.08 18.98
C ILE F 259 11.12 -37.14 18.47
N GLY F 260 9.90 -37.12 19.01
CA GLY F 260 8.82 -38.00 18.55
C GLY F 260 8.49 -37.73 17.09
N LEU F 261 8.37 -36.46 16.75
CA LEU F 261 8.13 -36.03 15.37
C LEU F 261 9.31 -36.38 14.47
N ALA F 262 10.53 -36.17 14.99
CA ALA F 262 11.76 -36.49 14.26
C ALA F 262 11.83 -37.97 13.90
N LYS F 263 11.36 -38.82 14.81
CA LYS F 263 11.33 -40.27 14.59
C LYS F 263 10.33 -40.61 13.50
N ARG F 264 9.16 -39.98 13.54
CA ARG F 264 8.14 -40.24 12.54
C ARG F 264 8.56 -39.71 11.17
N SER F 265 9.29 -38.61 11.18
CA SER F 265 9.79 -37.97 9.94
C SER F 265 10.59 -38.90 9.06
N GLN F 266 11.46 -39.72 9.68
CA GLN F 266 12.28 -40.70 8.97
C GLN F 266 11.45 -41.60 8.05
N ASP F 267 10.18 -41.77 8.38
CA ASP F 267 9.28 -42.62 7.62
C ASP F 267 8.36 -41.83 6.69
N SER F 268 7.64 -40.86 7.22
CA SER F 268 6.73 -40.02 6.42
C SER F 268 6.60 -38.61 6.99
N PRO F 269 6.57 -37.58 6.10
CA PRO F 269 6.55 -36.17 6.48
C PRO F 269 5.33 -35.73 7.29
N LEU F 270 5.49 -34.62 8.01
CA LEU F 270 4.42 -34.01 8.78
C LEU F 270 4.30 -32.54 8.39
N LYS F 271 3.07 -32.08 8.19
CA LYS F 271 2.83 -30.65 7.98
C LYS F 271 2.60 -29.99 9.34
N LEU F 272 3.57 -29.17 9.74
CA LEU F 272 3.46 -28.42 10.99
C LEU F 272 3.03 -27.00 10.69
N GLU F 273 1.90 -26.60 11.25
CA GLU F 273 1.35 -25.27 11.04
C GLU F 273 1.60 -24.41 12.26
N ASP F 274 2.59 -23.52 12.16
CA ASP F 274 2.92 -22.63 13.27
C ASP F 274 1.99 -21.42 13.25
N PHE F 275 0.77 -21.63 13.75
CA PHE F 275 -0.27 -20.61 13.75
C PHE F 275 0.02 -19.45 14.72
N ILE F 276 1.09 -19.58 15.49
CA ILE F 276 1.55 -18.54 16.41
C ILE F 276 3.07 -18.37 16.25
N PRO F 277 3.50 -17.92 15.06
CA PRO F 277 4.89 -18.03 14.60
C PRO F 277 5.92 -17.17 15.31
N MET F 278 5.82 -17.09 16.63
CA MET F 278 6.89 -16.54 17.48
C MET F 278 7.47 -17.65 18.35
N ASP F 279 8.74 -17.50 18.73
CA ASP F 279 9.45 -18.54 19.49
C ASP F 279 9.04 -18.57 20.97
N SER F 280 8.82 -19.79 21.47
CA SER F 280 8.42 -20.02 22.87
C SER F 280 8.87 -21.40 23.35
N THR F 281 8.72 -21.64 24.66
CA THR F 281 9.14 -22.89 25.30
C THR F 281 8.16 -24.02 24.98
N VAL F 282 6.89 -23.79 25.28
CA VAL F 282 5.83 -24.65 24.75
C VAL F 282 5.55 -24.13 23.35
N LYS F 283 5.54 -25.02 22.37
CA LYS F 283 5.17 -24.64 21.01
C LYS F 283 3.93 -25.40 20.57
N ASN F 284 2.97 -24.68 20.01
CA ASN F 284 1.77 -25.30 19.51
C ASN F 284 1.74 -25.36 17.99
N TYR F 285 1.32 -26.51 17.47
CA TYR F 285 1.21 -26.71 16.02
C TYR F 285 -0.12 -27.34 15.62
N PHE F 286 -0.49 -27.13 14.36
CA PHE F 286 -1.59 -27.82 13.74
C PHE F 286 -0.96 -28.88 12.84
N ILE F 287 -0.94 -30.13 13.31
CA ILE F 287 -0.17 -31.19 12.63
C ILE F 287 -1.02 -32.13 11.78
N THR F 288 -0.63 -32.23 10.51
CA THR F 288 -1.19 -33.21 9.58
C THR F 288 -0.12 -34.24 9.26
N ASP F 289 -0.47 -35.51 9.37
CA ASP F 289 0.43 -36.60 9.02
C ASP F 289 0.16 -37.08 7.59
N ALA F 290 1.17 -36.97 6.73
CA ALA F 290 1.04 -37.27 5.30
C ALA F 290 0.69 -38.73 5.00
N GLN F 291 1.25 -39.64 5.78
CA GLN F 291 1.03 -41.08 5.59
C GLN F 291 -0.43 -41.47 5.79
N THR F 292 -1.00 -41.04 6.91
CA THR F 292 -2.29 -41.55 7.36
C THR F 292 -3.46 -40.59 7.16
N GLY F 293 -3.20 -39.30 7.33
CA GLY F 293 -4.26 -38.30 7.31
C GLY F 293 -4.65 -37.86 8.71
N SER F 294 -4.23 -38.64 9.70
CA SER F 294 -4.40 -38.29 11.11
C SER F 294 -3.93 -36.85 11.33
N SER F 295 -4.77 -36.06 11.98
CA SER F 295 -4.43 -34.65 12.25
C SER F 295 -4.97 -34.16 13.59
N LYS F 296 -4.25 -33.19 14.16
CA LYS F 296 -4.66 -32.54 15.39
C LYS F 296 -4.19 -31.07 15.39
N CYS F 297 -5.14 -30.16 15.54
CA CYS F 297 -4.80 -28.76 15.81
C CYS F 297 -4.57 -28.58 17.30
N VAL F 298 -3.66 -27.68 17.65
CA VAL F 298 -3.17 -27.50 19.02
C VAL F 298 -2.70 -28.81 19.62
N CYS F 299 -1.61 -29.36 19.08
CA CYS F 299 -0.82 -30.33 19.80
C CYS F 299 0.52 -29.69 20.11
N SER F 300 0.79 -29.55 21.41
CA SER F 300 1.98 -28.87 21.89
C SER F 300 3.24 -29.71 21.71
N VAL F 301 4.33 -29.04 21.35
CA VAL F 301 5.61 -29.68 21.07
C VAL F 301 6.73 -28.97 21.79
N ILE F 302 7.33 -29.66 22.75
CA ILE F 302 8.47 -29.15 23.53
C ILE F 302 9.69 -30.05 23.32
N ASP F 303 10.84 -29.42 23.11
CA ASP F 303 12.08 -30.15 22.79
C ASP F 303 13.03 -30.27 23.97
N LEU F 304 12.86 -31.34 24.74
CA LEU F 304 13.76 -31.65 25.85
C LEU F 304 14.75 -32.72 25.43
N LEU F 305 15.85 -32.84 26.16
CA LEU F 305 16.72 -34.00 26.02
C LEU F 305 15.92 -35.17 26.57
N LEU F 306 15.83 -36.25 25.79
CA LEU F 306 15.08 -37.45 26.20
C LEU F 306 15.40 -37.89 27.63
N ASP F 307 16.68 -37.92 27.94
CA ASP F 307 17.19 -38.27 29.27
C ASP F 307 16.56 -37.39 30.35
N ASP F 308 16.35 -36.11 30.02
CA ASP F 308 15.71 -35.17 30.92
C ASP F 308 14.21 -35.44 31.07
N PHE F 309 13.55 -35.85 29.98
CA PHE F 309 12.12 -36.17 30.05
C PHE F 309 11.84 -37.41 30.89
N VAL F 310 12.72 -38.40 30.77
CA VAL F 310 12.65 -39.62 31.58
C VAL F 310 12.79 -39.28 33.06
N GLU F 311 13.74 -38.43 33.39
CA GLU F 311 13.92 -37.93 34.76
C GLU F 311 12.63 -37.29 35.29
N ILE F 312 12.01 -36.42 34.48
CA ILE F 312 10.75 -35.76 34.85
C ILE F 312 9.70 -36.79 35.23
N ILE F 313 9.43 -37.70 34.29
CA ILE F 313 8.31 -38.63 34.41
C ILE F 313 8.52 -39.68 35.51
N LYS F 314 9.76 -40.06 35.78
CA LYS F 314 10.07 -41.06 36.78
C LYS F 314 9.99 -40.52 38.21
N SER F 315 10.35 -39.26 38.37
CA SER F 315 10.28 -38.60 39.68
C SER F 315 8.83 -38.29 40.10
N GLN F 316 7.88 -38.72 39.28
CA GLN F 316 6.46 -38.51 39.55
C GLN F 316 5.80 -39.62 40.34
N ASP F 317 4.92 -39.23 41.26
CA ASP F 317 4.00 -40.15 41.92
C ASP F 317 3.09 -40.80 40.89
N LEU F 318 2.56 -41.97 41.23
CA LEU F 318 1.60 -42.65 40.36
C LEU F 318 0.33 -43.02 41.13
N SER F 319 0.16 -42.36 42.28
CA SER F 319 -0.99 -42.56 43.17
C SER F 319 -2.26 -41.96 42.57
N VAL F 320 -2.23 -40.65 42.32
CA VAL F 320 -3.41 -39.90 41.87
C VAL F 320 -3.77 -40.17 40.41
N ILE F 321 -5.07 -40.27 40.14
CA ILE F 321 -5.61 -40.43 38.79
C ILE F 321 -5.12 -39.28 37.91
N SER F 322 -5.54 -38.07 38.28
CA SER F 322 -5.18 -36.86 37.56
C SER F 322 -4.81 -35.75 38.52
N LYS F 323 -3.66 -35.12 38.26
CA LYS F 323 -3.23 -33.94 39.02
C LYS F 323 -2.35 -33.04 38.16
N VAL F 324 -2.04 -31.85 38.68
CA VAL F 324 -1.23 -30.87 37.96
C VAL F 324 0.24 -30.98 38.39
N VAL F 325 1.11 -31.24 37.42
CA VAL F 325 2.54 -31.40 37.66
C VAL F 325 3.28 -30.17 37.14
N LYS F 326 4.02 -29.51 38.02
CA LYS F 326 4.78 -28.32 37.65
C LYS F 326 6.24 -28.67 37.37
N VAL F 327 6.74 -28.22 36.23
CA VAL F 327 8.15 -28.42 35.86
C VAL F 327 8.73 -27.10 35.35
N THR F 328 9.94 -26.78 35.81
CA THR F 328 10.61 -25.55 35.40
C THR F 328 11.50 -25.79 34.17
N ILE F 329 11.07 -25.26 33.03
CA ILE F 329 11.81 -25.38 31.77
C ILE F 329 12.01 -23.99 31.16
N ASP F 330 13.25 -23.71 30.78
CA ASP F 330 13.67 -22.39 30.25
C ASP F 330 13.29 -21.24 31.19
N TYR F 331 13.51 -21.46 32.49
CA TYR F 331 13.13 -20.54 33.57
C TYR F 331 11.66 -20.13 33.50
N ALA F 332 10.79 -21.08 33.18
CA ALA F 332 9.36 -20.86 33.17
C ALA F 332 8.68 -22.01 33.90
N GLU F 333 7.70 -21.69 34.73
CA GLU F 333 6.91 -22.72 35.39
C GLU F 333 5.80 -23.22 34.46
N ILE F 334 5.99 -24.41 33.90
CA ILE F 334 5.02 -24.99 32.98
C ILE F 334 4.13 -25.99 33.70
N SER F 335 2.85 -25.66 33.80
CA SER F 335 1.85 -26.55 34.40
C SER F 335 1.53 -27.68 33.43
N PHE F 336 1.77 -28.91 33.87
CA PHE F 336 1.51 -30.10 33.08
C PHE F 336 0.29 -30.85 33.59
N MET F 337 -0.27 -31.69 32.72
CA MET F 337 -1.33 -32.60 33.14
C MET F 337 -0.85 -34.05 33.07
N LEU F 338 -0.95 -34.74 34.20
CA LEU F 338 -0.59 -36.15 34.30
C LEU F 338 -1.82 -37.01 34.54
N TRP F 339 -1.92 -38.11 33.80
CA TRP F 339 -3.03 -39.05 33.95
C TRP F 339 -2.53 -40.44 34.30
N CYS F 340 -3.14 -41.04 35.33
CA CYS F 340 -2.72 -42.33 35.86
C CYS F 340 -3.90 -43.25 36.15
N LYS F 341 -3.79 -44.48 35.65
CA LYS F 341 -4.71 -45.55 36.04
C LYS F 341 -3.89 -46.61 36.76
N ASP F 342 -4.53 -47.30 37.71
CA ASP F 342 -3.91 -48.42 38.45
C ASP F 342 -2.39 -48.29 38.70
N GLY F 343 -1.96 -47.11 39.13
CA GLY F 343 -0.56 -46.86 39.48
C GLY F 343 0.43 -46.82 38.32
N HIS F 344 -0.10 -46.80 37.09
CA HIS F 344 0.73 -46.62 35.89
C HIS F 344 0.35 -45.32 35.18
N VAL F 345 0.91 -45.09 33.99
CA VAL F 345 0.68 -43.84 33.26
C VAL F 345 -0.31 -43.98 32.09
N GLU F 346 -1.29 -43.08 32.05
CA GLU F 346 -2.23 -42.98 30.93
C GLU F 346 -1.66 -42.03 29.87
N THR F 347 -1.54 -40.75 30.24
CA THR F 347 -1.03 -39.71 29.35
C THR F 347 -0.37 -38.57 30.13
N PHE F 348 0.46 -37.80 29.43
CA PHE F 348 1.16 -36.66 30.01
C PHE F 348 1.38 -35.60 28.92
N TYR F 349 1.00 -34.36 29.23
CA TYR F 349 0.96 -33.28 28.25
C TYR F 349 0.81 -31.94 28.98
N PRO F 350 1.18 -30.82 28.32
CA PRO F 350 1.10 -29.53 28.99
C PRO F 350 -0.24 -28.81 28.83
N LYS F 351 -0.41 -27.72 29.58
CA LYS F 351 -1.57 -26.80 29.54
C LYS F 351 -1.98 -26.37 30.94
#